data_8P1E
#
_entry.id   8P1E
#
_cell.length_a   77.100
_cell.length_b   121.080
_cell.length_c   241.210
_cell.angle_alpha   90.00
_cell.angle_beta   90.00
_cell.angle_gamma   90.00
#
_symmetry.space_group_name_H-M   'P 21 21 21'
#
loop_
_entity.id
_entity.type
_entity.pdbx_description
1 polymer 'Acetylcholine-binding protein'
2 non-polymer 2-acetamido-2-deoxy-beta-D-glucopyranose
3 non-polymer GLYCEROL
4 non-polymer 'SULFATE ION'
5 non-polymer 1-[4-(trifluoromethyl)pyridin-2-yl]piperazine
6 water water
#
_entity_poly.entity_id   1
_entity_poly.type   'polypeptide(L)'
_entity_poly.pdbx_seq_one_letter_code
;MRRNIFCLACLWIVQACLSLDRADILYNIRQTSRPDVIPTQRDRPVAVSVSLKFINILEVNEITNEVDVVFWQQTTWSDR
TLAWNSSHSPDQVSVPISSLWVPDLAAYNAISKPEVLTPQLARVVSDGEVLYMPSIRQRFSCDVSGVDTESGATCRIKIG
SWTHHSREISVDPTTENSDDSEYFSQYSRFEILDVTQKKNSVTYSCCPEAYEDVEVSLNFRKKGRSEILGSHHHHHH
;
_entity_poly.pdbx_strand_id   A,B,C,D,E,F,G,H,I,J
#
loop_
_chem_comp.id
_chem_comp.type
_chem_comp.name
_chem_comp.formula
GOL non-polymer GLYCEROL 'C3 H8 O3'
NAG D-saccharide, beta linking 2-acetamido-2-deoxy-beta-D-glucopyranose 'C8 H15 N O6'
SO4 non-polymer 'SULFATE ION' 'O4 S -2'
WD2 non-polymer 1-[4-(trifluoromethyl)pyridin-2-yl]piperazine 'C10 H12 F3 N3'
#
# COMPACT_ATOMS: atom_id res chain seq x y z
N LEU A 20 5.10 23.89 -15.62
CA LEU A 20 5.47 22.82 -14.69
C LEU A 20 6.57 23.33 -13.76
N ASP A 21 6.54 22.98 -12.48
CA ASP A 21 7.69 23.21 -11.57
C ASP A 21 8.45 21.89 -11.37
N ARG A 22 9.58 21.96 -10.68
CA ARG A 22 10.48 20.82 -10.40
C ARG A 22 9.66 19.71 -9.72
N ALA A 23 8.83 20.06 -8.75
CA ALA A 23 8.03 19.09 -7.96
C ALA A 23 7.12 18.28 -8.90
N ASP A 24 6.48 18.94 -9.87
CA ASP A 24 5.56 18.27 -10.84
C ASP A 24 6.35 17.32 -11.73
N ILE A 25 7.45 17.80 -12.32
CA ILE A 25 8.34 17.01 -13.23
C ILE A 25 8.85 15.77 -12.49
N LEU A 26 9.32 15.93 -11.27
CA LEU A 26 9.90 14.80 -10.49
C LEU A 26 8.78 13.82 -10.09
N TYR A 27 7.58 14.31 -9.76
CA TYR A 27 6.39 13.46 -9.49
C TYR A 27 6.06 12.62 -10.75
N ASN A 28 5.99 13.29 -11.90
CA ASN A 28 5.65 12.63 -13.20
C ASN A 28 6.70 11.55 -13.51
N ILE A 29 7.98 11.86 -13.36
CA ILE A 29 9.09 10.91 -13.66
C ILE A 29 8.99 9.72 -12.70
N ARG A 30 8.81 9.98 -11.40
CA ARG A 30 8.73 8.89 -10.40
C ARG A 30 7.54 7.97 -10.72
N GLN A 31 6.40 8.53 -11.15
CA GLN A 31 5.15 7.76 -11.36
C GLN A 31 5.21 6.95 -12.65
N THR A 32 5.95 7.40 -13.68
CA THR A 32 5.82 6.85 -15.05
C THR A 32 7.16 6.36 -15.62
N SER A 33 8.32 6.43 -14.95
CA SER A 33 9.62 6.35 -15.71
C SER A 33 9.97 4.94 -16.23
N ARG A 34 9.44 3.87 -15.63
CA ARG A 34 9.68 2.45 -15.98
C ARG A 34 11.18 2.14 -15.94
N PRO A 35 11.82 2.10 -14.75
CA PRO A 35 13.26 1.89 -14.66
C PRO A 35 13.75 0.55 -15.23
N ASP A 36 12.85 -0.42 -15.31
CA ASP A 36 13.17 -1.79 -15.80
C ASP A 36 13.08 -1.84 -17.34
N VAL A 37 12.63 -0.76 -18.01
CA VAL A 37 12.33 -0.81 -19.47
C VAL A 37 13.33 0.00 -20.28
N ILE A 38 14.17 -0.67 -21.07
CA ILE A 38 15.12 -0.03 -22.03
C ILE A 38 14.31 0.84 -22.99
N PRO A 39 14.63 2.14 -23.14
CA PRO A 39 13.80 3.04 -23.97
C PRO A 39 14.17 2.98 -25.47
N THR A 40 14.05 1.81 -26.09
CA THR A 40 14.28 1.61 -27.54
C THR A 40 13.21 2.37 -28.32
N GLN A 41 13.58 3.03 -29.41
CA GLN A 41 12.66 3.68 -30.38
C GLN A 41 12.62 2.80 -31.63
N ARG A 42 11.44 2.26 -31.97
CA ARG A 42 11.14 1.56 -33.25
C ARG A 42 12.21 0.48 -33.50
N ASP A 43 12.49 -0.32 -32.46
CA ASP A 43 13.44 -1.47 -32.46
C ASP A 43 14.82 -1.06 -33.03
N ARG A 44 15.25 0.17 -32.83
CA ARG A 44 16.66 0.61 -33.04
C ARG A 44 17.36 0.58 -31.68
N PRO A 45 18.68 0.32 -31.64
CA PRO A 45 19.39 0.25 -30.35
C PRO A 45 19.33 1.61 -29.64
N VAL A 46 19.37 1.60 -28.30
CA VAL A 46 19.62 2.84 -27.52
C VAL A 46 21.10 3.17 -27.67
N ALA A 47 21.41 4.36 -28.18
CA ALA A 47 22.80 4.85 -28.34
C ALA A 47 23.26 5.40 -26.99
N VAL A 48 24.18 4.69 -26.34
CA VAL A 48 24.81 5.12 -25.07
C VAL A 48 26.22 5.64 -25.37
N SER A 49 26.53 6.87 -24.95
CA SER A 49 27.90 7.44 -24.97
C SER A 49 28.57 7.19 -23.63
N VAL A 50 29.82 6.71 -23.65
CA VAL A 50 30.65 6.48 -22.45
C VAL A 50 32.02 7.12 -22.69
N SER A 51 32.47 7.96 -21.76
CA SER A 51 33.84 8.52 -21.75
C SER A 51 34.37 8.54 -20.32
N LEU A 52 35.54 7.94 -20.08
CA LEU A 52 36.21 7.99 -18.77
C LEU A 52 37.10 9.26 -18.68
N LYS A 53 36.91 10.04 -17.63
CA LYS A 53 37.89 11.04 -17.13
C LYS A 53 38.65 10.45 -15.96
N PHE A 54 39.94 10.24 -16.11
CA PHE A 54 40.78 9.68 -15.01
C PHE A 54 41.08 10.77 -13.99
N ILE A 55 40.86 10.43 -12.73
CA ILE A 55 41.03 11.34 -11.57
C ILE A 55 42.23 10.89 -10.75
N ASN A 56 42.44 9.59 -10.59
CA ASN A 56 43.57 9.09 -9.77
C ASN A 56 43.94 7.67 -10.15
N ILE A 57 45.20 7.32 -9.91
CA ILE A 57 45.75 5.94 -9.92
C ILE A 57 46.39 5.74 -8.55
N LEU A 58 45.92 4.78 -7.77
CA LEU A 58 46.13 4.74 -6.29
C LEU A 58 47.07 3.62 -5.89
N GLU A 59 46.96 2.47 -6.52
CA GLU A 59 47.73 1.27 -6.12
C GLU A 59 47.98 0.52 -7.43
N VAL A 60 49.24 0.33 -7.74
CA VAL A 60 49.68 -0.40 -8.94
C VAL A 60 50.52 -1.56 -8.43
N ASN A 61 50.35 -2.75 -9.01
CA ASN A 61 51.15 -3.94 -8.66
C ASN A 61 51.61 -4.59 -9.97
N GLU A 62 52.88 -4.42 -10.32
CA GLU A 62 53.46 -4.94 -11.59
C GLU A 62 53.58 -6.47 -11.52
N ILE A 63 53.69 -7.04 -10.32
CA ILE A 63 53.78 -8.52 -10.12
C ILE A 63 52.41 -9.15 -10.47
N THR A 64 51.30 -8.64 -9.92
CA THR A 64 49.94 -9.25 -10.05
C THR A 64 49.21 -8.68 -11.28
N ASN A 65 49.73 -7.62 -11.90
CA ASN A 65 49.05 -6.91 -13.01
C ASN A 65 47.66 -6.42 -12.56
N GLU A 66 47.62 -5.69 -11.45
CA GLU A 66 46.36 -5.12 -10.90
C GLU A 66 46.57 -3.62 -10.67
N VAL A 67 45.55 -2.82 -10.99
CA VAL A 67 45.57 -1.35 -10.72
C VAL A 67 44.26 -0.98 -10.01
N ASP A 68 44.36 0.01 -9.12
CA ASP A 68 43.22 0.66 -8.44
C ASP A 68 43.11 2.07 -9.03
N VAL A 69 42.01 2.37 -9.71
CA VAL A 69 41.81 3.64 -10.46
C VAL A 69 40.55 4.37 -9.93
N VAL A 70 40.55 5.69 -10.00
CA VAL A 70 39.37 6.57 -9.77
C VAL A 70 39.10 7.29 -11.09
N PHE A 71 37.89 7.15 -11.62
CA PHE A 71 37.47 7.80 -12.89
C PHE A 71 36.03 8.32 -12.76
N TRP A 72 35.74 9.40 -13.49
CA TRP A 72 34.36 9.86 -13.75
C TRP A 72 33.89 9.15 -15.02
N GLN A 73 32.81 8.38 -14.92
CA GLN A 73 32.24 7.61 -16.06
C GLN A 73 31.10 8.44 -16.65
N GLN A 74 31.44 9.36 -17.55
CA GLN A 74 30.43 10.23 -18.23
C GLN A 74 29.57 9.33 -19.15
N THR A 75 28.28 9.19 -18.82
CA THR A 75 27.30 8.32 -19.52
C THR A 75 26.11 9.17 -19.97
N THR A 76 25.76 9.12 -21.26
CA THR A 76 24.62 9.88 -21.83
C THR A 76 23.81 8.96 -22.75
N TRP A 77 22.49 9.16 -22.75
CA TRP A 77 21.54 8.44 -23.63
C TRP A 77 20.25 9.26 -23.64
N SER A 78 19.34 8.95 -24.54
CA SER A 78 18.00 9.59 -24.65
C SER A 78 16.94 8.62 -24.12
N ASP A 79 16.00 9.12 -23.33
CA ASP A 79 14.78 8.41 -22.89
C ASP A 79 13.62 9.39 -23.07
N ARG A 80 12.93 9.30 -24.22
CA ARG A 80 11.82 10.21 -24.62
C ARG A 80 10.66 10.13 -23.62
N THR A 81 10.48 9.01 -22.90
CA THR A 81 9.38 8.88 -21.91
C THR A 81 9.60 9.86 -20.75
N LEU A 82 10.79 10.46 -20.61
CA LEU A 82 11.09 11.44 -19.51
C LEU A 82 10.78 12.87 -19.95
N ALA A 83 10.60 13.12 -21.25
CA ALA A 83 10.59 14.48 -21.84
C ALA A 83 9.38 15.27 -21.30
N TRP A 84 9.53 16.60 -21.17
CA TRP A 84 8.40 17.51 -20.82
C TRP A 84 8.53 18.79 -21.65
N ASN A 85 7.44 19.54 -21.77
CA ASN A 85 7.42 20.87 -22.44
C ASN A 85 8.12 21.86 -21.50
N SER A 86 9.25 22.43 -21.90
CA SER A 86 10.11 23.31 -21.05
C SER A 86 9.68 24.78 -21.09
N SER A 87 8.58 25.12 -21.77
CA SER A 87 8.00 26.49 -21.75
C SER A 87 7.54 26.81 -20.32
N HIS A 88 8.05 27.90 -19.76
CA HIS A 88 7.88 28.36 -18.34
C HIS A 88 8.05 27.18 -17.39
N SER A 89 9.09 26.37 -17.62
CA SER A 89 9.47 25.20 -16.79
C SER A 89 10.98 25.09 -16.74
N PRO A 90 11.57 24.43 -15.72
CA PRO A 90 12.99 24.12 -15.75
C PRO A 90 13.39 23.37 -17.03
N ASP A 91 14.60 23.61 -17.53
CA ASP A 91 15.20 22.90 -18.69
C ASP A 91 15.74 21.54 -18.23
N GLN A 92 16.11 21.40 -16.94
CA GLN A 92 16.78 20.19 -16.39
C GLN A 92 16.35 19.95 -14.96
N VAL A 93 16.36 18.69 -14.52
CA VAL A 93 16.21 18.31 -13.10
C VAL A 93 17.24 17.23 -12.74
N SER A 94 17.52 17.11 -11.44
CA SER A 94 18.33 16.03 -10.83
C SER A 94 17.37 14.92 -10.36
N VAL A 95 17.62 13.68 -10.77
CA VAL A 95 16.74 12.52 -10.50
C VAL A 95 17.56 11.38 -9.92
N PRO A 96 17.12 10.72 -8.82
CA PRO A 96 17.78 9.50 -8.35
C PRO A 96 17.78 8.45 -9.46
N ILE A 97 18.88 7.74 -9.67
CA ILE A 97 18.96 6.72 -10.77
C ILE A 97 18.00 5.56 -10.46
N SER A 98 17.57 5.36 -9.22
CA SER A 98 16.55 4.34 -8.88
C SER A 98 15.21 4.65 -9.55
N SER A 99 14.96 5.91 -9.98
CA SER A 99 13.73 6.33 -10.67
C SER A 99 13.88 6.34 -12.20
N LEU A 100 14.98 5.83 -12.75
CA LEU A 100 15.31 5.93 -14.19
C LEU A 100 15.78 4.58 -14.69
N TRP A 101 15.51 4.28 -15.96
CA TRP A 101 16.30 3.25 -16.66
C TRP A 101 17.73 3.77 -16.80
N VAL A 102 18.70 2.94 -16.47
CA VAL A 102 20.14 3.21 -16.65
C VAL A 102 20.71 2.02 -17.39
N PRO A 103 21.65 2.22 -18.33
CA PRO A 103 22.29 1.10 -19.01
C PRO A 103 23.04 0.21 -18.00
N ASP A 104 22.98 -1.11 -18.22
CA ASP A 104 23.62 -2.12 -17.35
C ASP A 104 25.10 -2.28 -17.75
N LEU A 105 25.89 -1.20 -17.65
CA LEU A 105 27.32 -1.22 -18.03
C LEU A 105 28.12 -1.97 -16.95
N ALA A 106 29.07 -2.78 -17.40
CA ALA A 106 30.06 -3.48 -16.55
C ALA A 106 31.42 -3.33 -17.22
N ALA A 107 32.47 -3.24 -16.42
CA ALA A 107 33.85 -3.31 -16.90
C ALA A 107 34.24 -4.79 -16.91
N TYR A 108 34.49 -5.38 -18.08
CA TYR A 108 34.70 -6.83 -18.27
C TYR A 108 35.92 -7.30 -17.49
N ASN A 109 36.94 -6.43 -17.26
CA ASN A 109 38.22 -6.85 -16.63
C ASN A 109 38.34 -6.29 -15.20
N ALA A 110 37.24 -5.81 -14.62
CA ALA A 110 37.17 -5.41 -13.19
C ALA A 110 37.31 -6.65 -12.32
N ILE A 111 38.03 -6.53 -11.21
CA ILE A 111 38.20 -7.63 -10.20
C ILE A 111 37.68 -7.16 -8.84
N SER A 112 36.96 -6.04 -8.80
CA SER A 112 36.22 -5.56 -7.61
C SER A 112 34.91 -4.93 -8.07
N LYS A 113 33.92 -4.84 -7.18
CA LYS A 113 32.67 -4.09 -7.44
C LYS A 113 33.01 -2.63 -7.66
N PRO A 114 32.30 -1.90 -8.53
CA PRO A 114 32.48 -0.45 -8.61
C PRO A 114 32.11 0.17 -7.26
N GLU A 115 33.03 0.91 -6.64
CA GLU A 115 32.76 1.77 -5.45
C GLU A 115 32.35 3.14 -5.97
N VAL A 116 31.07 3.47 -5.90
CA VAL A 116 30.54 4.78 -6.37
C VAL A 116 30.76 5.79 -5.24
N LEU A 117 31.53 6.84 -5.49
CA LEU A 117 31.99 7.79 -4.46
C LEU A 117 31.00 8.96 -4.33
N THR A 118 30.11 9.14 -5.30
CA THR A 118 29.29 10.36 -5.48
C THR A 118 27.81 10.02 -5.32
N PRO A 119 26.95 11.03 -5.04
CA PRO A 119 25.50 10.81 -4.97
C PRO A 119 24.97 10.23 -6.28
N GLN A 120 24.06 9.27 -6.20
CA GLN A 120 23.55 8.49 -7.35
C GLN A 120 22.34 9.22 -7.94
N LEU A 121 22.61 10.41 -8.48
CA LEU A 121 21.66 11.29 -9.19
C LEU A 121 22.16 11.47 -10.62
N ALA A 122 21.25 11.46 -11.60
CA ALA A 122 21.51 11.86 -13.00
C ALA A 122 20.85 13.21 -13.26
N ARG A 123 21.29 13.91 -14.32
CA ARG A 123 20.59 15.11 -14.83
C ARG A 123 19.72 14.68 -16.01
N VAL A 124 18.46 15.08 -15.99
CA VAL A 124 17.51 14.82 -17.09
C VAL A 124 17.13 16.17 -17.69
N VAL A 125 17.35 16.30 -19.00
CA VAL A 125 16.99 17.50 -19.79
C VAL A 125 15.56 17.31 -20.30
N SER A 126 14.83 18.41 -20.51
CA SER A 126 13.40 18.43 -20.91
C SER A 126 13.16 17.64 -22.21
N ASP A 127 14.17 17.46 -23.05
CA ASP A 127 14.03 16.66 -24.31
C ASP A 127 14.24 15.17 -24.05
N GLY A 128 14.56 14.74 -22.82
CA GLY A 128 14.72 13.32 -22.47
C GLY A 128 16.17 12.83 -22.51
N GLU A 129 17.13 13.72 -22.76
CA GLU A 129 18.57 13.38 -22.61
C GLU A 129 18.87 13.16 -21.12
N VAL A 130 19.58 12.07 -20.80
CA VAL A 130 20.04 11.76 -19.43
C VAL A 130 21.56 11.85 -19.41
N LEU A 131 22.11 12.53 -18.40
CA LEU A 131 23.57 12.56 -18.14
C LEU A 131 23.81 12.00 -16.74
N TYR A 132 24.52 10.87 -16.65
CA TYR A 132 24.89 10.23 -15.37
C TYR A 132 26.42 10.17 -15.35
N MET A 133 27.04 10.80 -14.37
CA MET A 133 28.52 10.87 -14.26
C MET A 133 28.94 10.55 -12.84
N PRO A 134 28.91 9.26 -12.46
CA PRO A 134 29.43 8.85 -11.17
C PRO A 134 30.96 8.89 -11.16
N SER A 135 31.52 9.21 -10.00
CA SER A 135 32.95 8.97 -9.70
C SER A 135 33.04 7.57 -9.14
N ILE A 136 33.88 6.75 -9.77
CA ILE A 136 34.03 5.30 -9.43
C ILE A 136 35.48 5.01 -9.07
N ARG A 137 35.67 4.30 -7.96
CA ARG A 137 36.93 3.63 -7.63
C ARG A 137 36.75 2.14 -7.87
N GLN A 138 37.62 1.52 -8.66
CA GLN A 138 37.51 0.10 -9.06
C GLN A 138 38.91 -0.46 -9.33
N ARG A 139 39.07 -1.76 -9.10
CA ARG A 139 40.34 -2.49 -9.34
CA ARG A 139 40.34 -2.49 -9.34
C ARG A 139 40.20 -3.30 -10.64
N PHE A 140 41.25 -3.29 -11.47
CA PHE A 140 41.28 -3.98 -12.78
C PHE A 140 42.48 -4.92 -12.87
N SER A 141 42.27 -6.00 -13.64
CA SER A 141 43.31 -6.89 -14.18
C SER A 141 43.70 -6.33 -15.55
N CYS A 142 44.91 -5.80 -15.69
CA CYS A 142 45.38 -5.22 -16.96
C CYS A 142 46.92 -5.15 -16.97
N ASP A 143 47.49 -4.79 -18.11
CA ASP A 143 48.95 -4.83 -18.33
C ASP A 143 49.63 -3.68 -17.58
N VAL A 144 50.32 -3.99 -16.49
CA VAL A 144 51.06 -3.00 -15.65
C VAL A 144 52.55 -2.97 -16.03
N SER A 145 53.00 -3.85 -16.94
CA SER A 145 54.42 -3.95 -17.34
C SER A 145 54.89 -2.60 -17.93
N GLY A 146 56.04 -2.11 -17.48
CA GLY A 146 56.67 -0.88 -18.00
C GLY A 146 56.24 0.35 -17.25
N VAL A 147 55.52 0.19 -16.14
CA VAL A 147 54.97 1.34 -15.35
C VAL A 147 56.11 2.24 -14.86
N ASP A 148 57.28 1.66 -14.54
CA ASP A 148 58.45 2.40 -14.01
C ASP A 148 59.46 2.73 -15.12
N THR A 149 59.03 2.79 -16.37
CA THR A 149 59.87 3.18 -17.54
C THR A 149 59.31 4.45 -18.16
N GLU A 150 60.05 5.03 -19.10
CA GLU A 150 59.73 6.34 -19.72
C GLU A 150 58.46 6.19 -20.56
N SER A 151 58.30 5.08 -21.27
CA SER A 151 57.15 4.88 -22.19
C SER A 151 55.92 4.36 -21.39
N GLY A 152 56.14 3.89 -20.16
CA GLY A 152 55.07 3.63 -19.18
C GLY A 152 54.31 2.34 -19.48
N ALA A 153 53.26 2.06 -18.70
CA ALA A 153 52.34 0.91 -18.89
C ALA A 153 51.12 1.37 -19.72
N THR A 154 50.48 0.43 -20.41
CA THR A 154 49.17 0.64 -21.08
C THR A 154 48.15 -0.37 -20.52
N CYS A 155 47.25 0.13 -19.68
CA CYS A 155 46.15 -0.64 -19.03
C CYS A 155 44.88 -0.42 -19.87
N ARG A 156 44.32 -1.48 -20.45
CA ARG A 156 43.06 -1.42 -21.26
C ARG A 156 41.87 -1.79 -20.34
N ILE A 157 40.88 -0.90 -20.24
CA ILE A 157 39.59 -1.15 -19.53
C ILE A 157 38.49 -1.27 -20.59
N LYS A 158 37.72 -2.35 -20.58
CA LYS A 158 36.59 -2.59 -21.53
C LYS A 158 35.25 -2.43 -20.78
N ILE A 159 34.40 -1.53 -21.23
CA ILE A 159 33.06 -1.25 -20.62
C ILE A 159 31.97 -1.42 -21.67
N GLY A 160 30.98 -2.28 -21.39
CA GLY A 160 29.79 -2.44 -22.24
C GLY A 160 28.60 -3.00 -21.46
N SER A 161 27.46 -3.12 -22.13
CA SER A 161 26.22 -3.70 -21.56
C SER A 161 26.51 -5.14 -21.12
N TRP A 162 26.09 -5.51 -19.92
CA TRP A 162 26.21 -6.92 -19.46
C TRP A 162 25.18 -7.80 -20.18
N THR A 163 23.99 -7.32 -20.52
CA THR A 163 22.90 -8.23 -21.00
C THR A 163 22.28 -7.78 -22.31
N HIS A 164 22.56 -6.57 -22.80
CA HIS A 164 21.93 -6.04 -24.06
C HIS A 164 22.96 -6.11 -25.19
N HIS A 165 22.67 -6.88 -26.24
CA HIS A 165 23.55 -7.01 -27.43
C HIS A 165 23.34 -5.78 -28.34
N SER A 166 24.06 -5.73 -29.46
CA SER A 166 24.25 -4.54 -30.33
C SER A 166 22.94 -4.07 -30.95
N ARG A 167 21.93 -4.93 -31.07
CA ARG A 167 20.61 -4.50 -31.62
C ARG A 167 19.78 -3.80 -30.53
N GLU A 168 20.21 -3.83 -29.26
CA GLU A 168 19.46 -3.22 -28.13
C GLU A 168 20.23 -2.04 -27.54
N ILE A 169 21.53 -2.19 -27.29
CA ILE A 169 22.42 -1.08 -26.84
C ILE A 169 23.64 -1.00 -27.78
N SER A 170 23.93 0.21 -28.25
CA SER A 170 25.22 0.56 -28.88
C SER A 170 25.97 1.48 -27.92
N VAL A 171 27.26 1.27 -27.76
CA VAL A 171 28.15 2.13 -26.93
C VAL A 171 29.13 2.82 -27.87
N ASP A 172 29.30 4.12 -27.69
CA ASP A 172 30.25 4.93 -28.50
C ASP A 172 31.07 5.78 -27.54
N PRO A 173 32.38 5.95 -27.79
CA PRO A 173 33.15 6.97 -27.11
C PRO A 173 32.61 8.34 -27.54
N THR A 174 32.72 9.35 -26.68
CA THR A 174 32.37 10.75 -27.08
C THR A 174 33.45 11.24 -28.05
N THR A 175 33.11 12.23 -28.88
CA THR A 175 34.09 12.89 -29.80
C THR A 175 34.88 13.87 -28.94
N ASP A 179 41.91 17.70 -22.46
CA ASP A 179 43.20 17.21 -21.90
C ASP A 179 42.93 15.92 -21.10
N ASP A 180 43.63 14.84 -21.46
CA ASP A 180 43.58 13.50 -20.82
C ASP A 180 43.83 13.61 -19.30
N SER A 181 44.54 14.65 -18.82
CA SER A 181 44.92 14.82 -17.40
C SER A 181 44.36 16.12 -16.83
N GLU A 182 43.34 16.73 -17.43
CA GLU A 182 42.76 18.01 -16.95
C GLU A 182 42.13 17.82 -15.57
N TYR A 183 41.59 16.64 -15.25
CA TYR A 183 40.97 16.37 -13.91
C TYR A 183 41.86 15.44 -13.07
N PHE A 184 42.97 14.96 -13.60
CA PHE A 184 43.85 13.98 -12.92
C PHE A 184 44.53 14.65 -11.71
N SER A 185 44.56 13.96 -10.56
CA SER A 185 45.18 14.47 -9.32
C SER A 185 46.68 14.73 -9.55
N GLN A 186 47.12 15.95 -9.27
CA GLN A 186 48.56 16.33 -9.24
C GLN A 186 49.28 15.60 -8.11
N TYR A 187 48.57 14.96 -7.17
CA TYR A 187 49.16 14.32 -5.97
C TYR A 187 49.32 12.81 -6.12
N SER A 188 48.84 12.22 -7.22
CA SER A 188 49.08 10.79 -7.55
C SER A 188 50.59 10.54 -7.66
N ARG A 189 51.04 9.32 -7.36
CA ARG A 189 52.43 8.89 -7.63
C ARG A 189 52.63 8.69 -9.13
N PHE A 190 51.55 8.67 -9.90
CA PHE A 190 51.57 8.34 -11.35
C PHE A 190 51.14 9.57 -12.14
N GLU A 191 51.49 9.55 -13.43
CA GLU A 191 51.06 10.60 -14.39
C GLU A 191 50.57 9.88 -15.65
N ILE A 192 49.67 10.55 -16.36
CA ILE A 192 49.06 10.03 -17.61
C ILE A 192 49.85 10.55 -18.80
N LEU A 193 50.29 9.65 -19.66
CA LEU A 193 50.99 9.99 -20.93
C LEU A 193 49.95 10.15 -22.03
N ASP A 194 48.90 9.32 -22.03
CA ASP A 194 47.92 9.27 -23.13
C ASP A 194 46.68 8.45 -22.71
N VAL A 195 45.52 8.83 -23.21
CA VAL A 195 44.26 8.07 -23.10
C VAL A 195 43.65 7.99 -24.49
N THR A 196 43.35 6.79 -24.98
CA THR A 196 42.53 6.58 -26.21
C THR A 196 41.32 5.72 -25.83
N GLN A 197 40.20 5.99 -26.46
CA GLN A 197 38.89 5.35 -26.17
C GLN A 197 38.30 4.97 -27.53
N LYS A 198 38.17 3.68 -27.83
CA LYS A 198 37.68 3.22 -29.15
C LYS A 198 36.57 2.19 -28.96
N LYS A 199 35.73 2.04 -29.97
CA LYS A 199 34.58 1.14 -29.99
C LYS A 199 35.04 -0.26 -30.41
N ASN A 200 34.58 -1.29 -29.69
CA ASN A 200 34.78 -2.71 -30.06
C ASN A 200 33.41 -3.40 -30.09
N SER A 201 33.37 -4.56 -30.74
CA SER A 201 32.21 -5.46 -30.89
C SER A 201 32.71 -6.89 -30.65
N VAL A 202 32.14 -7.58 -29.67
CA VAL A 202 32.61 -8.93 -29.22
C VAL A 202 31.47 -9.93 -29.41
N THR A 203 31.78 -11.07 -30.03
CA THR A 203 30.90 -12.27 -30.09
C THR A 203 31.61 -13.37 -29.32
N TYR A 204 30.91 -14.00 -28.38
CA TYR A 204 31.40 -15.10 -27.51
C TYR A 204 30.87 -16.40 -28.13
N SER A 205 31.47 -17.55 -27.80
CA SER A 205 30.99 -18.91 -28.17
C SER A 205 29.58 -19.18 -27.63
N CYS A 206 29.28 -18.72 -26.41
CA CYS A 206 27.97 -18.92 -25.71
C CYS A 206 26.81 -18.47 -26.61
N CYS A 207 26.96 -17.32 -27.26
CA CYS A 207 25.84 -16.42 -27.66
C CYS A 207 26.07 -15.94 -29.09
N PRO A 208 25.07 -16.02 -29.99
CA PRO A 208 25.29 -15.67 -31.40
C PRO A 208 25.33 -14.16 -31.70
N GLU A 209 24.94 -13.31 -30.74
CA GLU A 209 24.82 -11.84 -30.94
C GLU A 209 26.16 -11.19 -30.57
N ALA A 210 26.40 -9.97 -31.05
CA ALA A 210 27.58 -9.14 -30.71
C ALA A 210 27.22 -8.14 -29.59
N TYR A 211 28.13 -7.95 -28.64
CA TYR A 211 28.07 -6.98 -27.54
C TYR A 211 29.08 -5.87 -27.84
N GLU A 212 28.61 -4.62 -27.82
CA GLU A 212 29.52 -3.46 -28.04
C GLU A 212 30.15 -3.06 -26.70
N ASP A 213 31.37 -2.59 -26.76
CA ASP A 213 32.10 -2.05 -25.59
C ASP A 213 32.92 -0.86 -26.05
N VAL A 214 33.26 0.01 -25.11
CA VAL A 214 34.31 1.04 -25.29
C VAL A 214 35.56 0.50 -24.62
N GLU A 215 36.66 0.49 -25.36
CA GLU A 215 37.98 0.06 -24.85
C GLU A 215 38.78 1.33 -24.57
N VAL A 216 39.15 1.52 -23.31
CA VAL A 216 39.89 2.72 -22.85
C VAL A 216 41.32 2.28 -22.56
N SER A 217 42.29 2.81 -23.32
CA SER A 217 43.73 2.55 -23.16
C SER A 217 44.36 3.67 -22.35
N LEU A 218 44.76 3.36 -21.12
CA LEU A 218 45.36 4.31 -20.16
C LEU A 218 46.87 4.07 -20.17
N ASN A 219 47.62 4.97 -20.81
CA ASN A 219 49.11 4.91 -20.87
C ASN A 219 49.60 5.82 -19.75
N PHE A 220 50.24 5.25 -18.74
CA PHE A 220 50.63 5.98 -17.51
C PHE A 220 51.96 5.44 -17.01
N ARG A 221 52.63 6.20 -16.14
CA ARG A 221 53.90 5.77 -15.52
C ARG A 221 54.08 6.41 -14.14
N LYS A 222 54.95 5.78 -13.34
CA LYS A 222 55.44 6.35 -12.05
C LYS A 222 56.21 7.65 -12.33
N LYS A 223 55.95 8.69 -11.54
CA LYS A 223 56.57 10.04 -11.71
C LYS A 223 58.09 10.01 -11.44
N LEU B 20 3.00 -7.63 -28.34
CA LEU B 20 3.50 -7.16 -27.04
C LEU B 20 4.79 -6.37 -27.27
N ASP B 21 5.01 -5.28 -26.54
CA ASP B 21 6.34 -4.62 -26.51
C ASP B 21 7.05 -4.98 -25.19
N ARG B 22 8.31 -4.56 -25.06
CA ARG B 22 9.18 -4.82 -23.88
C ARG B 22 8.45 -4.34 -22.62
N ALA B 23 7.87 -3.14 -22.66
CA ALA B 23 7.18 -2.52 -21.51
C ALA B 23 6.06 -3.44 -21.01
N ASP B 24 5.27 -4.01 -21.92
CA ASP B 24 4.13 -4.91 -21.57
C ASP B 24 4.65 -6.19 -20.92
N ILE B 25 5.64 -6.83 -21.54
CA ILE B 25 6.26 -8.11 -21.07
C ILE B 25 6.83 -7.89 -19.66
N LEU B 26 7.57 -6.79 -19.48
CA LEU B 26 8.24 -6.52 -18.18
C LEU B 26 7.19 -6.18 -17.13
N TYR B 27 6.11 -5.47 -17.49
CA TYR B 27 4.97 -5.18 -16.59
C TYR B 27 4.33 -6.49 -16.15
N ASN B 28 4.03 -7.39 -17.09
CA ASN B 28 3.39 -8.69 -16.81
C ASN B 28 4.27 -9.52 -15.85
N ILE B 29 5.58 -9.57 -16.13
CA ILE B 29 6.53 -10.36 -15.28
C ILE B 29 6.58 -9.74 -13.87
N ARG B 30 6.71 -8.43 -13.77
CA ARG B 30 6.80 -7.74 -12.45
C ARG B 30 5.51 -7.97 -11.65
N GLN B 31 4.34 -7.94 -12.31
CA GLN B 31 3.02 -7.97 -11.63
C GLN B 31 2.67 -9.40 -11.19
N THR B 32 3.19 -10.43 -11.85
CA THR B 32 2.82 -11.84 -11.59
C THR B 32 4.01 -12.65 -11.08
N SER B 33 5.10 -11.94 -10.80
CA SER B 33 6.38 -12.48 -10.27
C SER B 33 6.16 -13.11 -8.88
N ARG B 34 6.39 -14.41 -8.82
CA ARG B 34 6.45 -15.22 -7.58
C ARG B 34 7.90 -15.67 -7.37
N PRO B 35 8.81 -14.76 -6.96
CA PRO B 35 10.23 -15.09 -6.83
C PRO B 35 10.52 -16.17 -5.77
N ASP B 36 9.59 -16.35 -4.84
CA ASP B 36 9.70 -17.35 -3.74
CA ASP B 36 9.72 -17.36 -3.75
C ASP B 36 9.24 -18.74 -4.21
N VAL B 37 8.70 -18.87 -5.42
CA VAL B 37 8.05 -20.15 -5.87
C VAL B 37 8.88 -20.87 -6.95
N ILE B 38 9.46 -22.01 -6.59
CA ILE B 38 10.20 -22.90 -7.54
C ILE B 38 9.24 -23.29 -8.66
N PRO B 39 9.58 -23.07 -9.95
CA PRO B 39 8.64 -23.39 -11.04
C PRO B 39 8.68 -24.85 -11.48
N THR B 40 8.39 -25.78 -10.57
CA THR B 40 8.30 -27.24 -10.88
C THR B 40 7.11 -27.47 -11.83
N GLN B 41 7.30 -28.32 -12.83
CA GLN B 41 6.26 -28.75 -13.80
C GLN B 41 5.89 -30.20 -13.47
N ARG B 42 4.63 -30.44 -13.09
CA ARG B 42 4.03 -31.79 -12.93
C ARG B 42 4.95 -32.66 -12.05
N ASP B 43 5.39 -32.10 -10.92
CA ASP B 43 6.23 -32.75 -9.87
C ASP B 43 7.48 -33.40 -10.50
N ARG B 44 8.03 -32.83 -11.57
CA ARG B 44 9.39 -33.14 -12.07
C ARG B 44 10.33 -32.07 -11.53
N PRO B 45 11.62 -32.38 -11.31
CA PRO B 45 12.56 -31.39 -10.81
C PRO B 45 12.72 -30.25 -11.82
N VAL B 46 13.04 -29.05 -11.35
CA VAL B 46 13.56 -27.98 -12.23
C VAL B 46 14.99 -28.35 -12.63
N ALA B 47 15.24 -28.50 -13.93
CA ALA B 47 16.56 -28.83 -14.50
C ALA B 47 17.37 -27.55 -14.59
N VAL B 48 18.35 -27.39 -13.71
CA VAL B 48 19.27 -26.21 -13.69
C VAL B 48 20.60 -26.63 -14.31
N SER B 49 21.06 -25.91 -15.33
CA SER B 49 22.42 -26.03 -15.90
C SER B 49 23.34 -25.01 -15.24
N VAL B 50 24.53 -25.44 -14.82
CA VAL B 50 25.58 -24.58 -14.21
C VAL B 50 26.91 -24.88 -14.90
N SER B 51 27.59 -23.85 -15.40
CA SER B 51 28.96 -23.94 -15.95
C SER B 51 29.74 -22.69 -15.53
N LEU B 52 30.91 -22.88 -14.93
CA LEU B 52 31.81 -21.76 -14.55
C LEU B 52 32.76 -21.46 -15.71
N LYS B 53 32.81 -20.22 -16.18
CA LYS B 53 33.83 -19.70 -17.13
C LYS B 53 34.84 -18.88 -16.30
N PHE B 54 36.08 -19.34 -16.19
CA PHE B 54 37.08 -18.69 -15.34
C PHE B 54 37.63 -17.47 -16.06
N ILE B 55 37.68 -16.35 -15.33
CA ILE B 55 38.13 -15.03 -15.81
C ILE B 55 39.48 -14.69 -15.17
N ASN B 56 39.67 -15.02 -13.89
CA ASN B 56 40.94 -14.66 -13.22
C ASN B 56 41.17 -15.56 -12.01
N ILE B 57 42.45 -15.75 -11.66
CA ILE B 57 42.92 -16.33 -10.38
C ILE B 57 43.84 -15.29 -9.77
N LEU B 58 43.50 -14.78 -8.58
CA LEU B 58 44.01 -13.47 -8.07
C LEU B 58 44.97 -13.67 -6.91
N GLU B 59 44.66 -14.59 -6.02
CA GLU B 59 45.47 -14.81 -4.78
C GLU B 59 45.39 -16.31 -4.56
N VAL B 60 46.55 -16.92 -4.56
CA VAL B 60 46.71 -18.37 -4.26
C VAL B 60 47.59 -18.44 -3.02
N ASN B 61 47.25 -19.32 -2.09
CA ASN B 61 48.06 -19.56 -0.88
C ASN B 61 48.20 -21.07 -0.72
N GLU B 62 49.37 -21.62 -1.04
CA GLU B 62 49.65 -23.07 -0.99
C GLU B 62 49.74 -23.52 0.47
N ILE B 63 50.07 -22.62 1.41
CA ILE B 63 50.14 -22.94 2.87
C ILE B 63 48.71 -23.19 3.40
N THR B 64 47.76 -22.29 3.13
CA THR B 64 46.39 -22.34 3.71
C THR B 64 45.43 -23.11 2.79
N ASN B 65 45.85 -23.45 1.58
CA ASN B 65 44.98 -24.11 0.56
C ASN B 65 43.74 -23.24 0.30
N GLU B 66 43.95 -21.96 -0.02
CA GLU B 66 42.87 -20.99 -0.32
C GLU B 66 43.17 -20.33 -1.66
N VAL B 67 42.14 -20.14 -2.48
CA VAL B 67 42.26 -19.41 -3.78
C VAL B 67 41.15 -18.35 -3.84
N ASP B 68 41.47 -17.23 -4.47
CA ASP B 68 40.53 -16.14 -4.82
C ASP B 68 40.36 -16.19 -6.33
N VAL B 69 39.15 -16.48 -6.79
CA VAL B 69 38.81 -16.71 -8.24
C VAL B 69 37.74 -15.71 -8.68
N VAL B 70 37.82 -15.31 -9.95
CA VAL B 70 36.74 -14.56 -10.66
C VAL B 70 36.22 -15.48 -11.77
N PHE B 71 34.93 -15.76 -11.77
CA PHE B 71 34.26 -16.63 -12.78
C PHE B 71 32.90 -16.04 -13.17
N TRP B 72 32.49 -16.31 -14.40
CA TRP B 72 31.09 -16.13 -14.85
C TRP B 72 30.35 -17.44 -14.55
N GLN B 73 29.31 -17.38 -13.74
CA GLN B 73 28.49 -18.55 -13.35
C GLN B 73 27.29 -18.65 -14.30
N GLN B 74 27.48 -19.27 -15.46
CA GLN B 74 26.40 -19.47 -16.46
C GLN B 74 25.35 -20.41 -15.87
N THR B 75 24.16 -19.88 -15.61
CA THR B 75 23.02 -20.59 -14.97
C THR B 75 21.79 -20.49 -15.90
N THR B 76 21.19 -21.62 -16.26
CA THR B 76 19.99 -21.68 -17.13
C THR B 76 18.96 -22.64 -16.51
N TRP B 77 17.69 -22.30 -16.67
CA TRP B 77 16.54 -23.12 -16.26
C TRP B 77 15.30 -22.63 -16.99
N SER B 78 14.22 -23.40 -16.95
CA SER B 78 12.93 -23.03 -17.56
C SER B 78 11.96 -22.58 -16.46
N ASP B 79 11.24 -21.48 -16.69
CA ASP B 79 10.10 -21.03 -15.86
C ASP B 79 8.97 -20.66 -16.85
N ARG B 80 8.07 -21.61 -17.11
CA ARG B 80 6.97 -21.49 -18.10
C ARG B 80 6.02 -20.34 -17.73
N THR B 81 5.92 -19.97 -16.45
CA THR B 81 5.04 -18.85 -16.01
C THR B 81 5.55 -17.53 -16.60
N LEU B 82 6.77 -17.46 -17.15
CA LEU B 82 7.33 -16.22 -17.76
C LEU B 82 7.04 -16.13 -19.25
N ALA B 83 6.60 -17.23 -19.88
CA ALA B 83 6.50 -17.36 -21.35
C ALA B 83 5.50 -16.33 -21.92
N TRP B 84 5.75 -15.85 -23.14
CA TRP B 84 4.78 -15.01 -23.89
C TRP B 84 4.81 -15.43 -25.35
N ASN B 85 3.75 -15.07 -26.09
CA ASN B 85 3.65 -15.28 -27.56
C ASN B 85 4.61 -14.27 -28.24
N SER B 86 5.65 -14.74 -28.92
CA SER B 86 6.74 -13.90 -29.50
C SER B 86 6.40 -13.39 -30.90
N SER B 87 5.21 -13.68 -31.44
CA SER B 87 4.75 -13.13 -32.74
C SER B 87 4.62 -11.60 -32.60
N HIS B 88 5.30 -10.86 -33.48
CA HIS B 88 5.47 -9.38 -33.45
C HIS B 88 5.75 -8.87 -32.04
N SER B 89 6.65 -9.57 -31.34
CA SER B 89 7.13 -9.25 -29.98
C SER B 89 8.62 -9.56 -29.88
N PRO B 90 9.35 -8.94 -28.94
CA PRO B 90 10.73 -9.35 -28.66
C PRO B 90 10.83 -10.85 -28.36
N ASP B 91 11.93 -11.49 -28.74
CA ASP B 91 12.25 -12.91 -28.43
C ASP B 91 12.78 -13.02 -26.99
N GLN B 92 13.38 -11.94 -26.46
CA GLN B 92 14.10 -11.93 -25.17
C GLN B 92 13.98 -10.56 -24.50
N VAL B 93 14.02 -10.53 -23.17
CA VAL B 93 14.10 -9.28 -22.37
C VAL B 93 15.10 -9.48 -21.23
N SER B 94 15.62 -8.39 -20.70
CA SER B 94 16.47 -8.30 -19.50
C SER B 94 15.57 -7.99 -18.31
N VAL B 95 15.66 -8.80 -17.26
CA VAL B 95 14.77 -8.73 -16.05
C VAL B 95 15.64 -8.70 -14.81
N PRO B 96 15.39 -7.80 -13.84
CA PRO B 96 16.08 -7.86 -12.55
C PRO B 96 15.79 -9.22 -11.90
N ILE B 97 16.80 -9.86 -11.30
CA ILE B 97 16.59 -11.20 -10.67
C ILE B 97 15.69 -11.05 -9.43
N SER B 98 15.53 -9.85 -8.88
CA SER B 98 14.56 -9.60 -7.77
C SER B 98 13.13 -9.89 -8.23
N SER B 99 12.83 -9.89 -9.53
CA SER B 99 11.48 -10.20 -10.07
C SER B 99 11.31 -11.66 -10.48
N LEU B 100 12.30 -12.51 -10.24
CA LEU B 100 12.33 -13.91 -10.76
C LEU B 100 12.67 -14.85 -9.61
N TRP B 101 12.14 -16.06 -9.65
CA TRP B 101 12.72 -17.20 -8.93
C TRP B 101 14.10 -17.47 -9.53
N VAL B 102 15.08 -17.65 -8.65
CA VAL B 102 16.47 -18.07 -9.03
C VAL B 102 16.81 -19.27 -8.15
N PRO B 103 17.52 -20.27 -8.68
CA PRO B 103 17.92 -21.41 -7.88
C PRO B 103 18.83 -21.00 -6.72
N ASP B 104 18.65 -21.63 -5.56
CA ASP B 104 19.42 -21.33 -4.31
C ASP B 104 20.76 -22.09 -4.36
N LEU B 105 21.61 -21.82 -5.36
CA LEU B 105 22.93 -22.48 -5.50
C LEU B 105 23.89 -21.89 -4.47
N ALA B 106 24.69 -22.76 -3.88
CA ALA B 106 25.83 -22.39 -3.01
C ALA B 106 27.03 -23.24 -3.44
N ALA B 107 28.21 -22.67 -3.32
CA ALA B 107 29.47 -23.43 -3.43
C ALA B 107 29.80 -23.97 -2.04
N TYR B 108 29.78 -25.28 -1.85
CA TYR B 108 29.92 -25.95 -0.53
C TYR B 108 31.29 -25.61 0.09
N ASN B 109 32.33 -25.33 -0.70
CA ASN B 109 33.71 -25.11 -0.18
C ASN B 109 34.13 -23.64 -0.29
N ALA B 110 33.18 -22.72 -0.52
CA ALA B 110 33.41 -21.27 -0.44
C ALA B 110 33.68 -20.88 1.02
N ILE B 111 34.61 -19.95 1.25
CA ILE B 111 34.93 -19.42 2.60
C ILE B 111 34.71 -17.90 2.62
N SER B 112 34.09 -17.34 1.59
CA SER B 112 33.63 -15.93 1.57
C SER B 112 32.27 -15.87 0.86
N LYS B 113 31.48 -14.83 1.12
CA LYS B 113 30.23 -14.56 0.37
C LYS B 113 30.59 -14.30 -1.08
N PRO B 114 29.74 -14.71 -2.05
CA PRO B 114 29.98 -14.33 -3.44
C PRO B 114 29.90 -12.81 -3.57
N GLU B 115 30.96 -12.19 -4.09
CA GLU B 115 30.99 -10.75 -4.48
C GLU B 115 30.54 -10.69 -5.94
N VAL B 116 29.31 -10.20 -6.18
CA VAL B 116 28.74 -10.11 -7.55
C VAL B 116 29.25 -8.80 -8.15
N LEU B 117 29.98 -8.86 -9.26
CA LEU B 117 30.67 -7.70 -9.87
C LEU B 117 29.76 -7.00 -10.88
N THR B 118 28.70 -7.66 -11.34
CA THR B 118 27.92 -7.26 -12.56
C THR B 118 26.49 -6.89 -12.17
N PRO B 119 25.77 -6.13 -13.04
CA PRO B 119 24.35 -5.85 -12.82
C PRO B 119 23.53 -7.14 -12.69
N GLN B 120 22.60 -7.17 -11.75
CA GLN B 120 21.87 -8.39 -11.35
C GLN B 120 20.62 -8.53 -12.21
N LEU B 121 20.83 -8.73 -13.51
CA LEU B 121 19.81 -8.91 -14.56
C LEU B 121 20.00 -10.30 -15.18
N ALA B 122 18.91 -11.01 -15.45
CA ALA B 122 18.89 -12.25 -16.26
C ALA B 122 18.29 -11.92 -17.63
N ARG B 123 18.53 -12.80 -18.61
CA ARG B 123 17.79 -12.79 -19.90
C ARG B 123 16.69 -13.83 -19.82
N VAL B 124 15.48 -13.41 -20.18
CA VAL B 124 14.30 -14.31 -20.27
C VAL B 124 13.90 -14.39 -21.73
N VAL B 125 13.85 -15.60 -22.26
CA VAL B 125 13.40 -15.92 -23.64
C VAL B 125 11.89 -16.15 -23.60
N SER B 126 11.19 -15.87 -24.71
CA SER B 126 9.71 -15.91 -24.85
C SER B 126 9.14 -17.29 -24.45
N ASP B 127 9.93 -18.35 -24.53
CA ASP B 127 9.48 -19.72 -24.14
C ASP B 127 9.66 -19.97 -22.63
N GLY B 128 10.21 -19.01 -21.89
CA GLY B 128 10.37 -19.13 -20.42
C GLY B 128 11.74 -19.65 -20.00
N GLU B 129 12.68 -19.83 -20.92
CA GLU B 129 14.09 -20.09 -20.58
C GLU B 129 14.69 -18.83 -19.92
N VAL B 130 15.40 -19.02 -18.82
CA VAL B 130 16.13 -17.93 -18.10
C VAL B 130 17.62 -18.21 -18.20
N LEU B 131 18.41 -17.20 -18.55
CA LEU B 131 19.89 -17.25 -18.51
C LEU B 131 20.38 -16.16 -17.56
N TYR B 132 21.02 -16.56 -16.46
CA TYR B 132 21.61 -15.65 -15.45
C TYR B 132 23.10 -15.97 -15.42
N MET B 133 23.94 -14.99 -15.72
CA MET B 133 25.40 -15.17 -15.80
C MET B 133 26.11 -14.05 -15.06
N PRO B 134 26.08 -14.04 -13.71
CA PRO B 134 26.83 -13.05 -12.94
C PRO B 134 28.32 -13.33 -13.00
N SER B 135 29.12 -12.27 -12.97
CA SER B 135 30.57 -12.35 -12.68
C SER B 135 30.73 -12.30 -11.17
N ILE B 136 31.40 -13.31 -10.63
CA ILE B 136 31.54 -13.52 -9.17
C ILE B 136 33.02 -13.59 -8.82
N ARG B 137 33.41 -12.85 -7.79
CA ARG B 137 34.69 -13.06 -7.09
C ARG B 137 34.39 -13.73 -5.75
N GLN B 138 35.06 -14.85 -5.47
CA GLN B 138 34.81 -15.67 -4.27
C GLN B 138 36.08 -16.40 -3.88
N ARG B 139 36.24 -16.65 -2.58
CA ARG B 139 37.40 -17.39 -2.02
C ARG B 139 36.96 -18.82 -1.68
N PHE B 140 37.81 -19.81 -2.01
CA PHE B 140 37.54 -21.25 -1.79
C PHE B 140 38.66 -21.91 -0.98
N SER B 141 38.28 -22.91 -0.20
CA SER B 141 39.16 -23.92 0.41
C SER B 141 39.26 -25.08 -0.56
N CYS B 142 40.42 -25.30 -1.17
CA CYS B 142 40.62 -26.41 -2.14
C CYS B 142 42.11 -26.75 -2.27
N ASP B 143 42.44 -27.80 -3.01
CA ASP B 143 43.83 -28.31 -3.09
C ASP B 143 44.68 -27.40 -3.98
N VAL B 144 45.58 -26.62 -3.37
CA VAL B 144 46.50 -25.69 -4.06
C VAL B 144 47.87 -26.35 -4.27
N SER B 145 48.11 -27.57 -3.75
CA SER B 145 49.41 -28.27 -3.85
C SER B 145 49.76 -28.49 -5.33
N GLY B 146 50.99 -28.17 -5.72
CA GLY B 146 51.47 -28.43 -7.09
C GLY B 146 51.28 -27.24 -8.00
N VAL B 147 50.81 -26.10 -7.47
CA VAL B 147 50.50 -24.89 -8.27
C VAL B 147 51.75 -24.41 -9.00
N ASP B 148 52.95 -24.57 -8.41
CA ASP B 148 54.24 -24.09 -9.00
C ASP B 148 54.96 -25.25 -9.69
N THR B 149 54.26 -26.28 -10.15
CA THR B 149 54.83 -27.41 -10.92
C THR B 149 54.19 -27.44 -12.30
N GLU B 150 54.72 -28.28 -13.19
CA GLU B 150 54.31 -28.35 -14.61
C GLU B 150 52.87 -28.88 -14.69
N SER B 151 52.51 -29.86 -13.86
CA SER B 151 51.19 -30.52 -13.90
C SER B 151 50.16 -29.68 -13.12
N GLY B 152 50.62 -28.73 -12.29
CA GLY B 152 49.79 -27.68 -11.67
C GLY B 152 48.95 -28.21 -10.52
N ALA B 153 48.11 -27.36 -9.95
CA ALA B 153 47.13 -27.69 -8.89
C ALA B 153 45.79 -28.04 -9.54
N THR B 154 44.98 -28.83 -8.84
CA THR B 154 43.56 -29.11 -9.19
C THR B 154 42.69 -28.69 -8.00
N CYS B 155 42.01 -27.57 -8.15
CA CYS B 155 41.05 -26.97 -7.18
C CYS B 155 39.64 -27.40 -7.60
N ARG B 156 38.95 -28.18 -6.76
CA ARG B 156 37.58 -28.67 -7.00
CA ARG B 156 37.58 -28.68 -7.00
C ARG B 156 36.58 -27.74 -6.31
N ILE B 157 35.65 -27.16 -7.08
CA ILE B 157 34.54 -26.30 -6.55
C ILE B 157 33.24 -27.10 -6.73
N LYS B 158 32.49 -27.28 -5.64
CA LYS B 158 31.19 -28.02 -5.65
C LYS B 158 30.04 -27.03 -5.50
N ILE B 159 29.12 -27.02 -6.47
CA ILE B 159 27.95 -26.10 -6.51
C ILE B 159 26.67 -26.95 -6.59
N GLY B 160 25.74 -26.72 -5.67
CA GLY B 160 24.39 -27.32 -5.73
C GLY B 160 23.37 -26.49 -4.98
N SER B 161 22.11 -26.91 -5.04
CA SER B 161 20.99 -26.29 -4.30
C SER B 161 21.28 -26.43 -2.81
N TRP B 162 21.12 -25.34 -2.06
CA TRP B 162 21.28 -25.40 -0.58
C TRP B 162 20.09 -26.15 0.05
N THR B 163 18.86 -26.03 -0.48
CA THR B 163 17.67 -26.54 0.25
C THR B 163 16.79 -27.46 -0.60
N HIS B 164 17.02 -27.57 -1.92
CA HIS B 164 16.16 -28.39 -2.82
C HIS B 164 16.87 -29.69 -3.18
N HIS B 165 16.28 -30.83 -2.82
CA HIS B 165 16.82 -32.17 -3.13
C HIS B 165 16.50 -32.54 -4.59
N SER B 166 16.93 -33.72 -5.03
CA SER B 166 17.00 -34.14 -6.45
C SER B 166 15.60 -34.21 -7.09
N ARG B 167 14.54 -34.38 -6.30
CA ARG B 167 13.17 -34.43 -6.87
C ARG B 167 12.64 -33.00 -7.10
N GLU B 168 13.34 -31.96 -6.62
CA GLU B 168 12.92 -30.54 -6.78
C GLU B 168 13.88 -29.78 -7.71
N ILE B 169 15.20 -29.92 -7.52
CA ILE B 169 16.23 -29.36 -8.43
C ILE B 169 17.20 -30.46 -8.86
N SER B 170 17.46 -30.56 -10.15
CA SER B 170 18.59 -31.31 -10.73
C SER B 170 19.60 -30.30 -11.27
N VAL B 171 20.89 -30.53 -11.05
CA VAL B 171 21.99 -29.68 -11.60
C VAL B 171 22.75 -30.54 -12.59
N ASP B 172 23.03 -29.97 -13.75
CA ASP B 172 23.81 -30.61 -14.84
C ASP B 172 24.84 -29.60 -15.32
N PRO B 173 26.00 -30.01 -15.84
CA PRO B 173 26.87 -29.10 -16.58
C PRO B 173 26.13 -28.68 -17.87
N THR B 174 26.43 -27.47 -18.34
CA THR B 174 25.99 -26.90 -19.61
C THR B 174 26.81 -27.57 -20.71
N THR B 175 26.50 -27.27 -21.97
CA THR B 175 27.33 -27.56 -23.16
C THR B 175 28.52 -26.58 -23.14
N GLU B 176 29.69 -27.05 -23.53
CA GLU B 176 30.96 -26.27 -23.64
C GLU B 176 31.44 -26.39 -25.08
N ASN B 177 31.53 -25.28 -25.81
CA ASN B 177 31.98 -25.31 -27.23
C ASN B 177 33.14 -24.32 -27.41
N SER B 178 34.03 -24.24 -26.40
CA SER B 178 35.18 -23.33 -26.50
C SER B 178 36.37 -23.79 -25.64
N ASP B 179 37.38 -22.95 -25.73
CA ASP B 179 38.62 -23.02 -24.91
C ASP B 179 38.26 -22.72 -23.46
N ASP B 180 38.69 -23.55 -22.51
CA ASP B 180 38.62 -23.33 -21.03
C ASP B 180 39.19 -21.95 -20.63
N SER B 181 40.09 -21.35 -21.44
CA SER B 181 40.74 -20.05 -21.15
C SER B 181 40.40 -18.97 -22.20
N GLU B 182 39.31 -19.12 -22.94
CA GLU B 182 38.84 -18.12 -23.95
C GLU B 182 38.55 -16.77 -23.26
N TYR B 183 38.07 -16.77 -22.01
CA TYR B 183 37.72 -15.50 -21.31
C TYR B 183 38.74 -15.22 -20.20
N PHE B 184 39.71 -16.10 -19.98
CA PHE B 184 40.67 -15.98 -18.86
C PHE B 184 41.62 -14.80 -19.12
N SER B 185 41.90 -13.98 -18.10
CA SER B 185 42.82 -12.83 -18.21
C SER B 185 44.22 -13.31 -18.60
N GLN B 186 44.77 -12.77 -19.69
CA GLN B 186 46.16 -13.00 -20.13
C GLN B 186 47.12 -12.34 -19.13
N TYR B 187 46.65 -11.51 -18.18
CA TYR B 187 47.52 -10.76 -17.24
C TYR B 187 47.58 -11.42 -15.85
N SER B 188 46.82 -12.49 -15.61
CA SER B 188 46.90 -13.28 -14.36
C SER B 188 48.33 -13.83 -14.22
N ARG B 189 48.79 -14.06 -12.98
CA ARG B 189 50.05 -14.78 -12.70
C ARG B 189 49.90 -16.27 -13.04
N PHE B 190 48.65 -16.74 -13.23
CA PHE B 190 48.33 -18.16 -13.40
C PHE B 190 47.80 -18.39 -14.81
N GLU B 191 47.82 -19.65 -15.24
CA GLU B 191 47.20 -20.09 -16.51
C GLU B 191 46.39 -21.35 -16.22
N ILE B 192 45.38 -21.60 -17.05
CA ILE B 192 44.49 -22.77 -16.93
C ILE B 192 45.02 -23.86 -17.84
N LEU B 193 45.22 -25.06 -17.29
CA LEU B 193 45.63 -26.25 -18.07
C LEU B 193 44.37 -26.96 -18.54
N ASP B 194 43.32 -27.01 -17.70
CA ASP B 194 42.11 -27.81 -18.01
C ASP B 194 40.99 -27.49 -17.02
N VAL B 195 39.74 -27.58 -17.50
CA VAL B 195 38.53 -27.48 -16.64
C VAL B 195 37.64 -28.66 -16.99
N THR B 196 37.27 -29.47 -16.00
CA THR B 196 36.32 -30.59 -16.16
C THR B 196 35.21 -30.42 -15.13
N GLN B 197 34.02 -30.93 -15.45
CA GLN B 197 32.77 -30.78 -14.68
C GLN B 197 32.16 -32.18 -14.61
N LYS B 198 31.85 -32.69 -13.40
CA LYS B 198 31.01 -33.89 -13.28
C LYS B 198 29.82 -33.62 -12.36
N LYS B 199 28.73 -34.34 -12.58
CA LYS B 199 27.52 -34.35 -11.74
C LYS B 199 27.74 -35.32 -10.57
N ASN B 200 27.37 -34.92 -9.36
CA ASN B 200 27.28 -35.83 -8.18
C ASN B 200 25.90 -35.76 -7.57
N SER B 201 25.49 -36.82 -6.89
CA SER B 201 24.23 -36.91 -6.10
C SER B 201 24.54 -37.51 -4.73
N VAL B 202 24.34 -36.74 -3.66
CA VAL B 202 24.92 -36.98 -2.30
C VAL B 202 23.77 -37.08 -1.30
N THR B 203 23.83 -38.05 -0.39
CA THR B 203 22.91 -38.20 0.77
C THR B 203 23.70 -37.90 2.06
N TYR B 204 23.18 -36.98 2.87
CA TYR B 204 23.78 -36.50 4.14
C TYR B 204 23.10 -37.24 5.29
N SER B 205 23.73 -37.27 6.48
CA SER B 205 23.17 -37.83 7.74
C SER B 205 21.87 -37.12 8.13
N CYS B 206 21.81 -35.78 7.98
CA CYS B 206 20.65 -34.92 8.36
C CYS B 206 19.36 -35.46 7.72
N CYS B 207 19.43 -35.82 6.43
CA CYS B 207 18.31 -35.75 5.47
C CYS B 207 18.24 -37.06 4.67
N PRO B 208 17.06 -37.69 4.50
CA PRO B 208 16.95 -38.94 3.75
C PRO B 208 17.03 -38.81 2.21
N GLU B 209 16.95 -37.59 1.69
CA GLU B 209 16.86 -37.25 0.25
C GLU B 209 18.29 -37.08 -0.28
N ALA B 210 18.47 -37.19 -1.60
CA ALA B 210 19.74 -36.91 -2.31
C ALA B 210 19.76 -35.47 -2.86
N TYR B 211 20.88 -34.78 -2.72
CA TYR B 211 21.17 -33.41 -3.23
C TYR B 211 22.16 -33.52 -4.39
N GLU B 212 21.83 -32.92 -5.53
CA GLU B 212 22.73 -32.91 -6.69
C GLU B 212 23.68 -31.72 -6.59
N ASP B 213 24.90 -31.90 -7.08
CA ASP B 213 25.89 -30.81 -7.22
C ASP B 213 26.67 -31.04 -8.52
N VAL B 214 27.25 -29.98 -9.04
CA VAL B 214 28.27 -30.05 -10.11
C VAL B 214 29.61 -29.86 -9.41
N GLU B 215 30.54 -30.75 -9.68
CA GLU B 215 31.95 -30.62 -9.22
C GLU B 215 32.77 -30.11 -10.40
N VAL B 216 33.36 -28.93 -10.25
CA VAL B 216 34.21 -28.29 -11.28
C VAL B 216 35.68 -28.42 -10.84
N SER B 217 36.48 -29.12 -11.62
CA SER B 217 37.95 -29.27 -11.40
C SER B 217 38.68 -28.24 -12.25
N LEU B 218 39.30 -27.27 -11.57
CA LEU B 218 40.16 -26.22 -12.19
C LEU B 218 41.61 -26.66 -12.03
N ASN B 219 42.22 -27.12 -13.12
CA ASN B 219 43.65 -27.49 -13.18
C ASN B 219 44.41 -26.27 -13.68
N PHE B 220 45.23 -25.67 -12.84
CA PHE B 220 45.91 -24.39 -13.15
C PHE B 220 47.30 -24.40 -12.54
N ARG B 221 48.17 -23.50 -13.00
CA ARG B 221 49.55 -23.38 -12.46
C ARG B 221 50.07 -21.95 -12.61
N LYS B 222 51.07 -21.60 -11.81
CA LYS B 222 51.85 -20.35 -11.93
C LYS B 222 52.58 -20.36 -13.28
N LYS B 223 52.53 -19.24 -14.00
CA LYS B 223 53.25 -19.06 -15.28
C LYS B 223 54.76 -18.98 -15.04
N GLY B 224 55.58 -19.53 -15.95
CA GLY B 224 57.00 -19.19 -16.18
C GLY B 224 57.73 -18.81 -14.91
N LEU C 20 -3.31 -28.33 -2.05
CA LEU C 20 -2.51 -27.09 -2.02
C LEU C 20 -1.27 -27.31 -2.87
N ASP C 21 -0.84 -26.30 -3.64
CA ASP C 21 0.48 -26.32 -4.32
C ASP C 21 1.46 -25.44 -3.53
N ARG C 22 2.74 -25.45 -3.94
CA ARG C 22 3.82 -24.68 -3.28
C ARG C 22 3.42 -23.21 -3.21
N ALA C 23 2.90 -22.67 -4.30
CA ALA C 23 2.52 -21.23 -4.41
C ALA C 23 1.51 -20.87 -3.31
N ASP C 24 0.51 -21.72 -3.09
CA ASP C 24 -0.55 -21.48 -2.07
C ASP C 24 0.06 -21.51 -0.66
N ILE C 25 0.84 -22.55 -0.35
CA ILE C 25 1.51 -22.74 0.97
C ILE C 25 2.40 -21.54 1.26
N LEU C 26 3.20 -21.11 0.28
CA LEU C 26 4.16 -19.98 0.50
C LEU C 26 3.38 -18.68 0.64
N TYR C 27 2.28 -18.48 -0.10
CA TYR C 27 1.40 -17.29 0.04
C TYR C 27 0.81 -17.27 1.46
N ASN C 28 0.27 -18.41 1.92
CA ASN C 28 -0.36 -18.54 3.26
C ASN C 28 0.68 -18.21 4.34
N ILE C 29 1.88 -18.76 4.22
CA ILE C 29 2.96 -18.54 5.23
C ILE C 29 3.34 -17.06 5.21
N ARG C 30 3.55 -16.46 4.04
CA ARG C 30 3.96 -15.04 3.95
C ARG C 30 2.85 -14.15 4.59
N GLN C 31 1.58 -14.48 4.39
CA GLN C 31 0.45 -13.61 4.80
C GLN C 31 0.19 -13.74 6.31
N THR C 32 0.49 -14.88 6.93
CA THR C 32 0.03 -15.20 8.30
C THR C 32 1.19 -15.54 9.25
N SER C 33 2.47 -15.58 8.88
CA SER C 33 3.47 -16.35 9.70
C SER C 33 3.86 -15.63 11.01
N ARG C 34 3.70 -14.30 11.09
CA ARG C 34 4.05 -13.46 12.27
CA ARG C 34 4.03 -13.48 12.27
C ARG C 34 5.52 -13.68 12.62
N PRO C 35 6.47 -13.16 11.82
CA PRO C 35 7.90 -13.39 12.07
C PRO C 35 8.40 -12.83 13.41
N ASP C 36 7.67 -11.87 13.96
CA ASP C 36 8.03 -11.16 15.22
CA ASP C 36 8.06 -11.17 15.23
C ASP C 36 7.50 -11.95 16.43
N VAL C 37 6.73 -13.04 16.22
CA VAL C 37 6.03 -13.73 17.34
C VAL C 37 6.62 -15.12 17.59
N ILE C 38 7.29 -15.28 18.73
CA ILE C 38 7.81 -16.59 19.21
C ILE C 38 6.64 -17.57 19.31
N PRO C 39 6.71 -18.76 18.67
CA PRO C 39 5.56 -19.67 18.64
C PRO C 39 5.43 -20.56 19.88
N THR C 40 5.28 -19.95 21.06
CA THR C 40 5.11 -20.65 22.36
C THR C 40 3.77 -21.37 22.33
N GLN C 41 3.75 -22.62 22.84
CA GLN C 41 2.52 -23.46 23.00
C GLN C 41 2.21 -23.51 24.49
N ARG C 42 1.04 -22.98 24.89
CA ARG C 42 0.46 -23.10 26.26
C ARG C 42 1.52 -22.69 27.29
N ASP C 43 2.17 -21.55 27.06
CA ASP C 43 3.19 -20.90 27.93
C ASP C 43 4.28 -21.90 28.34
N ARG C 44 4.63 -22.86 27.48
CA ARG C 44 5.88 -23.67 27.60
C ARG C 44 6.94 -23.03 26.71
N PRO C 45 8.24 -23.18 27.03
CA PRO C 45 9.29 -22.63 26.18
C PRO C 45 9.26 -23.29 24.78
N VAL C 46 9.66 -22.54 23.76
CA VAL C 46 9.94 -23.12 22.42
C VAL C 46 11.24 -23.92 22.51
N ALA C 47 11.19 -25.21 22.20
CA ALA C 47 12.37 -26.10 22.23
C ALA C 47 13.14 -25.93 20.92
N VAL C 48 14.29 -25.27 20.99
CA VAL C 48 15.22 -25.09 19.83
C VAL C 48 16.38 -26.08 19.97
N SER C 49 16.62 -26.90 18.95
CA SER C 49 17.84 -27.74 18.82
C SER C 49 18.89 -27.00 17.99
N VAL C 50 20.14 -27.02 18.46
CA VAL C 50 21.32 -26.45 17.77
C VAL C 50 22.42 -27.52 17.76
N SER C 51 22.99 -27.78 16.58
CA SER C 51 24.21 -28.59 16.37
C SER C 51 25.11 -27.90 15.35
N LEU C 52 26.37 -27.64 15.71
CA LEU C 52 27.38 -27.09 14.77
C LEU C 52 28.09 -28.24 14.04
N LYS C 53 28.07 -28.22 12.70
CA LYS C 53 28.88 -29.11 11.82
C LYS C 53 30.07 -28.29 11.34
N PHE C 54 31.28 -28.63 11.76
CA PHE C 54 32.49 -27.85 11.42
C PHE C 54 32.90 -28.18 9.99
N ILE C 55 33.15 -27.14 9.21
CA ILE C 55 33.54 -27.22 7.77
C ILE C 55 34.99 -26.79 7.62
N ASN C 56 35.44 -25.79 8.36
CA ASN C 56 36.83 -25.30 8.22
C ASN C 56 37.28 -24.54 9.47
N ILE C 57 38.58 -24.54 9.71
CA ILE C 57 39.27 -23.63 10.68
C ILE C 57 40.34 -22.89 9.86
N LEU C 58 40.27 -21.58 9.78
CA LEU C 58 40.94 -20.77 8.72
C LEU C 58 42.12 -19.98 9.25
N GLU C 59 41.97 -19.41 10.44
CA GLU C 59 43.00 -18.51 11.01
C GLU C 59 42.93 -18.75 12.51
N VAL C 60 44.05 -19.17 13.06
CA VAL C 60 44.18 -19.42 14.52
C VAL C 60 45.29 -18.49 14.98
N ASN C 61 45.12 -17.86 16.14
CA ASN C 61 46.16 -17.01 16.75
C ASN C 61 46.26 -17.40 18.23
N GLU C 62 47.32 -18.13 18.60
CA GLU C 62 47.54 -18.61 19.98
C GLU C 62 47.92 -17.43 20.90
N ILE C 63 48.47 -16.35 20.35
CA ILE C 63 48.85 -15.13 21.13
C ILE C 63 47.56 -14.41 21.58
N THR C 64 46.61 -14.16 20.66
CA THR C 64 45.39 -13.34 20.92
C THR C 64 44.22 -14.24 21.40
N ASN C 65 44.36 -15.56 21.29
CA ASN C 65 43.28 -16.52 21.62
C ASN C 65 42.04 -16.22 20.74
N GLU C 66 42.23 -16.15 19.42
CA GLU C 66 41.16 -15.90 18.43
C GLU C 66 41.20 -17.00 17.37
N VAL C 67 40.04 -17.47 16.93
CA VAL C 67 39.92 -18.46 15.80
C VAL C 67 38.86 -17.94 14.83
N ASP C 68 39.06 -18.21 13.55
CA ASP C 68 38.12 -17.98 12.44
C ASP C 68 37.63 -19.35 12.00
N VAL C 69 36.34 -19.65 12.16
CA VAL C 69 35.73 -20.97 11.90
C VAL C 69 34.61 -20.85 10.84
N VAL C 70 34.43 -21.89 10.05
CA VAL C 70 33.26 -22.06 9.14
C VAL C 70 32.48 -23.27 9.64
N PHE C 71 31.20 -23.08 9.95
CA PHE C 71 30.31 -24.17 10.44
C PHE C 71 28.93 -24.05 9.81
N TRP C 72 28.25 -25.17 9.68
CA TRP C 72 26.79 -25.24 9.45
C TRP C 72 26.11 -25.22 10.81
N GLN C 73 25.26 -24.23 11.06
CA GLN C 73 24.48 -24.11 12.31
C GLN C 73 23.12 -24.78 12.14
N GLN C 74 23.05 -26.09 12.31
CA GLN C 74 21.78 -26.86 12.19
C GLN C 74 20.85 -26.44 13.33
N THR C 75 19.74 -25.79 12.98
CA THR C 75 18.73 -25.22 13.92
C THR C 75 17.35 -25.79 13.58
N THR C 76 16.67 -26.38 14.55
CA THR C 76 15.32 -26.99 14.37
C THR C 76 14.41 -26.53 15.53
N TRP C 77 13.14 -26.32 15.21
CA TRP C 77 12.08 -25.98 16.18
C TRP C 77 10.74 -26.26 15.50
N SER C 78 9.66 -26.25 16.27
CA SER C 78 8.28 -26.39 15.75
C SER C 78 7.58 -25.04 15.77
N ASP C 79 6.89 -24.69 14.70
CA ASP C 79 5.94 -23.53 14.64
C ASP C 79 4.64 -24.03 14.00
N ARG C 80 3.68 -24.43 14.83
CA ARG C 80 2.37 -24.99 14.41
C ARG C 80 1.58 -24.01 13.53
N THR C 81 1.80 -22.69 13.66
CA THR C 81 1.09 -21.70 12.81
C THR C 81 1.50 -21.87 11.34
N LEU C 82 2.56 -22.63 11.02
CA LEU C 82 3.02 -22.85 9.62
C LEU C 82 2.36 -24.10 9.02
N ALA C 83 1.76 -24.96 9.84
CA ALA C 83 1.36 -26.34 9.45
C ALA C 83 0.28 -26.29 8.34
N TRP C 84 0.25 -27.27 7.45
CA TRP C 84 -0.84 -27.44 6.45
C TRP C 84 -1.16 -28.94 6.31
N ASN C 85 -2.33 -29.26 5.78
CA ASN C 85 -2.76 -30.65 5.47
C ASN C 85 -2.00 -31.07 4.20
N SER C 86 -1.14 -32.08 4.31
CA SER C 86 -0.22 -32.53 3.23
C SER C 86 -0.86 -33.54 2.26
N SER C 87 -2.16 -33.83 2.37
CA SER C 87 -2.76 -35.03 1.70
C SER C 87 -2.74 -35.03 0.15
N HIS C 88 -2.88 -33.93 -0.58
CA HIS C 88 -2.59 -33.81 -2.03
C HIS C 88 -1.57 -32.68 -2.29
N SER C 89 -0.55 -32.56 -1.45
CA SER C 89 0.25 -31.33 -1.25
C SER C 89 1.70 -31.71 -0.99
N PRO C 90 2.67 -30.82 -1.29
CA PRO C 90 4.05 -31.05 -0.86
C PRO C 90 4.14 -31.32 0.64
N ASP C 91 5.07 -32.18 1.06
CA ASP C 91 5.36 -32.50 2.48
C ASP C 91 6.24 -31.37 3.07
N GLN C 92 7.01 -30.67 2.24
CA GLN C 92 8.00 -29.66 2.65
C GLN C 92 8.09 -28.55 1.62
N VAL C 93 8.41 -27.33 2.07
CA VAL C 93 8.74 -26.19 1.17
C VAL C 93 9.97 -25.46 1.73
N SER C 94 10.65 -24.73 0.85
CA SER C 94 11.75 -23.80 1.15
C SER C 94 11.16 -22.40 1.28
N VAL C 95 11.44 -21.72 2.37
CA VAL C 95 10.82 -20.42 2.76
C VAL C 95 11.93 -19.44 3.12
N PRO C 96 11.91 -18.20 2.58
CA PRO C 96 12.85 -17.17 3.03
C PRO C 96 12.66 -16.93 4.54
N ILE C 97 13.76 -16.81 5.30
CA ILE C 97 13.65 -16.66 6.79
C ILE C 97 12.99 -15.32 7.14
N SER C 98 12.97 -14.35 6.23
CA SER C 98 12.22 -13.07 6.44
C SER C 98 10.71 -13.33 6.59
N SER C 99 10.18 -14.47 6.14
CA SER C 99 8.76 -14.84 6.26
C SER C 99 8.48 -15.73 7.48
N LEU C 100 9.47 -15.97 8.35
CA LEU C 100 9.36 -16.92 9.48
C LEU C 100 9.86 -16.26 10.75
N TRP C 101 9.28 -16.66 11.89
CA TRP C 101 9.99 -16.48 13.18
C TRP C 101 11.21 -17.39 13.16
N VAL C 102 12.36 -16.85 13.54
CA VAL C 102 13.62 -17.61 13.72
C VAL C 102 14.12 -17.27 15.12
N PRO C 103 14.70 -18.23 15.87
CA PRO C 103 15.27 -17.92 17.17
C PRO C 103 16.40 -16.88 17.04
N ASP C 104 16.48 -15.98 18.01
CA ASP C 104 17.50 -14.91 18.07
C ASP C 104 18.80 -15.47 18.69
N LEU C 105 19.41 -16.48 18.05
CA LEU C 105 20.65 -17.12 18.56
C LEU C 105 21.82 -16.18 18.31
N ALA C 106 22.71 -16.09 19.29
CA ALA C 106 24.01 -15.40 19.23
C ALA C 106 25.04 -16.34 19.85
N ALA C 107 26.26 -16.28 19.34
CA ALA C 107 27.42 -16.88 20.02
C ALA C 107 27.95 -15.83 21.00
N TYR C 108 27.91 -16.12 22.30
CA TYR C 108 28.26 -15.15 23.38
C TYR C 108 29.73 -14.73 23.25
N ASN C 109 30.62 -15.58 22.69
CA ASN C 109 32.08 -15.31 22.64
C ASN C 109 32.52 -14.98 21.19
N ALA C 110 31.60 -14.67 20.29
CA ALA C 110 31.89 -14.16 18.93
C ALA C 110 32.48 -12.76 19.04
N ILE C 111 33.48 -12.45 18.20
CA ILE C 111 34.10 -11.09 18.14
C ILE C 111 33.95 -10.52 16.72
N SER C 112 33.15 -11.16 15.88
CA SER C 112 32.74 -10.65 14.55
C SER C 112 31.27 -10.99 14.32
N LYS C 113 30.59 -10.25 13.44
CA LYS C 113 29.21 -10.56 12.99
C LYS C 113 29.27 -11.89 12.25
N PRO C 114 28.23 -12.73 12.35
CA PRO C 114 28.17 -13.94 11.54
C PRO C 114 28.13 -13.53 10.05
N GLU C 115 29.07 -14.03 9.25
CA GLU C 115 29.06 -13.93 7.77
C GLU C 115 28.30 -15.15 7.24
N VAL C 116 27.07 -14.96 6.77
CA VAL C 116 26.22 -16.07 6.24
C VAL C 116 26.60 -16.29 4.78
N LEU C 117 27.09 -17.48 4.44
CA LEU C 117 27.68 -17.78 3.11
C LEU C 117 26.61 -18.33 2.17
N THR C 118 25.45 -18.74 2.68
CA THR C 118 24.44 -19.55 1.96
C THR C 118 23.13 -18.77 1.80
N PRO C 119 22.27 -19.15 0.83
CA PRO C 119 20.95 -18.55 0.67
C PRO C 119 20.13 -18.67 1.97
N GLN C 120 19.42 -17.61 2.35
CA GLN C 120 18.74 -17.51 3.66
C GLN C 120 17.32 -18.09 3.56
N LEU C 121 17.26 -19.39 3.33
CA LEU C 121 16.03 -20.21 3.21
C LEU C 121 16.04 -21.26 4.33
N ALA C 122 14.89 -21.53 4.94
CA ALA C 122 14.66 -22.68 5.83
C ALA C 122 13.77 -23.72 5.12
N ARG C 123 13.80 -24.97 5.58
CA ARG C 123 12.82 -25.99 5.13
C ARG C 123 11.73 -26.09 6.19
N VAL C 124 10.48 -26.00 5.74
CA VAL C 124 9.29 -26.14 6.62
C VAL C 124 8.56 -27.40 6.19
N VAL C 125 8.33 -28.29 7.14
CA VAL C 125 7.56 -29.55 6.97
C VAL C 125 6.08 -29.23 7.26
N SER C 126 5.16 -29.97 6.64
CA SER C 126 3.69 -29.74 6.72
C SER C 126 3.19 -29.76 8.17
N ASP C 127 3.90 -30.42 9.09
CA ASP C 127 3.51 -30.46 10.54
C ASP C 127 4.02 -29.21 11.29
N GLY C 128 4.77 -28.31 10.64
CA GLY C 128 5.27 -27.07 11.28
C GLY C 128 6.68 -27.18 11.83
N GLU C 129 7.37 -28.30 11.63
CA GLU C 129 8.82 -28.41 11.95
C GLU C 129 9.60 -27.52 10.97
N VAL C 130 10.53 -26.73 11.48
CA VAL C 130 11.44 -25.87 10.67
C VAL C 130 12.88 -26.38 10.82
N LEU C 131 13.60 -26.51 9.70
CA LEU C 131 15.06 -26.72 9.71
C LEU C 131 15.73 -25.53 9.01
N TYR C 132 16.56 -24.79 9.74
CA TYR C 132 17.37 -23.67 9.19
C TYR C 132 18.83 -24.04 9.43
N MET C 133 19.61 -24.15 8.35
CA MET C 133 21.03 -24.58 8.42
C MET C 133 21.90 -23.66 7.58
N PRO C 134 22.17 -22.43 8.04
CA PRO C 134 23.09 -21.55 7.34
C PRO C 134 24.54 -22.01 7.53
N SER C 135 25.37 -21.81 6.51
CA SER C 135 26.83 -21.91 6.60
C SER C 135 27.34 -20.54 7.04
N ILE C 136 28.07 -20.50 8.14
CA ILE C 136 28.50 -19.25 8.81
C ILE C 136 30.02 -19.27 8.94
N ARG C 137 30.65 -18.16 8.56
CA ARG C 137 32.04 -17.85 8.95
C ARG C 137 32.02 -16.78 10.03
N GLN C 138 32.67 -17.03 11.15
CA GLN C 138 32.65 -16.14 12.34
C GLN C 138 33.96 -16.31 13.12
N ARG C 139 34.39 -15.24 13.78
CA ARG C 139 35.61 -15.20 14.62
C ARG C 139 35.19 -15.27 16.11
N PHE C 140 35.92 -16.05 16.91
CA PHE C 140 35.65 -16.29 18.34
C PHE C 140 36.88 -16.00 19.20
N SER C 141 36.62 -15.53 20.42
CA SER C 141 37.56 -15.46 21.56
C SER C 141 37.42 -16.77 22.33
N CYS C 142 38.43 -17.62 22.31
CA CYS C 142 38.39 -18.93 23.05
C CYS C 142 39.82 -19.41 23.32
N ASP C 143 39.95 -20.51 24.05
CA ASP C 143 41.27 -21.04 24.45
C ASP C 143 41.94 -21.73 23.26
N VAL C 144 42.97 -21.09 22.71
CA VAL C 144 43.76 -21.61 21.55
C VAL C 144 45.06 -22.28 22.05
N SER C 145 45.34 -22.26 23.37
CA SER C 145 46.58 -22.85 23.95
C SER C 145 46.64 -24.35 23.63
N GLY C 146 47.79 -24.81 23.17
CA GLY C 146 48.08 -26.22 22.88
C GLY C 146 47.75 -26.60 21.45
N VAL C 147 47.41 -25.62 20.59
CA VAL C 147 46.96 -25.89 19.20
C VAL C 147 48.06 -26.63 18.41
N ASP C 148 49.34 -26.35 18.71
CA ASP C 148 50.52 -26.93 18.00
C ASP C 148 51.09 -28.11 18.79
N THR C 149 50.30 -28.77 19.66
CA THR C 149 50.72 -29.97 20.43
C THR C 149 49.83 -31.14 20.02
N GLU C 150 50.17 -32.34 20.48
CA GLU C 150 49.50 -33.59 20.09
C GLU C 150 48.08 -33.59 20.64
N SER C 151 47.86 -33.11 21.86
CA SER C 151 46.53 -33.13 22.52
C SER C 151 45.68 -31.95 22.05
N GLY C 152 46.30 -30.93 21.43
CA GLY C 152 45.62 -29.86 20.69
C GLY C 152 44.99 -28.83 21.60
N ALA C 153 44.26 -27.87 21.04
CA ALA C 153 43.50 -26.84 21.78
C ALA C 153 42.05 -27.31 21.94
N THR C 154 41.36 -26.78 22.96
CA THR C 154 39.90 -26.94 23.15
C THR C 154 39.26 -25.55 23.20
N CYS C 155 38.61 -25.17 22.10
CA CYS C 155 37.88 -23.89 21.91
C CYS C 155 36.41 -24.14 22.21
N ARG C 156 35.85 -23.48 23.22
CA ARG C 156 34.42 -23.57 23.59
C ARG C 156 33.65 -22.41 22.92
N ILE C 157 32.63 -22.74 22.13
CA ILE C 157 31.68 -21.76 21.51
C ILE C 157 30.32 -21.93 22.21
N LYS C 158 29.78 -20.83 22.73
CA LYS C 158 28.49 -20.84 23.50
C LYS C 158 27.43 -20.14 22.66
N ILE C 159 26.35 -20.85 22.31
CA ILE C 159 25.24 -20.32 21.45
C ILE C 159 23.92 -20.44 22.20
N GLY C 160 23.19 -19.33 22.36
CA GLY C 160 21.83 -19.33 22.92
C GLY C 160 21.05 -18.10 22.48
N SER C 161 19.81 -17.98 22.94
CA SER C 161 18.92 -16.83 22.69
C SER C 161 19.57 -15.57 23.26
N TRP C 162 19.59 -14.49 22.48
CA TRP C 162 20.08 -13.18 22.98
C TRP C 162 19.06 -12.57 23.94
N THR C 163 17.75 -12.75 23.75
CA THR C 163 16.75 -11.97 24.54
C THR C 163 15.69 -12.85 25.20
N HIS C 164 15.60 -14.14 24.90
CA HIS C 164 14.56 -15.04 25.48
CA HIS C 164 14.56 -15.04 25.48
C HIS C 164 15.21 -15.94 26.54
N HIS C 165 14.79 -15.82 27.80
CA HIS C 165 15.30 -16.66 28.91
C HIS C 165 14.62 -18.04 28.85
N SER C 166 14.98 -18.91 29.79
CA SER C 166 14.68 -20.37 29.80
C SER C 166 13.18 -20.66 29.81
N ARG C 167 12.33 -19.74 30.27
CA ARG C 167 10.86 -19.97 30.27
C ARG C 167 10.27 -19.71 28.87
N GLU C 168 11.04 -19.09 27.96
CA GLU C 168 10.56 -18.71 26.61
C GLU C 168 11.27 -19.53 25.52
N ILE C 169 12.59 -19.68 25.61
CA ILE C 169 13.37 -20.58 24.70
C ILE C 169 14.22 -21.52 25.54
N SER C 170 14.17 -22.81 25.21
CA SER C 170 15.13 -23.82 25.68
C SER C 170 15.98 -24.23 24.48
N VAL C 171 17.29 -24.30 24.68
CA VAL C 171 18.25 -24.67 23.60
C VAL C 171 18.87 -25.96 24.07
N ASP C 172 18.89 -26.96 23.19
CA ASP C 172 19.44 -28.31 23.46
C ASP C 172 20.32 -28.71 22.30
N PRO C 173 21.36 -29.51 22.53
CA PRO C 173 22.05 -30.17 21.42
C PRO C 173 21.07 -31.17 20.84
N THR C 174 21.22 -31.49 19.56
CA THR C 174 20.45 -32.55 18.87
C THR C 174 20.86 -33.89 19.45
N THR C 175 20.00 -34.90 19.32
CA THR C 175 20.15 -36.24 19.93
C THR C 175 21.29 -36.97 19.20
N GLU C 176 21.47 -36.68 17.91
CA GLU C 176 22.55 -37.23 17.05
C GLU C 176 23.60 -36.13 16.80
N ASN C 177 24.87 -36.40 17.09
CA ASN C 177 25.99 -35.56 16.62
C ASN C 177 27.01 -36.42 15.85
N SER C 178 26.57 -37.48 15.17
CA SER C 178 27.44 -38.46 14.45
C SER C 178 28.33 -37.79 13.40
N ASP C 179 27.85 -36.68 12.84
CA ASP C 179 28.36 -36.05 11.59
C ASP C 179 29.05 -34.70 11.84
N ASP C 180 29.34 -34.37 13.08
CA ASP C 180 29.92 -33.06 13.52
C ASP C 180 31.24 -32.76 12.78
N SER C 181 31.99 -33.77 12.34
CA SER C 181 33.27 -33.54 11.59
C SER C 181 33.24 -34.17 10.18
N GLU C 182 32.12 -34.78 9.80
CA GLU C 182 31.97 -35.55 8.53
C GLU C 182 32.22 -34.64 7.33
N TYR C 183 31.94 -33.34 7.44
CA TYR C 183 31.96 -32.34 6.35
C TYR C 183 33.19 -31.42 6.50
N PHE C 184 34.14 -31.73 7.39
CA PHE C 184 35.33 -30.88 7.63
C PHE C 184 36.24 -30.93 6.40
N SER C 185 36.76 -29.77 5.96
CA SER C 185 37.66 -29.67 4.79
C SER C 185 38.94 -30.48 5.07
N GLN C 186 39.28 -31.41 4.20
CA GLN C 186 40.57 -32.14 4.21
C GLN C 186 41.72 -31.18 3.89
N TYR C 187 41.45 -29.95 3.43
CA TYR C 187 42.51 -28.99 2.99
C TYR C 187 42.81 -27.93 4.06
N SER C 188 42.10 -27.93 5.19
CA SER C 188 42.43 -27.08 6.36
C SER C 188 43.85 -27.36 6.84
N ARG C 189 44.53 -26.38 7.42
CA ARG C 189 45.82 -26.58 8.13
C ARG C 189 45.58 -27.33 9.44
N PHE C 190 44.33 -27.41 9.89
CA PHE C 190 43.98 -27.97 11.21
C PHE C 190 43.18 -29.26 11.00
N GLU C 191 43.14 -30.07 12.05
CA GLU C 191 42.33 -31.32 12.08
C GLU C 191 41.60 -31.36 13.40
N ILE C 192 40.47 -32.03 13.39
CA ILE C 192 39.54 -32.14 14.56
C ILE C 192 39.86 -33.45 15.28
N LEU C 193 40.13 -33.38 16.58
CA LEU C 193 40.34 -34.57 17.44
C LEU C 193 39.00 -35.00 18.01
N ASP C 194 38.13 -34.05 18.36
CA ASP C 194 36.85 -34.34 19.06
C ASP C 194 35.94 -33.09 19.02
N VAL C 195 34.64 -33.32 18.99
CA VAL C 195 33.62 -32.26 19.22
C VAL C 195 32.62 -32.80 20.23
N THR C 196 32.36 -32.07 21.30
CA THR C 196 31.22 -32.35 22.22
C THR C 196 30.33 -31.12 22.27
N GLN C 197 29.03 -31.35 22.41
CA GLN C 197 27.98 -30.29 22.38
C GLN C 197 27.07 -30.59 23.56
N LYS C 198 27.01 -29.71 24.57
CA LYS C 198 26.32 -30.00 25.85
C LYS C 198 25.50 -28.77 26.23
N LYS C 199 24.46 -28.98 27.04
CA LYS C 199 23.51 -27.91 27.45
C LYS C 199 24.07 -27.18 28.66
N ASN C 200 24.02 -25.85 28.67
CA ASN C 200 24.42 -25.01 29.82
C ASN C 200 23.28 -24.03 30.09
N SER C 201 23.47 -23.26 31.15
CA SER C 201 22.70 -22.10 31.59
C SER C 201 23.71 -20.99 31.95
N VAL C 202 23.40 -19.77 31.51
CA VAL C 202 24.04 -18.53 32.05
C VAL C 202 23.00 -17.70 32.83
N THR C 203 23.37 -17.33 34.06
CA THR C 203 22.76 -16.28 34.88
C THR C 203 23.90 -15.29 35.14
N TYR C 204 23.67 -13.97 34.99
CA TYR C 204 24.51 -12.90 35.59
C TYR C 204 23.91 -12.46 36.92
N SER C 205 24.74 -11.93 37.81
CA SER C 205 24.37 -11.61 39.23
C SER C 205 23.29 -10.53 39.26
N CYS C 206 23.37 -9.52 38.38
CA CYS C 206 22.42 -8.37 38.25
C CYS C 206 20.97 -8.87 38.19
N CYS C 207 20.72 -9.91 37.39
CA CYS C 207 19.46 -10.18 36.66
C CYS C 207 19.04 -11.64 36.86
N PRO C 208 17.79 -11.90 37.27
CA PRO C 208 17.45 -13.20 37.89
C PRO C 208 17.23 -14.35 36.90
N GLU C 209 17.10 -14.07 35.59
CA GLU C 209 16.66 -15.12 34.62
C GLU C 209 17.90 -15.87 34.11
N ALA C 210 17.73 -17.16 33.84
CA ALA C 210 18.74 -18.02 33.20
C ALA C 210 18.46 -18.06 31.68
N TYR C 211 19.54 -17.95 30.91
CA TYR C 211 19.55 -18.11 29.43
C TYR C 211 20.22 -19.44 29.12
N GLU C 212 19.55 -20.32 28.39
CA GLU C 212 20.12 -21.64 28.07
C GLU C 212 20.94 -21.51 26.79
N ASP C 213 22.03 -22.27 26.73
CA ASP C 213 22.98 -22.22 25.61
C ASP C 213 23.44 -23.65 25.36
N VAL C 214 23.93 -23.87 24.14
CA VAL C 214 24.71 -25.08 23.79
C VAL C 214 26.17 -24.65 23.84
N GLU C 215 26.96 -25.44 24.57
CA GLU C 215 28.42 -25.23 24.64
C GLU C 215 29.03 -26.28 23.71
N VAL C 216 29.73 -25.82 22.68
CA VAL C 216 30.38 -26.70 21.68
C VAL C 216 31.88 -26.63 21.96
N SER C 217 32.46 -27.78 22.35
CA SER C 217 33.90 -27.92 22.67
C SER C 217 34.59 -28.53 21.45
N LEU C 218 35.38 -27.71 20.76
CA LEU C 218 36.11 -28.08 19.52
C LEU C 218 37.55 -28.36 19.94
N ASN C 219 37.93 -29.64 19.98
CA ASN C 219 39.31 -30.07 20.27
C ASN C 219 39.99 -30.28 18.92
N PHE C 220 40.96 -29.43 18.60
CA PHE C 220 41.59 -29.41 17.26
C PHE C 220 43.07 -29.07 17.42
N ARG C 221 43.85 -29.34 16.38
CA ARG C 221 45.30 -29.02 16.39
C ARG C 221 45.78 -28.78 14.95
N LYS C 222 46.93 -28.10 14.84
CA LYS C 222 47.70 -27.94 13.59
C LYS C 222 48.15 -29.32 13.11
N LYS C 223 48.00 -29.61 11.83
CA LYS C 223 48.45 -30.89 11.21
C LYS C 223 49.98 -30.95 11.17
N GLY C 224 50.55 -32.14 11.41
CA GLY C 224 51.97 -32.48 11.15
C GLY C 224 52.48 -31.85 9.86
N LEU D 20 -4.21 -10.61 27.27
CA LEU D 20 -3.44 -10.40 26.03
C LEU D 20 -2.41 -11.52 25.91
N ASP D 21 -2.18 -12.03 24.70
CA ASP D 21 -1.01 -12.93 24.45
C ASP D 21 0.09 -12.12 23.73
N ARG D 22 1.25 -12.75 23.53
CA ARG D 22 2.43 -12.15 22.89
C ARG D 22 2.04 -11.61 21.52
N ALA D 23 1.28 -12.39 20.75
CA ALA D 23 0.87 -12.02 19.37
C ALA D 23 0.10 -10.69 19.40
N ASP D 24 -0.81 -10.51 20.35
CA ASP D 24 -1.64 -9.27 20.47
C ASP D 24 -0.75 -8.08 20.81
N ILE D 25 0.10 -8.22 21.82
CA ILE D 25 1.03 -7.15 22.29
C ILE D 25 1.94 -6.73 21.14
N LEU D 26 2.52 -7.71 20.43
CA LEU D 26 3.47 -7.40 19.34
C LEU D 26 2.71 -6.76 18.16
N TYR D 27 1.48 -7.21 17.87
CA TYR D 27 0.61 -6.59 16.82
C TYR D 27 0.35 -5.13 17.20
N ASN D 28 -0.05 -4.86 18.44
CA ASN D 28 -0.38 -3.49 18.93
C ASN D 28 0.86 -2.60 18.81
N ILE D 29 2.03 -3.09 19.22
CA ILE D 29 3.30 -2.31 19.16
C ILE D 29 3.65 -2.03 17.69
N ARG D 30 3.58 -3.04 16.83
CA ARG D 30 3.92 -2.87 15.39
C ARG D 30 2.97 -1.84 14.74
N GLN D 31 1.68 -1.87 15.10
CA GLN D 31 0.63 -1.06 14.42
C GLN D 31 0.68 0.40 14.91
N THR D 32 1.15 0.67 16.12
CA THR D 32 1.11 2.03 16.73
C THR D 32 2.52 2.55 17.02
N SER D 33 3.50 1.82 16.48
CA SER D 33 4.94 2.14 16.51
C SER D 33 5.19 3.44 15.76
N ARG D 34 5.65 4.44 16.48
CA ARG D 34 6.18 5.75 15.99
C ARG D 34 7.67 5.74 16.27
N PRO D 35 8.50 4.97 15.53
CA PRO D 35 9.93 4.85 15.85
C PRO D 35 10.71 6.17 15.70
N ASP D 36 10.15 7.12 14.97
CA ASP D 36 10.77 8.45 14.70
CA ASP D 36 10.74 8.45 14.68
C ASP D 36 10.40 9.42 15.83
N VAL D 37 9.54 9.04 16.78
CA VAL D 37 8.99 10.00 17.80
C VAL D 37 9.56 9.72 19.20
N ILE D 38 10.40 10.61 19.70
CA ILE D 38 10.95 10.56 21.08
C ILE D 38 9.78 10.55 22.06
N PRO D 39 9.68 9.58 22.99
CA PRO D 39 8.53 9.51 23.91
C PRO D 39 8.66 10.42 25.14
N THR D 40 8.80 11.73 24.94
CA THR D 40 8.84 12.74 26.02
C THR D 40 7.47 12.76 26.72
N GLN D 41 7.47 12.85 28.05
CA GLN D 41 6.25 12.98 28.90
C GLN D 41 6.23 14.43 29.42
N ARG D 42 5.19 15.19 29.06
CA ARG D 42 4.90 16.55 29.57
C ARG D 42 6.16 17.42 29.45
N ASP D 43 6.82 17.37 28.28
CA ASP D 43 8.03 18.15 27.90
C ASP D 43 9.12 18.05 28.99
N ARG D 44 9.24 16.90 29.66
CA ARG D 44 10.43 16.55 30.47
C ARG D 44 11.34 15.66 29.61
N PRO D 45 12.67 15.65 29.83
CA PRO D 45 13.56 14.84 29.00
C PRO D 45 13.26 13.35 29.18
N VAL D 46 13.50 12.54 28.16
CA VAL D 46 13.57 11.07 28.33
C VAL D 46 14.86 10.75 29.06
N ALA D 47 14.76 10.10 30.22
CA ALA D 47 15.93 9.65 31.02
C ALA D 47 16.44 8.34 30.43
N VAL D 48 17.59 8.38 29.76
CA VAL D 48 18.26 7.18 29.19
C VAL D 48 19.41 6.78 30.12
N SER D 49 19.44 5.53 30.58
CA SER D 49 20.58 4.92 31.30
C SER D 49 21.47 4.18 30.31
N VAL D 50 22.78 4.38 30.42
CA VAL D 50 23.81 3.69 29.62
C VAL D 50 24.86 3.13 30.57
N SER D 51 25.16 1.84 30.46
CA SER D 51 26.34 1.20 31.09
C SER D 51 26.99 0.25 30.07
N LEU D 52 28.29 0.40 29.85
CA LEU D 52 29.08 -0.54 29.00
C LEU D 52 29.60 -1.66 29.89
N LYS D 53 29.32 -2.91 29.51
CA LYS D 53 29.95 -4.12 30.08
C LYS D 53 31.01 -4.57 29.08
N PHE D 54 32.29 -4.49 29.45
CA PHE D 54 33.40 -4.85 28.54
C PHE D 54 33.50 -6.36 28.49
N ILE D 55 33.59 -6.88 27.26
CA ILE D 55 33.66 -8.33 26.96
C ILE D 55 35.07 -8.67 26.48
N ASN D 56 35.67 -7.78 25.67
CA ASN D 56 37.00 -8.09 25.14
C ASN D 56 37.70 -6.79 24.73
N ILE D 57 39.03 -6.85 24.76
CA ILE D 57 39.94 -5.83 24.15
C ILE D 57 40.81 -6.61 23.17
N LEU D 58 40.73 -6.24 21.89
CA LEU D 58 41.19 -7.13 20.78
C LEU D 58 42.47 -6.61 20.14
N GLU D 59 42.63 -5.31 19.98
CA GLU D 59 43.78 -4.71 19.27
C GLU D 59 44.01 -3.38 19.96
N VAL D 60 45.21 -3.20 20.47
CA VAL D 60 45.65 -1.95 21.14
C VAL D 60 46.86 -1.47 20.35
N ASN D 61 46.96 -0.18 20.10
CA ASN D 61 48.12 0.41 19.37
C ASN D 61 48.54 1.66 20.16
N GLU D 62 49.65 1.56 20.90
CA GLU D 62 50.15 2.64 21.78
C GLU D 62 50.74 3.77 20.91
N ILE D 63 51.18 3.47 19.69
CA ILE D 63 51.73 4.49 18.74
C ILE D 63 50.58 5.40 18.27
N THR D 64 49.47 4.83 17.80
CA THR D 64 48.34 5.59 17.17
C THR D 64 47.29 6.00 18.22
N ASN D 65 47.37 5.48 19.44
CA ASN D 65 46.35 5.68 20.49
C ASN D 65 44.96 5.23 19.97
N GLU D 66 44.87 3.99 19.49
CA GLU D 66 43.61 3.39 18.99
C GLU D 66 43.39 2.05 19.69
N VAL D 67 42.15 1.75 20.05
CA VAL D 67 41.75 0.45 20.66
C VAL D 67 40.54 -0.11 19.92
N ASP D 68 40.48 -1.42 19.81
CA ASP D 68 39.33 -2.19 19.27
C ASP D 68 38.72 -2.93 20.47
N VAL D 69 37.48 -2.60 20.82
CA VAL D 69 36.79 -3.15 22.02
C VAL D 69 35.50 -3.87 21.61
N VAL D 70 35.15 -4.91 22.37
CA VAL D 70 33.79 -5.53 22.34
C VAL D 70 33.12 -5.26 23.68
N PHE D 71 31.94 -4.62 23.64
CA PHE D 71 31.15 -4.30 24.86
C PHE D 71 29.66 -4.56 24.61
N TRP D 72 28.96 -4.92 25.69
CA TRP D 72 27.49 -4.91 25.73
C TRP D 72 27.05 -3.52 26.18
N GLN D 73 26.29 -2.82 25.34
CA GLN D 73 25.84 -1.43 25.62
C GLN D 73 24.45 -1.49 26.25
N GLN D 74 24.38 -1.69 27.57
CA GLN D 74 23.11 -1.77 28.31
C GLN D 74 22.44 -0.38 28.28
N THR D 75 21.31 -0.29 27.58
CA THR D 75 20.53 0.95 27.36
C THR D 75 19.10 0.74 27.87
N THR D 76 18.61 1.59 28.76
CA THR D 76 17.24 1.52 29.31
C THR D 76 16.60 2.91 29.26
N TRP D 77 15.29 2.93 29.00
CA TRP D 77 14.46 4.16 29.01
C TRP D 77 13.01 3.72 29.13
N SER D 78 12.11 4.67 29.40
CA SER D 78 10.65 4.41 29.46
C SER D 78 9.99 4.95 28.19
N ASP D 79 9.08 4.16 27.60
CA ASP D 79 8.16 4.60 26.53
C ASP D 79 6.76 4.10 26.91
N ARG D 80 5.98 4.98 27.55
CA ARG D 80 4.63 4.65 28.10
C ARG D 80 3.68 4.24 26.96
N THR D 81 3.90 4.68 25.72
CA THR D 81 3.02 4.31 24.58
C THR D 81 3.13 2.80 24.31
N LEU D 82 4.11 2.09 24.88
CA LEU D 82 4.29 0.62 24.67
C LEU D 82 3.55 -0.18 25.75
N ALA D 83 3.13 0.46 26.84
CA ALA D 83 2.69 -0.22 28.09
C ALA D 83 1.40 -1.02 27.81
N TRP D 84 1.20 -2.13 28.51
CA TRP D 84 -0.06 -2.91 28.45
C TRP D 84 -0.41 -3.39 29.87
N ASN D 85 -1.66 -3.77 30.09
CA ASN D 85 -2.13 -4.36 31.37
C ASN D 85 -1.62 -5.80 31.41
N SER D 86 -0.75 -6.13 32.37
CA SER D 86 -0.03 -7.43 32.46
C SER D 86 -0.84 -8.50 33.22
N SER D 87 -2.08 -8.22 33.62
CA SER D 87 -2.99 -9.21 34.23
C SER D 87 -3.30 -10.31 33.20
N HIS D 88 -3.01 -11.56 33.53
CA HIS D 88 -3.05 -12.76 32.65
C HIS D 88 -2.46 -12.47 31.28
N SER D 89 -1.30 -11.81 31.29
CA SER D 89 -0.51 -11.45 30.09
C SER D 89 0.98 -11.58 30.41
N PRO D 90 1.84 -11.77 29.39
CA PRO D 90 3.29 -11.70 29.59
C PRO D 90 3.71 -10.41 30.30
N ASP D 91 4.75 -10.48 31.13
CA ASP D 91 5.36 -9.30 31.80
C ASP D 91 6.29 -8.58 30.81
N GLN D 92 6.84 -9.30 29.83
CA GLN D 92 7.90 -8.81 28.91
C GLN D 92 7.74 -9.47 27.54
N VAL D 93 8.14 -8.77 26.48
CA VAL D 93 8.25 -9.33 25.11
C VAL D 93 9.55 -8.83 24.48
N SER D 94 10.00 -9.57 23.46
CA SER D 94 11.15 -9.22 22.59
C SER D 94 10.58 -8.53 21.34
N VAL D 95 11.09 -7.34 21.02
CA VAL D 95 10.59 -6.49 19.91
C VAL D 95 11.76 -6.10 19.01
N PRO D 96 11.66 -6.20 17.68
CA PRO D 96 12.68 -5.66 16.79
C PRO D 96 12.84 -4.15 17.02
N ILE D 97 14.06 -3.63 17.08
CA ILE D 97 14.27 -2.17 17.38
C ILE D 97 13.74 -1.34 16.20
N SER D 98 13.56 -1.92 15.01
CA SER D 98 12.92 -1.21 13.86
C SER D 98 11.47 -0.83 14.19
N SER D 99 10.83 -1.47 15.17
CA SER D 99 9.43 -1.15 15.61
C SER D 99 9.39 -0.19 16.80
N LEU D 100 10.52 0.35 17.25
CA LEU D 100 10.62 1.13 18.51
C LEU D 100 11.40 2.40 18.23
N TRP D 101 11.06 3.48 18.93
CA TRP D 101 12.01 4.59 19.13
C TRP D 101 13.17 4.06 19.98
N VAL D 102 14.38 4.36 19.55
CA VAL D 102 15.64 4.08 20.28
C VAL D 102 16.41 5.39 20.34
N PRO D 103 17.09 5.71 21.45
CA PRO D 103 17.89 6.92 21.53
C PRO D 103 19.02 6.88 20.47
N ASP D 104 19.31 8.04 19.89
CA ASP D 104 20.34 8.22 18.83
C ASP D 104 21.72 8.39 19.49
N LEU D 105 22.18 7.37 20.23
CA LEU D 105 23.48 7.42 20.94
C LEU D 105 24.62 7.25 19.93
N ALA D 106 25.68 8.03 20.10
CA ALA D 106 26.95 7.92 19.37
C ALA D 106 28.09 8.03 20.37
N ALA D 107 29.19 7.31 20.11
CA ALA D 107 30.44 7.49 20.84
C ALA D 107 31.23 8.61 20.15
N TYR D 108 31.46 9.74 20.83
CA TYR D 108 32.06 10.96 20.24
C TYR D 108 33.49 10.68 19.76
N ASN D 109 34.21 9.71 20.33
CA ASN D 109 35.64 9.44 20.00
C ASN D 109 35.77 8.11 19.23
N ALA D 110 34.68 7.55 18.70
CA ALA D 110 34.71 6.37 17.80
C ALA D 110 35.36 6.78 16.48
N ILE D 111 36.15 5.89 15.89
CA ILE D 111 36.77 6.09 14.54
C ILE D 111 36.32 4.98 13.59
N SER D 112 35.33 4.19 13.99
CA SER D 112 34.66 3.18 13.11
C SER D 112 33.17 3.17 13.44
N LYS D 113 32.33 2.71 12.51
CA LYS D 113 30.88 2.48 12.75
C LYS D 113 30.75 1.40 13.82
N PRO D 114 29.73 1.48 14.69
CA PRO D 114 29.48 0.36 15.62
C PRO D 114 29.10 -0.88 14.79
N GLU D 115 29.83 -1.98 14.97
CA GLU D 115 29.54 -3.30 14.38
C GLU D 115 28.67 -4.04 15.40
N VAL D 116 27.36 -4.17 15.13
CA VAL D 116 26.42 -4.85 16.05
C VAL D 116 26.52 -6.34 15.78
N LEU D 117 26.91 -7.13 16.78
CA LEU D 117 27.24 -8.57 16.62
C LEU D 117 25.98 -9.42 16.87
N THR D 118 24.94 -8.86 17.49
CA THR D 118 23.80 -9.63 18.05
C THR D 118 22.51 -9.28 17.31
N PRO D 119 21.46 -10.14 17.41
CA PRO D 119 20.13 -9.82 16.89
C PRO D 119 19.60 -8.51 17.49
N GLN D 120 18.99 -7.68 16.64
CA GLN D 120 18.61 -6.29 16.98
C GLN D 120 17.18 -6.31 17.55
N LEU D 121 17.04 -6.95 18.72
CA LEU D 121 15.80 -7.05 19.52
C LEU D 121 16.02 -6.36 20.87
N ALA D 122 15.04 -5.62 21.37
CA ALA D 122 14.99 -5.08 22.74
C ALA D 122 13.96 -5.86 23.55
N ARG D 123 14.05 -5.80 24.88
CA ARG D 123 13.01 -6.33 25.80
C ARG D 123 12.14 -5.16 26.23
N VAL D 124 10.83 -5.32 26.10
CA VAL D 124 9.85 -4.31 26.56
C VAL D 124 9.06 -4.94 27.70
N VAL D 125 9.06 -4.27 28.84
CA VAL D 125 8.29 -4.63 30.06
C VAL D 125 6.90 -3.99 29.94
N SER D 126 5.88 -4.62 30.53
CA SER D 126 4.45 -4.21 30.45
C SER D 126 4.24 -2.77 30.90
N ASP D 127 5.13 -2.21 31.73
CA ASP D 127 5.03 -0.80 32.20
C ASP D 127 5.67 0.17 31.20
N GLY D 128 6.26 -0.32 30.10
CA GLY D 128 6.83 0.56 29.06
C GLY D 128 8.33 0.79 29.22
N GLU D 129 8.98 0.15 30.18
CA GLU D 129 10.45 0.12 30.26
C GLU D 129 11.00 -0.69 29.08
N VAL D 130 12.01 -0.15 28.40
CA VAL D 130 12.74 -0.83 27.30
C VAL D 130 14.16 -1.10 27.76
N LEU D 131 14.65 -2.32 27.54
CA LEU D 131 16.07 -2.68 27.71
C LEU D 131 16.61 -3.13 26.34
N TYR D 132 17.57 -2.39 25.79
CA TYR D 132 18.29 -2.74 24.55
C TYR D 132 19.75 -2.92 24.93
N MET D 133 20.29 -4.12 24.71
CA MET D 133 21.67 -4.47 25.07
C MET D 133 22.35 -5.17 23.90
N PRO D 134 22.73 -4.42 22.84
CA PRO D 134 23.51 -5.00 21.74
C PRO D 134 24.94 -5.26 22.19
N SER D 135 25.55 -6.32 21.63
CA SER D 135 27.01 -6.52 21.64
C SER D 135 27.60 -5.75 20.48
N ILE D 136 28.54 -4.86 20.77
CA ILE D 136 29.14 -3.93 19.77
C ILE D 136 30.66 -4.14 19.75
N ARG D 137 31.20 -4.26 18.55
CA ARG D 137 32.66 -4.10 18.31
C ARG D 137 32.87 -2.75 17.63
N GLN D 138 33.76 -1.93 18.17
CA GLN D 138 34.01 -0.56 17.69
C GLN D 138 35.45 -0.16 18.02
N ARG D 139 36.03 0.71 17.19
CA ARG D 139 37.40 1.25 17.34
C ARG D 139 37.31 2.68 17.86
N PHE D 140 38.16 3.04 18.83
CA PHE D 140 38.19 4.37 19.48
C PHE D 140 39.59 5.00 19.41
N SER D 141 39.61 6.32 19.35
CA SER D 141 40.77 7.19 19.62
C SER D 141 40.75 7.53 21.11
N CYS D 142 41.71 7.01 21.87
CA CYS D 142 41.78 7.28 23.33
C CYS D 142 43.20 7.02 23.86
N ASP D 143 43.45 7.36 25.11
CA ASP D 143 44.81 7.29 25.71
C ASP D 143 45.20 5.84 25.98
N VAL D 144 46.13 5.30 25.17
CA VAL D 144 46.65 3.91 25.30
C VAL D 144 47.98 3.91 26.09
N SER D 145 48.53 5.07 26.43
CA SER D 145 49.84 5.19 27.13
C SER D 145 49.78 4.43 28.46
N GLY D 146 50.78 3.61 28.74
CA GLY D 146 50.93 2.89 30.03
C GLY D 146 50.28 1.52 30.00
N VAL D 147 49.81 1.07 28.83
CA VAL D 147 49.08 -0.21 28.69
C VAL D 147 49.96 -1.39 29.16
N ASP D 148 51.28 -1.31 28.96
CA ASP D 148 52.25 -2.38 29.31
C ASP D 148 52.91 -2.12 30.66
N THR D 149 52.29 -1.32 31.53
CA THR D 149 52.79 -1.03 32.91
C THR D 149 51.77 -1.56 33.92
N GLU D 150 52.15 -1.53 35.20
CA GLU D 150 51.35 -2.12 36.31
C GLU D 150 50.07 -1.30 36.49
N SER D 151 50.13 0.01 36.37
CA SER D 151 48.97 0.91 36.60
C SER D 151 48.11 0.98 35.33
N GLY D 152 48.64 0.56 34.18
CA GLY D 152 47.88 0.34 32.93
C GLY D 152 47.50 1.62 32.23
N ALA D 153 46.72 1.52 31.15
CA ALA D 153 46.17 2.66 30.38
C ALA D 153 44.78 2.99 30.90
N THR D 154 44.34 4.24 30.71
CA THR D 154 42.94 4.67 30.95
C THR D 154 42.38 5.25 29.64
N CYS D 155 41.51 4.48 28.97
CA CYS D 155 40.82 4.84 27.71
C CYS D 155 39.43 5.35 28.08
N ARG D 156 39.12 6.62 27.79
CA ARG D 156 37.81 7.26 28.05
C ARG D 156 36.95 7.18 26.78
N ILE D 157 35.77 6.58 26.87
CA ILE D 157 34.75 6.53 25.80
C ILE D 157 33.58 7.42 26.22
N LYS D 158 33.20 8.40 25.38
CA LYS D 158 32.08 9.33 25.63
C LYS D 158 30.88 8.95 24.75
N ILE D 159 29.73 8.66 25.36
CA ILE D 159 28.48 8.24 24.66
C ILE D 159 27.35 9.20 25.06
N GLY D 160 26.70 9.82 24.07
CA GLY D 160 25.49 10.62 24.28
C GLY D 160 24.63 10.71 23.04
N SER D 161 23.50 11.40 23.15
CA SER D 161 22.57 11.67 22.03
C SER D 161 23.33 12.49 20.97
N TRP D 162 23.22 12.10 19.71
CA TRP D 162 23.81 12.87 18.60
C TRP D 162 23.00 14.15 18.37
N THR D 163 21.68 14.15 18.53
CA THR D 163 20.85 15.31 18.08
C THR D 163 19.92 15.86 19.16
N HIS D 164 19.75 15.18 20.31
CA HIS D 164 18.81 15.63 21.37
C HIS D 164 19.62 16.27 22.51
N HIS D 165 19.36 17.55 22.81
CA HIS D 165 20.00 18.27 23.93
C HIS D 165 19.30 17.86 25.25
N SER D 166 19.79 18.40 26.36
CA SER D 166 19.50 17.98 27.75
C SER D 166 18.01 18.14 28.10
N ARG D 167 17.27 19.01 27.42
CA ARG D 167 15.82 19.16 27.70
C ARG D 167 15.02 18.05 26.98
N GLU D 168 15.64 17.26 26.10
CA GLU D 168 14.96 16.18 25.34
C GLU D 168 15.47 14.80 25.77
N ILE D 169 16.78 14.62 25.88
CA ILE D 169 17.40 13.37 26.41
C ILE D 169 18.38 13.74 27.52
N SER D 170 18.27 13.05 28.66
CA SER D 170 19.33 13.01 29.70
C SER D 170 19.93 11.61 29.70
N VAL D 171 21.27 11.54 29.78
CA VAL D 171 21.99 10.23 29.86
C VAL D 171 22.60 10.15 31.26
N ASP D 172 22.41 9.01 31.91
CA ASP D 172 22.96 8.74 33.26
C ASP D 172 23.64 7.38 33.26
N PRO D 173 24.78 7.24 33.96
CA PRO D 173 25.34 5.91 34.22
C PRO D 173 24.35 5.20 35.17
N THR D 174 24.30 3.87 35.14
CA THR D 174 23.51 3.05 36.12
C THR D 174 24.16 3.16 37.51
N SER D 178 28.55 -3.79 39.51
CA SER D 178 29.03 -5.06 40.12
C SER D 178 30.47 -5.32 39.67
N ASP D 179 30.88 -6.57 39.39
CA ASP D 179 32.27 -6.87 38.99
C ASP D 179 32.50 -6.32 37.56
N ASP D 180 33.45 -5.38 37.44
CA ASP D 180 33.89 -4.76 36.17
C ASP D 180 34.33 -5.84 35.16
N SER D 181 34.74 -7.03 35.62
CA SER D 181 35.27 -8.13 34.76
C SER D 181 34.41 -9.40 34.86
N GLU D 182 33.18 -9.31 35.36
CA GLU D 182 32.23 -10.46 35.41
C GLU D 182 31.93 -10.98 33.99
N TYR D 183 31.94 -10.12 32.98
CA TYR D 183 31.63 -10.46 31.57
C TYR D 183 32.90 -10.55 30.72
N PHE D 184 34.02 -10.06 31.22
CA PHE D 184 35.26 -9.88 30.43
C PHE D 184 35.85 -11.25 30.09
N SER D 185 36.29 -11.44 28.85
CA SER D 185 36.91 -12.72 28.38
C SER D 185 38.18 -13.00 29.19
N GLN D 186 38.25 -14.18 29.80
CA GLN D 186 39.48 -14.69 30.46
C GLN D 186 40.57 -14.95 29.42
N TYR D 187 40.27 -14.93 28.12
CA TYR D 187 41.24 -15.28 27.05
C TYR D 187 41.83 -14.05 26.36
N SER D 188 41.37 -12.83 26.71
CA SER D 188 41.98 -11.57 26.19
C SER D 188 43.46 -11.51 26.58
N ARG D 189 44.30 -10.83 25.80
CA ARG D 189 45.69 -10.49 26.16
C ARG D 189 45.69 -9.43 27.27
N PHE D 190 44.55 -8.78 27.52
CA PHE D 190 44.45 -7.64 28.44
C PHE D 190 43.56 -8.04 29.62
N GLU D 191 43.68 -7.29 30.70
CA GLU D 191 42.79 -7.44 31.89
C GLU D 191 42.33 -6.05 32.32
N ILE D 192 41.17 -6.01 32.96
CA ILE D 192 40.54 -4.75 33.43
C ILE D 192 40.94 -4.55 34.89
N LEU D 193 41.49 -3.38 35.21
CA LEU D 193 41.83 -2.97 36.59
C LEU D 193 40.61 -2.27 37.19
N ASP D 194 39.89 -1.47 36.41
CA ASP D 194 38.78 -0.62 36.92
C ASP D 194 37.96 -0.05 35.76
N VAL D 195 36.65 0.13 36.01
CA VAL D 195 35.74 0.84 35.08
C VAL D 195 34.95 1.85 35.90
N THR D 196 34.98 3.12 35.53
CA THR D 196 34.14 4.18 36.15
C THR D 196 33.33 4.85 35.04
N GLN D 197 32.14 5.31 35.36
CA GLN D 197 31.16 5.91 34.43
C GLN D 197 30.65 7.18 35.08
N LYS D 198 30.87 8.34 34.47
CA LYS D 198 30.50 9.66 35.05
C LYS D 198 29.76 10.49 34.01
N LYS D 199 28.88 11.36 34.47
CA LYS D 199 28.02 12.20 33.61
C LYS D 199 28.76 13.48 33.22
N ASN D 200 28.73 13.87 31.95
CA ASN D 200 29.31 15.13 31.44
C ASN D 200 28.25 15.86 30.64
N SER D 201 28.52 17.11 30.32
CA SER D 201 27.65 18.07 29.61
C SER D 201 28.57 18.90 28.70
N VAL D 202 28.25 19.01 27.40
CA VAL D 202 28.95 19.95 26.47
C VAL D 202 27.98 21.03 25.95
N THR D 203 28.40 22.29 26.00
CA THR D 203 27.74 23.45 25.37
C THR D 203 28.68 24.02 24.31
N TYR D 204 28.18 24.23 23.08
CA TYR D 204 28.93 24.81 21.93
C TYR D 204 28.58 26.30 21.81
N SER D 205 29.46 27.10 21.23
CA SER D 205 29.39 28.60 21.29
C SER D 205 28.15 29.12 20.56
N CYS D 206 27.79 28.51 19.42
CA CYS D 206 26.62 28.87 18.57
C CYS D 206 25.34 28.96 19.40
N CYS D 207 25.13 27.99 20.30
CA CYS D 207 23.81 27.47 20.73
C CYS D 207 23.78 27.37 22.25
N PRO D 208 22.69 27.79 22.93
CA PRO D 208 22.62 27.73 24.40
C PRO D 208 22.39 26.33 24.99
N GLU D 209 22.08 25.33 24.18
CA GLU D 209 21.68 23.98 24.67
C GLU D 209 22.90 23.11 24.99
N ALA D 210 22.78 22.33 26.06
CA ALA D 210 23.80 21.38 26.53
C ALA D 210 23.45 19.98 26.04
N TYR D 211 24.48 19.24 25.61
CA TYR D 211 24.40 17.82 25.21
C TYR D 211 25.04 16.96 26.30
N GLU D 212 24.31 16.02 26.85
CA GLU D 212 24.79 15.17 27.96
C GLU D 212 25.49 13.95 27.33
N ASP D 213 26.51 13.45 28.01
CA ASP D 213 27.18 12.18 27.66
C ASP D 213 27.55 11.45 28.95
N VAL D 214 27.74 10.15 28.85
CA VAL D 214 28.38 9.33 29.90
C VAL D 214 29.81 9.11 29.43
N GLU D 215 30.76 9.41 30.31
CA GLU D 215 32.20 9.15 30.08
C GLU D 215 32.54 7.85 30.81
N VAL D 216 32.96 6.83 30.07
CA VAL D 216 33.34 5.51 30.61
C VAL D 216 34.85 5.41 30.56
N SER D 217 35.48 5.33 31.74
CA SER D 217 36.95 5.27 31.91
C SER D 217 37.33 3.80 32.11
N LEU D 218 37.99 3.23 31.12
CA LEU D 218 38.42 1.81 31.09
C LEU D 218 39.90 1.79 31.45
N ASN D 219 40.22 1.36 32.66
CA ASN D 219 41.61 1.22 33.14
C ASN D 219 41.99 -0.25 32.94
N PHE D 220 42.91 -0.51 32.03
CA PHE D 220 43.26 -1.89 31.60
C PHE D 220 44.76 -1.95 31.33
N ARG D 221 45.30 -3.17 31.28
CA ARG D 221 46.73 -3.39 30.97
C ARG D 221 46.93 -4.75 30.30
N LYS D 222 48.05 -4.90 29.60
CA LYS D 222 48.54 -6.19 29.07
C LYS D 222 48.82 -7.13 30.25
N LYS D 223 48.38 -8.38 30.17
CA LYS D 223 48.61 -9.41 31.21
C LYS D 223 50.10 -9.81 31.24
N GLY D 224 50.62 -10.09 32.45
CA GLY D 224 51.99 -10.55 32.73
C GLY D 224 52.83 -10.93 31.52
N LEU E 20 0.71 22.01 18.30
CA LEU E 20 1.26 20.80 17.66
C LEU E 20 2.22 20.13 18.65
N ASP E 21 2.23 18.81 18.72
CA ASP E 21 3.30 18.07 19.44
C ASP E 21 4.28 17.49 18.41
N ARG E 22 5.37 16.92 18.91
CA ARG E 22 6.46 16.30 18.12
C ARG E 22 5.86 15.27 17.16
N ALA E 23 4.95 14.42 17.66
CA ALA E 23 4.32 13.34 16.88
C ALA E 23 3.61 13.93 15.65
N ASP E 24 2.87 15.04 15.81
CA ASP E 24 2.12 15.69 14.70
C ASP E 24 3.09 16.24 13.66
N ILE E 25 4.11 16.99 14.11
CA ILE E 25 5.13 17.63 13.23
C ILE E 25 5.84 16.53 12.44
N LEU E 26 6.26 15.45 13.10
CA LEU E 26 7.01 14.37 12.42
C LEU E 26 6.08 13.62 11.45
N TYR E 27 4.81 13.42 11.80
CA TYR E 27 3.81 12.80 10.89
C TYR E 27 3.65 13.70 9.65
N ASN E 28 3.49 15.01 9.83
CA ASN E 28 3.29 15.98 8.73
C ASN E 28 4.52 15.95 7.80
N ILE E 29 5.72 15.96 8.37
CA ILE E 29 6.99 15.96 7.57
C ILE E 29 7.08 14.63 6.81
N ARG E 30 6.84 13.51 7.46
CA ARG E 30 6.94 12.18 6.80
C ARG E 30 5.91 12.11 5.65
N GLN E 31 4.71 12.64 5.82
CA GLN E 31 3.59 12.49 4.84
C GLN E 31 3.77 13.42 3.65
N THR E 32 4.45 14.56 3.81
CA THR E 32 4.53 15.62 2.76
C THR E 32 5.99 15.84 2.34
N SER E 33 6.84 14.93 2.81
CA SER E 33 8.27 14.81 2.46
C SER E 33 8.39 14.51 0.96
N ARG E 34 9.02 15.45 0.26
CA ARG E 34 9.47 15.33 -1.14
CA ARG E 34 9.46 15.33 -1.14
C ARG E 34 11.00 15.30 -1.10
N PRO E 35 11.62 14.19 -0.67
CA PRO E 35 13.09 14.14 -0.52
C PRO E 35 13.84 14.32 -1.84
N ASP E 36 13.17 14.06 -2.96
CA ASP E 36 13.77 14.15 -4.31
C ASP E 36 13.65 15.59 -4.84
N VAL E 37 13.00 16.52 -4.13
CA VAL E 37 12.70 17.88 -4.65
C VAL E 37 13.53 18.96 -3.94
N ILE E 38 14.49 19.55 -4.65
CA ILE E 38 15.29 20.70 -4.15
C ILE E 38 14.33 21.84 -3.77
N PRO E 39 14.38 22.38 -2.54
CA PRO E 39 13.43 23.42 -2.13
C PRO E 39 13.83 24.84 -2.55
N THR E 40 13.97 25.09 -3.84
CA THR E 40 14.26 26.44 -4.40
C THR E 40 13.05 27.34 -4.13
N GLN E 41 13.31 28.60 -3.78
CA GLN E 41 12.28 29.67 -3.62
C GLN E 41 12.45 30.62 -4.81
N ARG E 42 11.41 30.75 -5.65
CA ARG E 42 11.29 31.82 -6.69
C ARG E 42 12.56 31.85 -7.55
N ASP E 43 12.99 30.67 -7.99
CA ASP E 43 14.16 30.43 -8.89
C ASP E 43 15.42 31.14 -8.37
N ARG E 44 15.58 31.25 -7.04
CA ARG E 44 16.86 31.58 -6.38
C ARG E 44 17.50 30.28 -5.93
N PRO E 45 18.85 30.19 -5.88
CA PRO E 45 19.51 28.95 -5.44
C PRO E 45 19.14 28.66 -3.99
N VAL E 46 19.17 27.39 -3.60
CA VAL E 46 19.23 27.01 -2.16
C VAL E 46 20.63 27.35 -1.65
N ALA E 47 20.72 28.22 -0.64
CA ALA E 47 21.99 28.59 0.02
C ALA E 47 22.34 27.51 1.04
N VAL E 48 23.34 26.69 0.74
CA VAL E 48 23.86 25.64 1.63
C VAL E 48 25.15 26.16 2.30
N SER E 49 25.20 26.15 3.63
CA SER E 49 26.43 26.41 4.43
C SER E 49 27.10 25.07 4.76
N VAL E 50 28.41 24.99 4.55
CA VAL E 50 29.24 23.81 4.87
C VAL E 50 30.42 24.28 5.69
N SER E 51 30.63 23.67 6.85
CA SER E 51 31.82 23.90 7.72
C SER E 51 32.25 22.54 8.27
N LEU E 52 33.52 22.18 8.02
CA LEU E 52 34.10 20.94 8.58
C LEU E 52 34.72 21.27 9.95
N LYS E 53 34.32 20.52 10.99
CA LYS E 53 34.99 20.52 12.32
C LYS E 53 35.86 19.26 12.38
N PHE E 54 37.18 19.42 12.41
CA PHE E 54 38.12 18.28 12.33
C PHE E 54 38.21 17.66 13.72
N ILE E 55 38.07 16.34 13.77
CA ILE E 55 38.04 15.55 15.02
C ILE E 55 39.31 14.70 15.09
N ASN E 56 39.76 14.15 13.96
CA ASN E 56 40.94 13.26 14.00
C ASN E 56 41.59 13.18 12.61
N ILE E 57 42.89 12.91 12.61
CA ILE E 57 43.72 12.55 11.45
C ILE E 57 44.38 11.23 11.80
N LEU E 58 44.08 10.19 11.04
CA LEU E 58 44.40 8.77 11.27
C LEU E 58 45.18 8.48 9.98
N GLU E 59 45.96 7.43 9.90
CA GLU E 59 46.70 6.99 8.68
C GLU E 59 47.12 7.97 7.57
N VAL E 60 48.15 8.76 7.79
CA VAL E 60 48.75 9.66 6.79
C VAL E 60 49.82 8.85 6.05
N ASN E 61 49.92 9.03 4.75
CA ASN E 61 50.95 8.35 3.93
C ASN E 61 51.57 9.40 3.00
N GLU E 62 52.79 9.83 3.31
CA GLU E 62 53.52 10.88 2.56
C GLU E 62 53.97 10.31 1.20
N ILE E 63 54.13 8.99 1.08
CA ILE E 63 54.51 8.34 -0.21
C ILE E 63 53.34 8.45 -1.20
N THR E 64 52.11 8.08 -0.79
CA THR E 64 50.93 7.99 -1.70
C THR E 64 50.15 9.32 -1.71
N ASN E 65 50.47 10.26 -0.81
CA ASN E 65 49.71 11.52 -0.65
C ASN E 65 48.23 11.21 -0.37
N GLU E 66 47.97 10.38 0.64
CA GLU E 66 46.60 9.99 1.07
C GLU E 66 46.50 10.24 2.58
N VAL E 67 45.37 10.79 3.02
CA VAL E 67 45.08 11.01 4.46
C VAL E 67 43.69 10.46 4.77
N ASP E 68 43.55 9.93 5.97
CA ASP E 68 42.29 9.43 6.56
C ASP E 68 41.86 10.43 7.62
N VAL E 69 40.73 11.10 7.45
CA VAL E 69 40.25 12.20 8.34
C VAL E 69 38.89 11.84 8.93
N VAL E 70 38.66 12.26 10.18
CA VAL E 70 37.33 12.23 10.83
C VAL E 70 36.93 13.68 11.06
N PHE E 71 35.77 14.07 10.52
CA PHE E 71 35.24 15.45 10.65
C PHE E 71 33.73 15.39 10.86
N TRP E 72 33.23 16.39 11.58
CA TRP E 72 31.78 16.70 11.63
C TRP E 72 31.49 17.66 10.47
N GLN E 73 30.61 17.26 9.55
CA GLN E 73 30.27 18.07 8.34
C GLN E 73 29.02 18.88 8.65
N GLN E 74 29.17 20.04 9.29
CA GLN E 74 28.04 20.94 9.63
C GLN E 74 27.46 21.48 8.33
N THR E 75 26.22 21.08 8.02
CA THR E 75 25.48 21.43 6.78
C THR E 75 24.15 22.08 7.19
N THR E 76 23.88 23.28 6.69
CA THR E 76 22.64 24.04 6.99
C THR E 76 22.04 24.57 5.68
N TRP E 77 20.73 24.59 5.61
CA TRP E 77 19.96 25.16 4.49
C TRP E 77 18.52 25.39 4.96
N SER E 78 17.75 26.14 4.20
CA SER E 78 16.32 26.39 4.47
C SER E 78 15.45 25.51 3.55
N ASP E 79 14.43 24.88 4.11
CA ASP E 79 13.34 24.19 3.36
C ASP E 79 12.02 24.64 3.99
N ARG E 80 11.40 25.68 3.44
CA ARG E 80 10.16 26.33 3.95
C ARG E 80 9.00 25.34 3.94
N THR E 81 9.01 24.30 3.10
CA THR E 81 7.93 23.27 3.09
C THR E 81 7.90 22.51 4.41
N LEU E 82 8.94 22.60 5.26
CA LEU E 82 9.00 21.88 6.55
C LEU E 82 8.46 22.76 7.69
N ALA E 83 8.27 24.07 7.47
CA ALA E 83 8.00 25.06 8.53
C ALA E 83 6.67 24.75 9.24
N TRP E 84 6.56 25.06 10.52
CA TRP E 84 5.27 24.98 11.27
C TRP E 84 5.17 26.18 12.21
N ASN E 85 3.95 26.48 12.66
CA ASN E 85 3.69 27.53 13.68
C ASN E 85 4.16 27.00 15.04
N SER E 86 5.17 27.63 15.64
CA SER E 86 5.86 27.14 16.87
C SER E 86 5.17 27.64 18.15
N SER E 87 4.02 28.31 18.07
CA SER E 87 3.55 29.17 19.20
C SER E 87 3.13 28.39 20.46
N HIS E 88 2.60 27.17 20.41
CA HIS E 88 2.50 26.29 21.62
C HIS E 88 3.04 24.88 21.26
N SER E 89 4.23 24.87 20.67
CA SER E 89 4.81 23.72 19.92
C SER E 89 6.32 23.70 20.12
N PRO E 90 6.99 22.55 19.93
CA PRO E 90 8.46 22.54 19.90
C PRO E 90 9.01 23.53 18.86
N ASP E 91 10.15 24.14 19.16
CA ASP E 91 10.92 25.00 18.22
C ASP E 91 11.70 24.14 17.22
N GLN E 92 12.05 22.90 17.57
CA GLN E 92 12.92 22.01 16.77
C GLN E 92 12.51 20.54 16.94
N VAL E 93 12.75 19.71 15.94
CA VAL E 93 12.60 18.23 16.03
C VAL E 93 13.78 17.56 15.32
N SER E 94 14.03 16.29 15.67
CA SER E 94 15.01 15.40 15.01
C SER E 94 14.27 14.57 13.97
N VAL E 95 14.75 14.55 12.73
CA VAL E 95 14.10 13.92 11.55
C VAL E 95 15.10 13.01 10.85
N PRO E 96 14.75 11.75 10.51
CA PRO E 96 15.63 10.93 9.68
C PRO E 96 15.85 11.62 8.33
N ILE E 97 17.09 11.64 7.82
CA ILE E 97 17.39 12.35 6.54
C ILE E 97 16.69 11.64 5.37
N SER E 98 16.28 10.39 5.52
CA SER E 98 15.49 9.68 4.48
C SER E 98 14.13 10.39 4.25
N SER E 99 13.65 11.19 5.21
CA SER E 99 12.37 11.94 5.09
C SER E 99 12.57 13.38 4.61
N LEU E 100 13.79 13.77 4.23
CA LEU E 100 14.12 15.18 3.88
C LEU E 100 14.88 15.19 2.56
N TRP E 101 14.73 16.26 1.80
CA TRP E 101 15.74 16.64 0.78
C TRP E 101 17.03 17.01 1.52
N VAL E 102 18.15 16.48 1.04
CA VAL E 102 19.50 16.85 1.52
C VAL E 102 20.32 17.21 0.29
N PRO E 103 21.21 18.22 0.37
CA PRO E 103 22.05 18.56 -0.77
C PRO E 103 22.97 17.40 -1.16
N ASP E 104 23.18 17.21 -2.45
CA ASP E 104 24.01 16.10 -3.02
C ASP E 104 25.49 16.51 -3.00
N LEU E 105 26.04 16.80 -1.82
CA LEU E 105 27.47 17.20 -1.66
C LEU E 105 28.38 15.99 -1.86
N ALA E 106 29.48 16.20 -2.57
CA ALA E 106 30.59 15.23 -2.72
C ALA E 106 31.90 15.99 -2.53
N ALA E 107 32.87 15.33 -1.92
CA ALA E 107 34.25 15.80 -1.84
C ALA E 107 34.96 15.34 -3.12
N TYR E 108 35.39 16.26 -3.98
CA TYR E 108 35.94 15.97 -5.32
C TYR E 108 37.20 15.11 -5.20
N ASN E 109 37.97 15.22 -4.11
CA ASN E 109 39.28 14.54 -3.98
C ASN E 109 39.21 13.41 -2.96
N ALA E 110 38.00 12.96 -2.57
CA ALA E 110 37.78 11.73 -1.80
C ALA E 110 38.15 10.52 -2.66
N ILE E 111 38.81 9.52 -2.05
CA ILE E 111 39.16 8.25 -2.73
C ILE E 111 38.51 7.08 -1.98
N SER E 112 37.60 7.35 -1.06
CA SER E 112 36.73 6.34 -0.40
C SER E 112 35.33 6.94 -0.25
N LYS E 113 34.30 6.09 -0.13
CA LYS E 113 32.93 6.54 0.22
C LYS E 113 32.97 7.15 1.61
N PRO E 114 32.15 8.18 1.89
CA PRO E 114 32.04 8.68 3.25
C PRO E 114 31.51 7.56 4.17
N GLU E 115 32.24 7.22 5.23
CA GLU E 115 31.82 6.30 6.30
C GLU E 115 31.13 7.16 7.37
N VAL E 116 29.81 7.09 7.45
CA VAL E 116 29.00 7.91 8.40
C VAL E 116 29.00 7.17 9.73
N LEU E 117 29.54 7.78 10.78
CA LEU E 117 29.78 7.12 12.09
C LEU E 117 28.57 7.34 13.02
N THR E 118 27.66 8.26 12.70
CA THR E 118 26.61 8.77 13.62
C THR E 118 25.22 8.41 13.08
N PRO E 119 24.18 8.43 13.94
CA PRO E 119 22.79 8.27 13.50
C PRO E 119 22.42 9.35 12.46
N GLN E 120 21.71 8.96 11.41
CA GLN E 120 21.43 9.80 10.23
C GLN E 120 20.15 10.62 10.45
N LEU E 121 20.22 11.51 11.44
CA LEU E 121 19.13 12.46 11.83
C LEU E 121 19.61 13.89 11.62
N ALA E 122 18.75 14.75 11.09
CA ALA E 122 18.94 16.21 11.03
C ALA E 122 18.05 16.88 12.09
N ARG E 123 18.38 18.11 12.47
CA ARG E 123 17.51 18.98 13.28
C ARG E 123 16.77 19.92 12.34
N VAL E 124 15.46 19.98 12.49
CA VAL E 124 14.60 20.91 11.70
C VAL E 124 14.01 21.91 12.69
N VAL E 125 14.23 23.19 12.43
CA VAL E 125 13.69 24.34 13.21
C VAL E 125 12.33 24.71 12.59
N SER E 126 11.42 25.24 13.40
CA SER E 126 10.01 25.56 13.03
C SER E 126 9.95 26.52 11.82
N ASP E 127 11.00 27.29 11.56
CA ASP E 127 11.04 28.20 10.39
C ASP E 127 11.51 27.46 9.11
N GLY E 128 11.88 26.19 9.20
CA GLY E 128 12.30 25.39 8.03
C GLY E 128 13.81 25.35 7.83
N GLU E 129 14.59 25.89 8.76
CA GLU E 129 16.05 25.69 8.76
C GLU E 129 16.35 24.21 9.10
N VAL E 130 17.23 23.59 8.34
CA VAL E 130 17.73 22.20 8.58
C VAL E 130 19.20 22.28 8.96
N LEU E 131 19.57 21.57 10.03
CA LEU E 131 20.99 21.36 10.42
C LEU E 131 21.27 19.86 10.38
N TYR E 132 22.14 19.43 9.48
CA TYR E 132 22.60 18.02 9.38
C TYR E 132 24.10 18.03 9.63
N MET E 133 24.54 17.33 10.68
CA MET E 133 25.96 17.30 11.09
C MET E 133 26.39 15.86 11.34
N PRO E 134 26.61 15.07 10.28
CA PRO E 134 27.15 13.72 10.44
C PRO E 134 28.63 13.78 10.81
N SER E 135 29.08 12.81 11.58
CA SER E 135 30.51 12.50 11.77
C SER E 135 30.89 11.55 10.64
N ILE E 136 31.90 11.93 9.87
CA ILE E 136 32.34 11.19 8.66
C ILE E 136 33.83 10.84 8.81
N ARG E 137 34.15 9.58 8.52
CA ARG E 137 35.54 9.16 8.24
C ARG E 137 35.66 8.92 6.74
N GLN E 138 36.64 9.56 6.11
CA GLN E 138 36.83 9.50 4.64
C GLN E 138 38.32 9.66 4.33
N ARG E 139 38.76 9.02 3.24
CA ARG E 139 40.16 9.10 2.75
C ARG E 139 40.23 10.07 1.57
N PHE E 140 41.25 10.93 1.54
CA PHE E 140 41.48 11.97 0.52
C PHE E 140 42.86 11.81 -0.13
N SER E 141 42.90 12.17 -1.42
CA SER E 141 44.12 12.45 -2.21
C SER E 141 44.43 13.94 -2.03
N CYS E 142 45.51 14.28 -1.34
CA CYS E 142 45.90 15.70 -1.12
C CYS E 142 47.38 15.77 -0.76
N ASP E 143 47.91 16.98 -0.65
CA ASP E 143 49.36 17.20 -0.42
C ASP E 143 49.72 16.88 1.04
N VAL E 144 50.42 15.76 1.24
CA VAL E 144 50.89 15.31 2.59
C VAL E 144 52.36 15.75 2.81
N SER E 145 53.01 16.34 1.81
CA SER E 145 54.45 16.73 1.87
C SER E 145 54.63 17.74 3.01
N GLY E 146 55.64 17.53 3.86
CA GLY E 146 55.99 18.49 4.93
C GLY E 146 55.29 18.16 6.23
N VAL E 147 54.59 17.02 6.29
CA VAL E 147 53.78 16.62 7.49
C VAL E 147 54.70 16.50 8.71
N ASP E 148 55.95 16.07 8.53
CA ASP E 148 56.93 15.85 9.62
C ASP E 148 57.86 17.05 9.78
N THR E 149 57.47 18.24 9.34
CA THR E 149 58.24 19.50 9.49
C THR E 149 57.44 20.47 10.35
N GLU E 150 58.07 21.58 10.74
CA GLU E 150 57.50 22.57 11.68
C GLU E 150 56.30 23.26 11.02
N SER E 151 56.40 23.57 9.74
CA SER E 151 55.34 24.33 9.01
C SER E 151 54.25 23.36 8.52
N GLY E 152 54.51 22.06 8.52
CA GLY E 152 53.50 20.98 8.39
C GLY E 152 53.04 20.82 6.96
N ALA E 153 52.05 19.94 6.73
CA ALA E 153 51.40 19.71 5.42
C ALA E 153 50.14 20.59 5.32
N THR E 154 49.73 20.91 4.09
CA THR E 154 48.43 21.56 3.80
C THR E 154 47.64 20.66 2.85
N CYS E 155 46.62 19.99 3.39
CA CYS E 155 45.69 19.10 2.68
C CYS E 155 44.41 19.90 2.35
N ARG E 156 44.12 20.10 1.06
CA ARG E 156 42.93 20.86 0.57
C ARG E 156 41.80 19.86 0.27
N ILE E 157 40.64 20.02 0.90
CA ILE E 157 39.42 19.20 0.63
C ILE E 157 38.40 20.12 -0.07
N LYS E 158 37.90 19.72 -1.24
CA LYS E 158 36.90 20.49 -2.02
C LYS E 158 35.54 19.78 -1.95
N ILE E 159 34.52 20.49 -1.47
CA ILE E 159 33.13 19.93 -1.32
C ILE E 159 32.15 20.82 -2.08
N GLY E 160 31.34 20.24 -2.98
CA GLY E 160 30.21 20.96 -3.62
C GLY E 160 29.13 20.00 -4.10
N SER E 161 28.06 20.55 -4.67
CA SER E 161 26.94 19.77 -5.25
C SER E 161 27.49 18.94 -6.40
N TRP E 162 27.14 17.66 -6.46
CA TRP E 162 27.54 16.81 -7.61
C TRP E 162 26.73 17.19 -8.86
N THR E 163 25.46 17.58 -8.76
CA THR E 163 24.59 17.70 -9.95
C THR E 163 23.89 19.06 -10.07
N HIS E 164 23.94 19.90 -9.03
CA HIS E 164 23.24 21.23 -9.04
CA HIS E 164 23.24 21.23 -9.04
C HIS E 164 24.25 22.35 -9.28
N HIS E 165 24.07 23.11 -10.36
CA HIS E 165 24.90 24.31 -10.66
C HIS E 165 24.48 25.49 -9.78
N SER E 166 25.15 26.62 -9.92
CA SER E 166 25.15 27.79 -9.00
C SER E 166 23.76 28.45 -8.95
N ARG E 167 22.93 28.27 -9.99
CA ARG E 167 21.57 28.86 -9.97
C ARG E 167 20.62 27.94 -9.20
N GLU E 168 21.04 26.74 -8.79
CA GLU E 168 20.21 25.78 -8.02
C GLU E 168 20.75 25.61 -6.59
N ILE E 169 22.05 25.40 -6.43
CA ILE E 169 22.73 25.33 -5.10
C ILE E 169 23.91 26.30 -5.09
N SER E 170 23.98 27.14 -4.05
CA SER E 170 25.20 27.90 -3.69
C SER E 170 25.75 27.29 -2.39
N VAL E 171 27.06 27.11 -2.33
CA VAL E 171 27.75 26.62 -1.10
C VAL E 171 28.60 27.75 -0.57
N ASP E 172 28.53 27.98 0.75
CA ASP E 172 29.35 29.01 1.42
C ASP E 172 29.98 28.39 2.66
N PRO E 173 31.25 28.72 2.96
CA PRO E 173 31.80 28.39 4.27
C PRO E 173 31.08 29.25 5.30
N THR E 174 30.97 28.76 6.54
CA THR E 174 30.66 29.53 7.77
C THR E 174 31.87 29.38 8.71
N THR E 175 32.01 30.29 9.67
CA THR E 175 33.20 30.42 10.55
C THR E 175 32.75 30.48 12.02
N SER E 178 36.47 29.20 16.22
CA SER E 178 37.61 28.25 16.22
C SER E 178 37.14 26.80 16.39
N ASP E 179 35.82 26.53 16.26
CA ASP E 179 35.29 25.17 16.49
C ASP E 179 35.73 24.22 15.37
N ASP E 180 36.21 24.76 14.23
CA ASP E 180 36.79 23.97 13.12
C ASP E 180 37.97 23.10 13.65
N SER E 181 38.66 23.52 14.72
CA SER E 181 39.83 22.78 15.27
C SER E 181 39.66 22.52 16.76
N GLU E 182 38.74 23.20 17.46
CA GLU E 182 38.71 23.20 18.96
C GLU E 182 38.48 21.79 19.50
N TYR E 183 37.78 20.91 18.76
CA TYR E 183 37.32 19.57 19.21
C TYR E 183 38.13 18.46 18.54
N PHE E 184 39.32 18.81 18.06
CA PHE E 184 40.31 17.83 17.56
C PHE E 184 40.81 16.92 18.70
N SER E 185 40.94 15.63 18.45
CA SER E 185 41.40 14.63 19.46
C SER E 185 42.82 14.98 19.91
N GLN E 186 43.01 15.14 21.21
CA GLN E 186 44.34 15.29 21.85
C GLN E 186 45.15 14.00 21.70
N TYR E 187 44.54 12.88 21.28
CA TYR E 187 45.22 11.56 21.22
C TYR E 187 45.67 11.20 19.79
N SER E 188 45.34 12.02 18.79
CA SER E 188 45.88 11.89 17.41
C SER E 188 47.41 12.00 17.47
N ARG E 189 48.11 11.35 16.52
CA ARG E 189 49.58 11.55 16.33
C ARG E 189 49.83 12.93 15.73
N PHE E 190 48.81 13.62 15.24
CA PHE E 190 48.91 14.88 14.49
C PHE E 190 48.28 16.00 15.30
N GLU E 191 48.61 17.23 14.96
CA GLU E 191 47.97 18.45 15.51
C GLU E 191 47.65 19.38 14.34
N ILE E 192 46.67 20.25 14.55
CA ILE E 192 46.22 21.25 13.55
C ILE E 192 46.93 22.57 13.84
N LEU E 193 47.59 23.12 12.82
CA LEU E 193 48.24 24.45 12.89
C LEU E 193 47.24 25.51 12.47
N ASP E 194 46.39 25.22 11.49
CA ASP E 194 45.50 26.24 10.89
C ASP E 194 44.47 25.58 9.97
N VAL E 195 43.28 26.17 9.87
CA VAL E 195 42.22 25.80 8.92
C VAL E 195 41.73 27.08 8.25
N THR E 196 41.74 27.14 6.92
CA THR E 196 41.16 28.24 6.14
C THR E 196 40.16 27.64 5.15
N GLN E 197 39.14 28.43 4.80
CA GLN E 197 38.03 28.05 3.91
C GLN E 197 37.90 29.13 2.83
N LYS E 198 37.86 28.78 1.53
CA LYS E 198 37.39 29.72 0.50
C LYS E 198 36.30 29.10 -0.36
N LYS E 199 35.45 29.94 -0.93
CA LYS E 199 34.42 29.56 -1.94
C LYS E 199 35.08 29.58 -3.32
N ASN E 200 34.84 28.56 -4.13
CA ASN E 200 35.19 28.56 -5.59
C ASN E 200 33.95 28.39 -6.45
N SER E 201 33.91 29.06 -7.60
CA SER E 201 32.83 28.94 -8.62
C SER E 201 33.47 28.68 -9.99
N VAL E 202 33.23 27.50 -10.55
CA VAL E 202 34.01 26.96 -11.71
C VAL E 202 33.06 26.70 -12.86
N THR E 203 33.44 27.12 -14.07
CA THR E 203 32.77 26.77 -15.35
C THR E 203 33.75 25.92 -16.15
N TYR E 204 33.30 24.76 -16.62
CA TYR E 204 34.09 23.79 -17.43
C TYR E 204 33.70 23.99 -18.90
N SER E 205 34.57 23.60 -19.84
CA SER E 205 34.43 23.86 -21.30
C SER E 205 33.18 23.18 -21.86
N CYS E 206 32.88 21.96 -21.40
CA CYS E 206 31.71 21.12 -21.84
C CYS E 206 30.41 21.93 -21.73
N CYS E 207 30.22 22.65 -20.62
CA CYS E 207 28.91 22.94 -20.00
C CYS E 207 28.85 24.41 -19.60
N PRO E 208 27.75 25.15 -19.92
CA PRO E 208 27.72 26.60 -19.71
C PRO E 208 27.51 27.07 -18.25
N GLU E 209 27.15 26.16 -17.35
CA GLU E 209 26.75 26.51 -15.96
C GLU E 209 27.98 26.55 -15.06
N ALA E 210 27.94 27.31 -13.97
CA ALA E 210 28.99 27.36 -12.91
C ALA E 210 28.64 26.45 -11.73
N TYR E 211 29.61 25.68 -11.22
CA TYR E 211 29.51 24.80 -10.03
C TYR E 211 30.31 25.39 -8.87
N GLU E 212 29.67 25.54 -7.72
CA GLU E 212 30.32 26.11 -6.52
C GLU E 212 30.86 24.96 -5.68
N ASP E 213 31.97 25.20 -5.00
CA ASP E 213 32.54 24.29 -3.97
C ASP E 213 33.12 25.15 -2.84
N VAL E 214 33.27 24.57 -1.68
CA VAL E 214 34.06 25.13 -0.56
C VAL E 214 35.40 24.39 -0.56
N GLU E 215 36.49 25.13 -0.55
CA GLU E 215 37.85 24.56 -0.42
C GLU E 215 38.30 24.76 1.03
N VAL E 216 38.55 23.67 1.73
CA VAL E 216 39.02 23.70 3.14
C VAL E 216 40.49 23.30 3.15
N SER E 217 41.37 24.22 3.57
CA SER E 217 42.84 23.97 3.68
C SER E 217 43.19 23.62 5.13
N LEU E 218 43.56 22.36 5.34
CA LEU E 218 43.90 21.80 6.67
C LEU E 218 45.43 21.75 6.77
N ASN E 219 45.99 22.65 7.56
CA ASN E 219 47.46 22.74 7.80
C ASN E 219 47.71 21.98 9.11
N PHE E 220 48.41 20.86 9.03
CA PHE E 220 48.60 19.95 10.19
C PHE E 220 50.01 19.36 10.12
N ARG E 221 50.47 18.80 11.24
CA ARG E 221 51.81 18.15 11.29
C ARG E 221 51.82 17.05 12.35
N LYS E 222 52.78 16.13 12.21
CA LYS E 222 53.13 15.10 13.23
C LYS E 222 53.58 15.82 14.50
N LYS E 223 53.06 15.42 15.66
CA LYS E 223 53.24 16.13 16.96
C LYS E 223 54.59 15.59 17.46
N LEU F 20 -2.11 11.78 26.56
CA LEU F 20 -2.61 11.48 25.20
C LEU F 20 -3.57 12.58 24.78
N ASP F 21 -3.54 13.00 23.51
CA ASP F 21 -4.59 13.88 22.95
C ASP F 21 -5.55 13.03 22.09
N ARG F 22 -6.63 13.65 21.60
CA ARG F 22 -7.67 13.00 20.77
C ARG F 22 -7.02 12.33 19.57
N ALA F 23 -6.10 13.04 18.91
CA ALA F 23 -5.42 12.54 17.67
C ALA F 23 -4.69 11.22 17.97
N ASP F 24 -4.00 11.11 19.12
CA ASP F 24 -3.25 9.89 19.50
C ASP F 24 -4.24 8.74 19.75
N ILE F 25 -5.27 8.98 20.55
CA ILE F 25 -6.31 7.98 20.92
C ILE F 25 -6.97 7.47 19.64
N LEU F 26 -7.36 8.36 18.73
CA LEU F 26 -8.06 7.96 17.50
C LEU F 26 -7.10 7.20 16.58
N TYR F 27 -5.83 7.59 16.50
CA TYR F 27 -4.78 6.84 15.75
C TYR F 27 -4.66 5.41 16.31
N ASN F 28 -4.54 5.30 17.64
CA ASN F 28 -4.39 3.98 18.33
C ASN F 28 -5.61 3.10 18.04
N ILE F 29 -6.82 3.65 18.13
CA ILE F 29 -8.08 2.89 17.90
C ILE F 29 -8.11 2.44 16.43
N ARG F 30 -7.82 3.35 15.48
CA ARG F 30 -7.87 3.01 14.04
C ARG F 30 -6.85 1.90 13.74
N GLN F 31 -5.66 1.93 14.36
CA GLN F 31 -4.56 0.99 14.04
C GLN F 31 -4.83 -0.39 14.66
N THR F 32 -5.51 -0.49 15.79
CA THR F 32 -5.56 -1.71 16.61
C THR F 32 -6.98 -2.21 16.87
N SER F 33 -8.08 -1.59 16.43
CA SER F 33 -9.41 -1.86 17.07
C SER F 33 -10.00 -3.24 16.71
N ARG F 34 -9.62 -3.85 15.57
CA ARG F 34 -10.12 -5.16 15.08
C ARG F 34 -11.64 -5.13 14.95
N PRO F 35 -12.21 -4.40 13.97
CA PRO F 35 -13.67 -4.30 13.83
C PRO F 35 -14.38 -5.63 13.58
N ASP F 36 -13.65 -6.62 13.08
CA ASP F 36 -14.20 -7.96 12.74
C ASP F 36 -14.20 -8.86 13.97
N VAL F 37 -13.64 -8.42 15.10
CA VAL F 37 -13.40 -9.33 16.28
C VAL F 37 -14.32 -8.95 17.45
N ILE F 38 -15.29 -9.82 17.76
CA ILE F 38 -16.17 -9.68 18.95
C ILE F 38 -15.28 -9.64 20.20
N PRO F 39 -15.40 -8.62 21.08
CA PRO F 39 -14.49 -8.50 22.23
C PRO F 39 -14.93 -9.33 23.45
N THR F 40 -15.04 -10.65 23.29
CA THR F 40 -15.38 -11.59 24.40
C THR F 40 -14.24 -11.57 25.43
N GLN F 41 -14.58 -11.60 26.71
CA GLN F 41 -13.63 -11.79 27.84
C GLN F 41 -13.78 -13.23 28.36
N ARG F 42 -12.70 -14.03 28.28
CA ARG F 42 -12.61 -15.39 28.86
C ARG F 42 -13.82 -16.23 28.44
N ASP F 43 -14.16 -16.19 27.15
CA ASP F 43 -15.28 -16.94 26.51
C ASP F 43 -16.60 -16.77 27.28
N ARG F 44 -16.83 -15.61 27.90
CA ARG F 44 -18.16 -15.18 28.41
C ARG F 44 -18.79 -14.27 27.36
N PRO F 45 -20.13 -14.22 27.25
CA PRO F 45 -20.77 -13.44 26.19
C PRO F 45 -20.46 -11.94 26.36
N VAL F 46 -20.41 -11.20 25.26
CA VAL F 46 -20.41 -9.71 25.31
C VAL F 46 -21.83 -9.27 25.70
N ALA F 47 -21.95 -8.54 26.81
CA ALA F 47 -23.24 -8.01 27.30
C ALA F 47 -23.54 -6.72 26.52
N VAL F 48 -24.52 -6.78 25.63
CA VAL F 48 -25.02 -5.61 24.86
C VAL F 48 -26.32 -5.12 25.49
N SER F 49 -26.41 -3.86 25.85
CA SER F 49 -27.66 -3.18 26.27
C SER F 49 -28.32 -2.50 25.05
N VAL F 50 -29.62 -2.71 24.87
CA VAL F 50 -30.44 -2.10 23.79
C VAL F 50 -31.68 -1.47 24.41
N SER F 51 -31.96 -0.22 24.12
CA SER F 51 -33.21 0.48 24.48
C SER F 51 -33.66 1.36 23.29
N LEU F 52 -34.89 1.18 22.82
CA LEU F 52 -35.48 2.04 21.77
C LEU F 52 -36.17 3.25 22.41
N LYS F 53 -35.81 4.45 21.98
CA LYS F 53 -36.55 5.71 22.26
C LYS F 53 -37.35 6.06 21.02
N PHE F 54 -38.68 5.99 21.07
CA PHE F 54 -39.53 6.27 19.91
C PHE F 54 -39.61 7.78 19.67
N ILE F 55 -39.40 8.17 18.41
CA ILE F 55 -39.37 9.58 17.96
C ILE F 55 -40.61 9.85 17.10
N ASN F 56 -41.02 8.89 16.27
CA ASN F 56 -42.17 9.13 15.37
C ASN F 56 -42.79 7.80 14.91
N ILE F 57 -44.07 7.87 14.59
CA ILE F 57 -44.83 6.81 13.87
C ILE F 57 -45.42 7.50 12.63
N LEU F 58 -45.06 7.07 11.44
CA LEU F 58 -45.23 7.86 10.18
C LEU F 58 -46.34 7.28 9.30
N GLU F 59 -46.44 5.98 9.21
CA GLU F 59 -47.39 5.31 8.28
C GLU F 59 -47.81 4.04 8.99
N VAL F 60 -49.10 3.90 9.23
CA VAL F 60 -49.68 2.69 9.86
C VAL F 60 -50.69 2.14 8.86
N ASN F 61 -50.73 0.83 8.67
CA ASN F 61 -51.70 0.17 7.79
C ASN F 61 -52.29 -1.03 8.54
N GLU F 62 -53.53 -0.89 9.00
CA GLU F 62 -54.23 -1.93 9.81
C GLU F 62 -54.61 -3.11 8.91
N ILE F 63 -54.75 -2.90 7.59
CA ILE F 63 -55.06 -3.99 6.63
C ILE F 63 -53.84 -4.91 6.48
N THR F 64 -52.65 -4.36 6.24
CA THR F 64 -51.41 -5.14 5.95
C THR F 64 -50.64 -5.46 7.24
N ASN F 65 -51.00 -4.85 8.37
CA ASN F 65 -50.26 -5.00 9.64
C ASN F 65 -48.79 -4.55 9.45
N GLU F 66 -48.59 -3.35 8.92
CA GLU F 66 -47.24 -2.75 8.69
C GLU F 66 -47.20 -1.37 9.33
N VAL F 67 -46.08 -1.03 9.97
CA VAL F 67 -45.84 0.33 10.55
C VAL F 67 -44.47 0.83 10.08
N ASP F 68 -44.36 2.13 9.89
CA ASP F 68 -43.11 2.87 9.60
C ASP F 68 -42.80 3.69 10.85
N VAL F 69 -41.70 3.40 11.53
CA VAL F 69 -41.33 4.00 12.84
C VAL F 69 -39.96 4.69 12.74
N VAL F 70 -39.76 5.75 13.51
CA VAL F 70 -38.43 6.39 13.74
C VAL F 70 -38.11 6.21 15.22
N PHE F 71 -36.96 5.62 15.53
CA PHE F 71 -36.48 5.41 16.92
C PHE F 71 -34.98 5.67 17.02
N TRP F 72 -34.55 6.10 18.20
CA TRP F 72 -33.12 6.09 18.60
C TRP F 72 -32.83 4.73 19.22
N GLN F 73 -31.89 3.99 18.65
CA GLN F 73 -31.49 2.64 19.15
C GLN F 73 -30.28 2.80 20.06
N GLN F 74 -30.50 3.12 21.34
CA GLN F 74 -29.42 3.27 22.33
C GLN F 74 -28.76 1.90 22.57
N THR F 75 -27.50 1.75 22.16
CA THR F 75 -26.71 0.50 22.20
C THR F 75 -25.40 0.74 22.98
N THR F 76 -25.13 -0.06 24.01
CA THR F 76 -23.92 0.03 24.84
C THR F 76 -23.30 -1.35 25.02
N TRP F 77 -21.97 -1.40 25.06
CA TRP F 77 -21.19 -2.63 25.34
C TRP F 77 -19.79 -2.21 25.74
N SER F 78 -19.00 -3.13 26.28
CA SER F 78 -17.60 -2.90 26.65
C SER F 78 -16.68 -3.54 25.60
N ASP F 79 -15.64 -2.81 25.17
CA ASP F 79 -14.51 -3.36 24.39
C ASP F 79 -13.23 -2.85 25.04
N ARG F 80 -12.63 -3.66 25.92
CA ARG F 80 -11.42 -3.32 26.72
C ARG F 80 -10.24 -3.03 25.81
N THR F 81 -10.19 -3.58 24.59
CA THR F 81 -9.07 -3.29 23.64
C THR F 81 -9.08 -1.82 23.22
N LEU F 82 -10.14 -1.05 23.50
CA LEU F 82 -10.24 0.38 23.15
C LEU F 82 -9.75 1.27 24.30
N ALA F 83 -9.58 0.72 25.51
CA ALA F 83 -9.33 1.51 26.74
C ALA F 83 -8.01 2.28 26.65
N TRP F 84 -7.93 3.44 27.28
CA TRP F 84 -6.66 4.20 27.45
C TRP F 84 -6.63 4.79 28.87
N ASN F 85 -5.44 5.16 29.33
CA ASN F 85 -5.24 5.87 30.62
C ASN F 85 -5.71 7.32 30.43
N SER F 86 -6.76 7.74 31.15
CA SER F 86 -7.42 9.05 30.98
C SER F 86 -6.76 10.16 31.81
N SER F 87 -5.66 9.88 32.50
CA SER F 87 -4.86 10.91 33.23
C SER F 87 -4.29 11.89 32.19
N HIS F 88 -4.57 13.19 32.38
CA HIS F 88 -4.25 14.32 31.46
C HIS F 88 -4.59 13.93 30.01
N SER F 89 -5.76 13.31 29.80
CA SER F 89 -6.28 12.87 28.49
C SER F 89 -7.80 13.06 28.46
N PRO F 90 -8.42 13.19 27.28
CA PRO F 90 -9.89 13.15 27.19
C PRO F 90 -10.46 11.89 27.85
N ASP F 91 -11.65 12.01 28.45
CA ASP F 91 -12.41 10.87 29.05
C ASP F 91 -13.13 10.11 27.94
N GLN F 92 -13.47 10.77 26.82
CA GLN F 92 -14.30 10.20 25.73
C GLN F 92 -13.86 10.74 24.37
N VAL F 93 -14.05 9.95 23.32
CA VAL F 93 -13.89 10.43 21.91
C VAL F 93 -15.05 9.91 21.06
N SER F 94 -15.28 10.57 19.94
CA SER F 94 -16.22 10.17 18.86
C SER F 94 -15.43 9.40 17.81
N VAL F 95 -15.89 8.19 17.46
CA VAL F 95 -15.17 7.24 16.56
C VAL F 95 -16.15 6.78 15.48
N PRO F 96 -15.76 6.78 14.19
CA PRO F 96 -16.59 6.16 13.15
C PRO F 96 -16.81 4.69 13.48
N ILE F 97 -18.02 4.15 13.32
CA ILE F 97 -18.30 2.73 13.65
C ILE F 97 -17.53 1.81 12.69
N SER F 98 -17.08 2.30 11.52
CA SER F 98 -16.20 1.51 10.61
C SER F 98 -14.87 1.17 11.29
N SER F 99 -14.45 1.90 12.33
CA SER F 99 -13.20 1.65 13.09
C SER F 99 -13.42 0.80 14.34
N LEU F 100 -14.62 0.28 14.57
CA LEU F 100 -15.00 -0.42 15.83
C LEU F 100 -15.71 -1.71 15.50
N TRP F 101 -15.55 -2.71 16.35
CA TRP F 101 -16.53 -3.83 16.41
C TRP F 101 -17.86 -3.23 16.91
N VAL F 102 -18.93 -3.56 16.20
CA VAL F 102 -20.32 -3.20 16.58
C VAL F 102 -21.11 -4.49 16.56
N PRO F 103 -22.05 -4.70 17.49
CA PRO F 103 -22.90 -5.89 17.47
C PRO F 103 -23.74 -5.92 16.18
N ASP F 104 -23.92 -7.11 15.62
CA ASP F 104 -24.67 -7.34 14.35
C ASP F 104 -26.16 -7.45 14.67
N LEU F 105 -26.76 -6.37 15.23
CA LEU F 105 -28.20 -6.37 15.63
C LEU F 105 -29.05 -6.28 14.38
N ALA F 106 -30.13 -7.04 14.33
CA ALA F 106 -31.19 -6.98 13.31
C ALA F 106 -32.53 -7.03 14.04
N ALA F 107 -33.53 -6.35 13.48
CA ALA F 107 -34.93 -6.51 13.92
C ALA F 107 -35.51 -7.69 13.12
N TYR F 108 -35.89 -8.76 13.80
CA TYR F 108 -36.33 -10.04 13.16
C TYR F 108 -37.59 -9.81 12.33
N ASN F 109 -38.44 -8.82 12.66
CA ASN F 109 -39.74 -8.60 11.99
C ASN F 109 -39.70 -7.32 11.13
N ALA F 110 -38.52 -6.78 10.84
CA ALA F 110 -38.33 -5.68 9.87
C ALA F 110 -38.65 -6.17 8.45
N ILE F 111 -39.29 -5.34 7.64
CA ILE F 111 -39.58 -5.64 6.21
C ILE F 111 -38.92 -4.58 5.31
N SER F 112 -38.04 -3.75 5.87
CA SER F 112 -37.17 -2.81 5.10
C SER F 112 -35.81 -2.76 5.76
N LYS F 113 -34.78 -2.36 5.01
CA LYS F 113 -33.42 -2.09 5.57
C LYS F 113 -33.54 -0.94 6.57
N PRO F 114 -32.76 -0.94 7.67
CA PRO F 114 -32.72 0.22 8.54
C PRO F 114 -32.18 1.42 7.75
N GLU F 115 -32.93 2.52 7.70
CA GLU F 115 -32.48 3.82 7.16
C GLU F 115 -31.88 4.59 8.33
N VAL F 116 -30.55 4.70 8.37
CA VAL F 116 -29.83 5.40 9.47
C VAL F 116 -29.82 6.89 9.10
N LEU F 117 -30.42 7.74 9.93
CA LEU F 117 -30.66 9.16 9.61
C LEU F 117 -29.50 10.02 10.10
N THR F 118 -28.63 9.48 10.97
CA THR F 118 -27.62 10.25 11.75
C THR F 118 -26.22 9.84 11.36
N PRO F 119 -25.20 10.68 11.64
CA PRO F 119 -23.79 10.32 11.42
C PRO F 119 -23.44 9.02 12.17
N GLN F 120 -22.68 8.16 11.51
CA GLN F 120 -22.36 6.79 12.02
C GLN F 120 -21.09 6.88 12.87
N LEU F 121 -21.20 7.58 13.99
CA LEU F 121 -20.17 7.78 15.03
C LEU F 121 -20.70 7.20 16.34
N ALA F 122 -19.86 6.50 17.10
CA ALA F 122 -20.10 6.07 18.49
C ALA F 122 -19.25 6.93 19.43
N ARG F 123 -19.63 6.97 20.71
CA ARG F 123 -18.79 7.55 21.79
C ARG F 123 -18.06 6.41 22.48
N VAL F 124 -16.75 6.55 22.62
CA VAL F 124 -15.91 5.56 23.34
C VAL F 124 -15.35 6.26 24.58
N VAL F 125 -15.62 5.68 25.75
CA VAL F 125 -15.10 6.15 27.06
C VAL F 125 -13.74 5.47 27.29
N SER F 126 -12.85 6.13 28.04
CA SER F 126 -11.45 5.69 28.30
C SER F 126 -11.40 4.28 28.89
N ASP F 127 -12.46 3.81 29.54
CA ASP F 127 -12.51 2.44 30.13
C ASP F 127 -12.95 1.39 29.08
N GLY F 128 -13.27 1.80 27.84
CA GLY F 128 -13.64 0.87 26.77
C GLY F 128 -15.15 0.68 26.61
N GLU F 129 -15.96 1.42 27.36
CA GLU F 129 -17.43 1.45 27.14
C GLU F 129 -17.70 2.17 25.80
N VAL F 130 -18.56 1.58 24.97
CA VAL F 130 -19.01 2.19 23.69
C VAL F 130 -20.49 2.52 23.79
N LEU F 131 -20.88 3.70 23.36
CA LEU F 131 -22.31 4.11 23.24
CA LEU F 131 -22.31 4.12 23.25
C LEU F 131 -22.56 4.48 21.78
N TYR F 132 -23.41 3.72 21.10
CA TYR F 132 -23.83 3.98 19.70
C TYR F 132 -25.34 4.18 19.72
N MET F 133 -25.80 5.34 19.29
CA MET F 133 -27.24 5.70 19.31
C MET F 133 -27.65 6.29 17.97
N PRO F 134 -27.80 5.45 16.92
CA PRO F 134 -28.32 5.91 15.65
C PRO F 134 -29.82 6.20 15.74
N SER F 135 -30.26 7.20 14.98
CA SER F 135 -31.69 7.41 14.68
C SER F 135 -32.00 6.59 13.43
N ILE F 136 -32.99 5.71 13.54
CA ILE F 136 -33.33 4.73 12.48
C ILE F 136 -34.80 4.91 12.09
N ARG F 137 -35.06 4.96 10.80
CA ARG F 137 -36.40 4.78 10.23
C ARG F 137 -36.46 3.39 9.59
N GLN F 138 -37.46 2.60 9.97
CA GLN F 138 -37.60 1.20 9.51
C GLN F 138 -39.08 0.81 9.49
N ARG F 139 -39.44 -0.10 8.59
CA ARG F 139 -40.81 -0.66 8.46
C ARG F 139 -40.86 -2.05 9.09
N PHE F 140 -41.91 -2.34 9.86
CA PHE F 140 -42.10 -3.62 10.56
C PHE F 140 -43.45 -4.27 10.22
N SER F 141 -43.46 -5.60 10.25
CA SER F 141 -44.66 -6.47 10.26
C SER F 141 -44.99 -6.71 11.73
N CYS F 142 -46.10 -6.17 12.22
CA CYS F 142 -46.52 -6.35 13.63
C CYS F 142 -48.02 -6.07 13.77
N ASP F 143 -48.57 -6.32 14.96
CA ASP F 143 -50.04 -6.24 15.19
C ASP F 143 -50.49 -4.78 15.25
N VAL F 144 -51.17 -4.32 14.21
CA VAL F 144 -51.71 -2.93 14.09
C VAL F 144 -53.20 -2.90 14.51
N SER F 145 -53.81 -4.06 14.80
CA SER F 145 -55.26 -4.14 15.17
C SER F 145 -55.52 -3.28 16.42
N GLY F 146 -56.56 -2.46 16.39
CA GLY F 146 -57.01 -1.65 17.54
C GLY F 146 -56.36 -0.27 17.55
N VAL F 147 -55.64 0.09 16.49
CA VAL F 147 -54.88 1.38 16.42
C VAL F 147 -55.86 2.56 16.56
N ASP F 148 -57.09 2.44 16.05
CA ASP F 148 -58.12 3.52 16.07
C ASP F 148 -59.09 3.33 17.24
N THR F 149 -58.70 2.63 18.31
CA THR F 149 -59.52 2.43 19.54
C THR F 149 -58.78 3.06 20.73
N GLU F 150 -59.46 3.12 21.88
CA GLU F 150 -58.95 3.83 23.08
C GLU F 150 -57.74 3.08 23.63
N SER F 151 -57.77 1.75 23.62
CA SER F 151 -56.71 0.91 24.21
C SER F 151 -55.57 0.72 23.19
N GLY F 152 -55.80 1.03 21.91
CA GLY F 152 -54.76 1.19 20.88
C GLY F 152 -54.23 -0.14 20.39
N ALA F 153 -53.20 -0.12 19.52
CA ALA F 153 -52.49 -1.30 19.01
C ALA F 153 -51.26 -1.57 19.88
N THR F 154 -50.80 -2.82 19.90
CA THR F 154 -49.51 -3.22 20.51
C THR F 154 -48.65 -3.90 19.44
N CYS F 155 -47.64 -3.17 18.95
CA CYS F 155 -46.67 -3.61 17.91
C CYS F 155 -45.41 -4.08 18.65
N ARG F 156 -45.05 -5.36 18.50
CA ARG F 156 -43.84 -5.96 19.11
C ARG F 156 -42.69 -5.92 18.08
N ILE F 157 -41.57 -5.30 18.43
CA ILE F 157 -40.32 -5.29 17.63
C ILE F 157 -39.28 -6.15 18.39
N LYS F 158 -38.68 -7.13 17.72
CA LYS F 158 -37.66 -8.04 18.33
C LYS F 158 -36.29 -7.71 17.71
N ILE F 159 -35.32 -7.33 18.56
CA ILE F 159 -33.95 -6.97 18.11
C ILE F 159 -32.93 -7.85 18.83
N GLY F 160 -32.08 -8.54 18.07
CA GLY F 160 -30.96 -9.32 18.62
C GLY F 160 -29.85 -9.54 17.60
N SER F 161 -28.78 -10.21 18.00
CA SER F 161 -27.65 -10.56 17.10
C SER F 161 -28.16 -11.43 15.95
N TRP F 162 -27.77 -11.11 14.73
CA TRP F 162 -28.11 -11.95 13.55
C TRP F 162 -27.28 -13.25 13.57
N THR F 163 -26.02 -13.26 14.04
CA THR F 163 -25.14 -14.44 13.86
C THR F 163 -24.50 -14.92 15.16
N HIS F 164 -24.60 -14.18 16.27
CA HIS F 164 -23.97 -14.56 17.55
C HIS F 164 -25.04 -15.08 18.51
N HIS F 165 -24.94 -16.35 18.91
CA HIS F 165 -25.89 -16.97 19.87
C HIS F 165 -25.53 -16.53 21.30
N SER F 166 -26.30 -17.01 22.28
CA SER F 166 -26.34 -16.52 23.69
C SER F 166 -24.99 -16.71 24.39
N ARG F 167 -24.15 -17.63 23.96
CA ARG F 167 -22.80 -17.81 24.59
C ARG F 167 -21.81 -16.76 24.06
N GLU F 168 -22.17 -16.01 23.01
CA GLU F 168 -21.26 -14.99 22.38
C GLU F 168 -21.81 -13.57 22.60
N ILE F 169 -23.11 -13.35 22.39
CA ILE F 169 -23.77 -12.04 22.69
C ILE F 169 -25.01 -12.31 23.57
N SER F 170 -25.12 -11.55 24.66
CA SER F 170 -26.36 -11.41 25.45
C SER F 170 -26.89 -10.00 25.24
N VAL F 171 -28.19 -9.85 25.11
CA VAL F 171 -28.88 -8.54 24.98
C VAL F 171 -29.74 -8.36 26.23
N ASP F 172 -29.67 -7.19 26.84
CA ASP F 172 -30.54 -6.81 27.97
C ASP F 172 -31.17 -5.46 27.66
N PRO F 173 -32.44 -5.26 28.04
CA PRO F 173 -33.02 -3.92 28.03
C PRO F 173 -32.31 -3.12 29.13
N THR F 174 -32.24 -1.81 28.99
CA THR F 174 -31.78 -0.92 30.10
C THR F 174 -32.89 -0.88 31.16
N THR F 175 -32.56 -0.56 32.40
CA THR F 175 -33.50 -0.62 33.55
C THR F 175 -34.39 0.62 33.51
N SER F 178 -37.05 6.62 31.42
CA SER F 178 -37.70 7.96 31.45
C SER F 178 -39.14 7.87 30.95
N ASP F 179 -39.73 9.01 30.60
CA ASP F 179 -41.04 9.10 29.91
C ASP F 179 -40.93 8.44 28.53
N ASP F 180 -41.79 7.45 28.26
CA ASP F 180 -41.91 6.71 26.98
C ASP F 180 -42.09 7.68 25.79
N SER F 181 -42.61 8.89 26.02
CA SER F 181 -42.90 9.89 24.95
C SER F 181 -42.13 11.20 25.16
N GLU F 182 -41.05 11.19 25.95
CA GLU F 182 -40.21 12.40 26.19
C GLU F 182 -39.62 12.92 24.88
N TYR F 183 -39.26 12.03 23.94
CA TYR F 183 -38.62 12.42 22.65
C TYR F 183 -39.60 12.24 21.49
N PHE F 184 -40.80 11.74 21.73
CA PHE F 184 -41.79 11.45 20.67
C PHE F 184 -42.30 12.77 20.06
N SER F 185 -42.40 12.83 18.73
CA SER F 185 -42.87 14.04 18.01
C SER F 185 -44.31 14.35 18.40
N GLN F 186 -44.56 15.56 18.87
CA GLN F 186 -45.92 16.10 19.14
C GLN F 186 -46.71 16.25 17.84
N TYR F 187 -46.07 16.13 16.66
CA TYR F 187 -46.73 16.36 15.34
C TYR F 187 -47.14 15.05 14.66
N SER F 188 -46.79 13.89 15.22
CA SER F 188 -47.27 12.58 14.73
C SER F 188 -48.79 12.54 14.75
N ARG F 189 -49.41 11.77 13.86
CA ARG F 189 -50.86 11.46 13.91
C ARG F 189 -51.14 10.50 15.08
N PHE F 190 -50.10 9.89 15.65
CA PHE F 190 -50.24 8.82 16.65
C PHE F 190 -49.67 9.32 17.97
N GLU F 191 -50.05 8.65 19.06
CA GLU F 191 -49.52 8.93 20.41
C GLU F 191 -49.19 7.59 21.07
N ILE F 192 -48.25 7.63 22.00
CA ILE F 192 -47.75 6.43 22.71
C ILE F 192 -48.51 6.32 24.04
N LEU F 193 -49.12 5.18 24.29
CA LEU F 193 -49.78 4.87 25.58
C LEU F 193 -48.76 4.24 26.52
N ASP F 194 -47.86 3.40 26.01
CA ASP F 194 -46.93 2.60 26.84
C ASP F 194 -45.84 1.97 25.97
N VAL F 195 -44.64 1.85 26.53
CA VAL F 195 -43.52 1.06 25.93
C VAL F 195 -42.98 0.14 27.01
N THR F 196 -42.93 -1.16 26.75
CA THR F 196 -42.23 -2.14 27.61
C THR F 196 -41.18 -2.86 26.76
N GLN F 197 -40.06 -3.18 27.39
CA GLN F 197 -38.85 -3.75 26.72
C GLN F 197 -38.42 -4.90 27.62
N LYS F 198 -38.47 -6.14 27.12
CA LYS F 198 -38.15 -7.34 27.95
C LYS F 198 -37.19 -8.24 27.17
N LYS F 199 -36.45 -9.09 27.89
CA LYS F 199 -35.47 -10.03 27.30
C LYS F 199 -36.19 -11.31 26.87
N ASN F 200 -35.90 -11.82 25.69
CA ASN F 200 -36.43 -13.10 25.17
C ASN F 200 -35.23 -13.92 24.67
N SER F 201 -35.50 -15.17 24.34
CA SER F 201 -34.61 -16.19 23.77
C SER F 201 -35.37 -16.90 22.66
N VAL F 202 -34.79 -16.98 21.46
CA VAL F 202 -35.32 -17.77 20.32
C VAL F 202 -34.37 -18.93 19.98
N THR F 203 -34.94 -20.12 19.83
CA THR F 203 -34.32 -21.32 19.22
C THR F 203 -35.17 -21.65 18.00
N TYR F 204 -34.55 -21.94 16.86
CA TYR F 204 -35.23 -22.56 15.67
C TYR F 204 -34.96 -24.07 15.70
N SER F 205 -35.85 -24.85 15.07
CA SER F 205 -35.85 -26.35 15.11
C SER F 205 -34.56 -26.91 14.50
N CYS F 206 -34.08 -26.32 13.40
CA CYS F 206 -32.85 -26.75 12.66
C CYS F 206 -31.66 -26.88 13.61
N CYS F 207 -31.49 -25.91 14.51
CA CYS F 207 -30.21 -25.43 15.06
C CYS F 207 -30.28 -25.34 16.58
N PRO F 208 -29.27 -25.88 17.31
CA PRO F 208 -29.38 -26.05 18.75
C PRO F 208 -29.17 -24.77 19.59
N GLU F 209 -28.70 -23.68 18.98
CA GLU F 209 -28.25 -22.48 19.73
C GLU F 209 -29.45 -21.54 19.96
N ALA F 210 -29.45 -20.87 21.10
CA ALA F 210 -30.45 -19.83 21.45
C ALA F 210 -29.86 -18.45 21.12
N TYR F 211 -30.68 -17.60 20.51
CA TYR F 211 -30.37 -16.18 20.18
C TYR F 211 -31.18 -15.31 21.14
N GLU F 212 -30.53 -14.42 21.86
CA GLU F 212 -31.23 -13.48 22.77
C GLU F 212 -31.69 -12.27 21.97
N ASP F 213 -32.84 -11.73 22.35
CA ASP F 213 -33.40 -10.52 21.71
C ASP F 213 -34.03 -9.68 22.81
N VAL F 214 -34.16 -8.40 22.53
CA VAL F 214 -35.02 -7.48 23.32
C VAL F 214 -36.32 -7.34 22.54
N GLU F 215 -37.43 -7.58 23.23
CA GLU F 215 -38.78 -7.48 22.66
C GLU F 215 -39.35 -6.17 23.15
N VAL F 216 -39.64 -5.25 22.23
CA VAL F 216 -40.13 -3.89 22.54
C VAL F 216 -41.61 -3.88 22.14
N SER F 217 -42.49 -3.70 23.12
CA SER F 217 -43.95 -3.61 22.94
C SER F 217 -44.34 -2.14 22.91
N LEU F 218 -44.72 -1.66 21.73
CA LEU F 218 -45.13 -0.25 21.49
C LEU F 218 -46.66 -0.23 21.47
N ASN F 219 -47.27 0.29 22.53
CA ASN F 219 -48.74 0.43 22.66
C ASN F 219 -49.05 1.86 22.24
N PHE F 220 -49.73 2.03 21.11
CA PHE F 220 -49.94 3.37 20.50
C PHE F 220 -51.32 3.39 19.87
N ARG F 221 -51.83 4.60 19.58
CA ARG F 221 -53.13 4.75 18.90
C ARG F 221 -53.14 6.06 18.09
N LYS F 222 -54.05 6.13 17.12
CA LYS F 222 -54.38 7.37 16.37
C LYS F 222 -54.94 8.39 17.35
N LYS F 223 -54.49 9.64 17.27
CA LYS F 223 -54.96 10.76 18.11
C LYS F 223 -56.41 11.13 17.76
N GLY F 224 -57.23 11.49 18.75
CA GLY F 224 -58.70 11.61 18.66
C GLY F 224 -59.29 10.43 17.91
N LEU G 20 -5.75 -21.30 19.12
CA LEU G 20 -6.11 -20.11 18.34
C LEU G 20 -7.27 -19.40 19.04
N ASP G 21 -7.28 -18.08 19.06
CA ASP G 21 -8.48 -17.30 19.48
C ASP G 21 -9.17 -16.75 18.22
N ARG G 22 -10.34 -16.15 18.41
CA ARG G 22 -11.17 -15.55 17.34
C ARG G 22 -10.34 -14.56 16.53
N ALA G 23 -9.57 -13.71 17.21
CA ALA G 23 -8.73 -12.66 16.58
C ALA G 23 -7.76 -13.31 15.57
N ASP G 24 -7.11 -14.42 15.95
CA ASP G 24 -6.13 -15.12 15.09
C ASP G 24 -6.83 -15.70 13.85
N ILE G 25 -7.93 -16.43 14.07
CA ILE G 25 -8.72 -17.09 12.99
C ILE G 25 -9.20 -16.04 12.00
N LEU G 26 -9.73 -14.93 12.51
CA LEU G 26 -10.30 -13.88 11.62
C LEU G 26 -9.16 -13.17 10.88
N TYR G 27 -8.01 -12.96 11.54
CA TYR G 27 -6.81 -12.37 10.88
C TYR G 27 -6.36 -13.30 9.74
N ASN G 28 -6.25 -14.60 10.01
CA ASN G 28 -5.80 -15.59 9.00
C ASN G 28 -6.75 -15.59 7.80
N ILE G 29 -8.07 -15.60 8.06
CA ILE G 29 -9.09 -15.62 6.97
C ILE G 29 -8.96 -14.32 6.15
N ARG G 30 -8.90 -13.17 6.82
CA ARG G 30 -8.83 -11.86 6.12
C ARG G 30 -7.55 -11.79 5.26
N GLN G 31 -6.43 -12.32 5.76
CA GLN G 31 -5.10 -12.18 5.10
C GLN G 31 -4.96 -13.13 3.92
N THR G 32 -5.67 -14.26 3.90
CA THR G 32 -5.50 -15.33 2.88
C THR G 32 -6.80 -15.52 2.07
N SER G 33 -7.75 -14.61 2.30
CA SER G 33 -9.07 -14.56 1.64
C SER G 33 -8.90 -14.32 0.13
N ARG G 34 -9.33 -15.30 -0.65
CA ARG G 34 -9.46 -15.25 -2.13
C ARG G 34 -10.94 -15.26 -2.47
N PRO G 35 -11.67 -14.14 -2.25
CA PRO G 35 -13.11 -14.11 -2.46
C PRO G 35 -13.54 -14.35 -3.92
N ASP G 36 -12.63 -14.14 -4.84
CA ASP G 36 -12.87 -14.31 -6.30
C ASP G 36 -12.66 -15.77 -6.72
N VAL G 37 -12.19 -16.65 -5.83
CA VAL G 37 -11.76 -18.04 -6.22
C VAL G 37 -12.73 -19.10 -5.67
N ILE G 38 -13.49 -19.74 -6.56
CA ILE G 38 -14.41 -20.87 -6.23
C ILE G 38 -13.56 -21.97 -5.59
N PRO G 39 -13.92 -22.45 -4.37
CA PRO G 39 -13.10 -23.48 -3.71
C PRO G 39 -13.39 -24.91 -4.17
N THR G 40 -13.23 -25.20 -5.46
CA THR G 40 -13.38 -26.58 -6.01
C THR G 40 -12.27 -27.47 -5.44
N GLN G 41 -12.59 -28.71 -5.10
CA GLN G 41 -11.64 -29.77 -4.67
C GLN G 41 -11.50 -30.77 -5.83
N ARG G 42 -10.29 -30.90 -6.37
CA ARG G 42 -9.90 -31.90 -7.39
C ARG G 42 -10.92 -31.87 -8.55
N ASP G 43 -11.26 -30.68 -9.03
CA ASP G 43 -12.18 -30.39 -10.17
C ASP G 43 -13.52 -31.13 -10.00
N ARG G 44 -13.99 -31.33 -8.77
CA ARG G 44 -15.38 -31.76 -8.45
C ARG G 44 -16.18 -30.50 -8.08
N PRO G 45 -17.50 -30.46 -8.34
CA PRO G 45 -18.27 -29.23 -8.14
C PRO G 45 -18.29 -28.86 -6.65
N VAL G 46 -18.39 -27.57 -6.35
CA VAL G 46 -18.74 -27.11 -4.98
C VAL G 46 -20.24 -27.40 -4.77
N ALA G 47 -20.55 -28.20 -3.76
CA ALA G 47 -21.94 -28.56 -3.39
C ALA G 47 -22.54 -27.41 -2.56
N VAL G 48 -23.44 -26.64 -3.14
CA VAL G 48 -24.15 -25.53 -2.45
C VAL G 48 -25.57 -26.00 -2.09
N SER G 49 -25.94 -25.92 -0.82
CA SER G 49 -27.33 -26.13 -0.32
C SER G 49 -28.06 -24.78 -0.24
N VAL G 50 -29.28 -24.73 -0.77
CA VAL G 50 -30.15 -23.54 -0.74
C VAL G 50 -31.52 -23.97 -0.23
N SER G 51 -32.03 -23.26 0.77
CA SER G 51 -33.41 -23.41 1.29
C SER G 51 -33.95 -22.03 1.64
N LEU G 52 -35.10 -21.64 1.08
CA LEU G 52 -35.80 -20.40 1.47
C LEU G 52 -36.75 -20.68 2.64
N LYS G 53 -36.61 -19.91 3.71
CA LYS G 53 -37.60 -19.84 4.82
C LYS G 53 -38.39 -18.55 4.60
N PHE G 54 -39.68 -18.66 4.29
CA PHE G 54 -40.54 -17.49 4.00
C PHE G 54 -40.90 -16.84 5.33
N ILE G 55 -40.76 -15.53 5.38
CA ILE G 55 -41.02 -14.69 6.58
C ILE G 55 -42.28 -13.86 6.33
N ASN G 56 -42.45 -13.35 5.12
CA ASN G 56 -43.61 -12.50 4.83
C ASN G 56 -43.91 -12.47 3.33
N ILE G 57 -45.17 -12.22 3.01
CA ILE G 57 -45.65 -11.88 1.64
C ILE G 57 -46.36 -10.53 1.78
N LEU G 58 -45.86 -9.51 1.08
CA LEU G 58 -46.15 -8.10 1.40
C LEU G 58 -47.08 -7.46 0.35
N GLU G 59 -46.89 -7.79 -0.93
CA GLU G 59 -47.66 -7.16 -2.02
C GLU G 59 -47.83 -8.25 -3.05
N VAL G 60 -49.07 -8.56 -3.38
CA VAL G 60 -49.44 -9.54 -4.43
C VAL G 60 -50.26 -8.77 -5.46
N ASN G 61 -50.02 -9.01 -6.73
CA ASN G 61 -50.79 -8.36 -7.83
C ASN G 61 -51.18 -9.46 -8.82
N GLU G 62 -52.45 -9.87 -8.80
CA GLU G 62 -52.97 -10.97 -9.66
C GLU G 62 -53.06 -10.50 -11.11
N ILE G 63 -53.18 -9.19 -11.36
CA ILE G 63 -53.21 -8.62 -12.73
C ILE G 63 -51.83 -8.77 -13.38
N THR G 64 -50.75 -8.35 -12.70
CA THR G 64 -49.38 -8.31 -13.28
C THR G 64 -48.63 -9.61 -13.01
N ASN G 65 -49.15 -10.49 -12.16
CA ASN G 65 -48.45 -11.74 -11.73
C ASN G 65 -47.09 -11.38 -11.10
N GLU G 66 -47.10 -10.50 -10.10
CA GLU G 66 -45.89 -10.07 -9.36
C GLU G 66 -46.15 -10.22 -7.87
N VAL G 67 -45.14 -10.69 -7.13
CA VAL G 67 -45.20 -10.81 -5.64
C VAL G 67 -43.94 -10.17 -5.04
N ASP G 68 -44.10 -9.55 -3.87
CA ASP G 68 -43.02 -8.99 -3.04
C ASP G 68 -42.93 -9.90 -1.82
N VAL G 69 -41.80 -10.59 -1.65
CA VAL G 69 -41.60 -11.61 -0.58
C VAL G 69 -40.40 -11.24 0.30
N VAL G 70 -40.48 -11.57 1.58
CA VAL G 70 -39.32 -11.55 2.52
C VAL G 70 -39.00 -12.99 2.91
N PHE G 71 -37.77 -13.44 2.68
CA PHE G 71 -37.32 -14.81 2.98
C PHE G 71 -35.89 -14.79 3.54
N TRP G 72 -35.59 -15.74 4.41
CA TRP G 72 -34.21 -16.08 4.82
C TRP G 72 -33.67 -17.10 3.82
N GLN G 73 -32.59 -16.75 3.12
CA GLN G 73 -31.98 -17.61 2.08
C GLN G 73 -30.85 -18.42 2.74
N GLN G 74 -31.18 -19.55 3.37
CA GLN G 74 -30.20 -20.44 4.02
C GLN G 74 -29.30 -21.05 2.95
N THR G 75 -28.02 -20.67 2.94
CA THR G 75 -26.99 -21.08 1.96
C THR G 75 -25.81 -21.70 2.71
N THR G 76 -25.43 -22.93 2.35
CA THR G 76 -24.28 -23.65 2.96
C THR G 76 -23.40 -24.24 1.85
N TRP G 77 -22.10 -24.26 2.09
CA TRP G 77 -21.09 -24.88 1.20
C TRP G 77 -19.82 -25.09 2.01
N SER G 78 -18.89 -25.87 1.48
CA SER G 78 -17.57 -26.13 2.12
C SER G 78 -16.49 -25.29 1.41
N ASP G 79 -15.62 -24.64 2.17
CA ASP G 79 -14.36 -24.02 1.69
C ASP G 79 -13.25 -24.45 2.64
N ARG G 80 -12.54 -25.52 2.28
CA ARG G 80 -11.49 -26.17 3.13
C ARG G 80 -10.34 -25.18 3.40
N THR G 81 -10.10 -24.18 2.54
CA THR G 81 -9.03 -23.17 2.77
C THR G 81 -9.35 -22.34 4.03
N LEU G 82 -10.56 -22.40 4.57
CA LEU G 82 -10.95 -21.63 5.79
C LEU G 82 -10.73 -22.46 7.05
N ALA G 83 -10.50 -23.76 6.94
CA ALA G 83 -10.49 -24.71 8.09
C ALA G 83 -9.36 -24.36 9.06
N TRP G 84 -9.57 -24.61 10.36
CA TRP G 84 -8.53 -24.51 11.40
C TRP G 84 -8.68 -25.68 12.37
N ASN G 85 -7.63 -25.98 13.13
CA ASN G 85 -7.64 -27.01 14.20
C ASN G 85 -8.41 -26.40 15.37
N SER G 86 -9.56 -26.99 15.74
CA SER G 86 -10.51 -26.46 16.75
C SER G 86 -10.15 -26.90 18.18
N SER G 87 -9.05 -27.61 18.39
CA SER G 87 -8.54 -27.96 19.73
C SER G 87 -8.14 -26.67 20.48
N HIS G 88 -8.71 -26.47 21.67
CA HIS G 88 -8.65 -25.23 22.49
C HIS G 88 -8.81 -23.98 21.62
N SER G 89 -9.79 -24.02 20.71
CA SER G 89 -10.14 -22.91 19.80
C SER G 89 -11.66 -22.87 19.62
N PRO G 90 -12.24 -21.71 19.22
CA PRO G 90 -13.64 -21.67 18.82
C PRO G 90 -13.98 -22.71 17.75
N ASP G 91 -15.19 -23.27 17.79
CA ASP G 91 -15.71 -24.19 16.74
C ASP G 91 -16.21 -23.38 15.54
N GLN G 92 -16.61 -22.11 15.75
CA GLN G 92 -17.25 -21.25 14.72
C GLN G 92 -16.84 -19.79 14.92
N VAL G 93 -16.83 -19.00 13.85
CA VAL G 93 -16.67 -17.52 13.91
C VAL G 93 -17.63 -16.87 12.92
N SER G 94 -17.93 -15.59 13.15
CA SER G 94 -18.72 -14.72 12.24
C SER G 94 -17.73 -13.93 11.37
N VAL G 95 -17.90 -13.98 10.06
CA VAL G 95 -16.96 -13.40 9.06
C VAL G 95 -17.75 -12.53 8.09
N PRO G 96 -17.32 -11.30 7.77
CA PRO G 96 -17.96 -10.52 6.71
C PRO G 96 -17.87 -11.31 5.39
N ILE G 97 -18.94 -11.35 4.59
CA ILE G 97 -18.94 -12.10 3.30
C ILE G 97 -17.97 -11.43 2.31
N SER G 98 -17.59 -10.17 2.52
CA SER G 98 -16.57 -9.50 1.67
C SER G 98 -15.21 -10.22 1.82
N SER G 99 -14.97 -10.99 2.89
CA SER G 99 -13.72 -11.76 3.11
C SER G 99 -13.81 -13.21 2.63
N LEU G 100 -14.90 -13.61 1.97
CA LEU G 100 -15.17 -15.03 1.62
C LEU G 100 -15.59 -15.09 0.15
N TRP G 101 -15.26 -16.17 -0.53
CA TRP G 101 -16.00 -16.59 -1.74
C TRP G 101 -17.43 -16.94 -1.33
N VAL G 102 -18.38 -16.42 -2.10
CA VAL G 102 -19.83 -16.73 -1.96
C VAL G 102 -20.33 -17.16 -3.33
N PRO G 103 -21.22 -18.16 -3.40
CA PRO G 103 -21.78 -18.58 -4.69
C PRO G 103 -22.55 -17.43 -5.35
N ASP G 104 -22.43 -17.32 -6.68
CA ASP G 104 -23.10 -16.27 -7.49
C ASP G 104 -24.55 -16.69 -7.80
N LEU G 105 -25.38 -16.94 -6.77
CA LEU G 105 -26.79 -17.35 -6.94
C LEU G 105 -27.61 -16.14 -7.41
N ALA G 106 -28.52 -16.38 -8.34
CA ALA G 106 -29.51 -15.42 -8.83
C ALA G 106 -30.86 -16.17 -8.91
N ALA G 107 -31.94 -15.46 -8.63
CA ALA G 107 -33.30 -15.94 -8.91
C ALA G 107 -33.62 -15.57 -10.36
N TYR G 108 -33.81 -16.55 -11.24
CA TYR G 108 -33.99 -16.34 -12.70
C TYR G 108 -35.25 -15.49 -12.97
N ASN G 109 -36.26 -15.51 -12.10
CA ASN G 109 -37.56 -14.82 -12.34
C ASN G 109 -37.72 -13.61 -11.39
N ALA G 110 -36.64 -13.15 -10.75
CA ALA G 110 -36.64 -11.89 -9.97
C ALA G 110 -36.78 -10.70 -10.93
N ILE G 111 -37.53 -9.68 -10.53
CA ILE G 111 -37.69 -8.43 -11.34
C ILE G 111 -37.22 -7.22 -10.52
N SER G 112 -36.57 -7.47 -9.38
CA SER G 112 -35.87 -6.43 -8.58
C SER G 112 -34.56 -7.04 -8.06
N LYS G 113 -33.58 -6.19 -7.75
CA LYS G 113 -32.33 -6.63 -7.07
C LYS G 113 -32.70 -7.16 -5.68
N PRO G 114 -32.00 -8.17 -5.16
CA PRO G 114 -32.24 -8.61 -3.79
C PRO G 114 -31.89 -7.45 -2.83
N GLU G 115 -32.84 -7.04 -1.99
CA GLU G 115 -32.64 -6.06 -0.90
C GLU G 115 -32.27 -6.88 0.35
N VAL G 116 -31.00 -6.85 0.76
CA VAL G 116 -30.50 -7.59 1.94
C VAL G 116 -30.80 -6.74 3.18
N LEU G 117 -31.59 -7.25 4.10
CA LEU G 117 -32.11 -6.50 5.26
C LEU G 117 -31.17 -6.63 6.46
N THR G 118 -30.26 -7.61 6.45
CA THR G 118 -29.50 -8.07 7.65
C THR G 118 -28.01 -7.81 7.49
N PRO G 119 -27.24 -7.79 8.59
CA PRO G 119 -25.77 -7.66 8.52
C PRO G 119 -25.16 -8.77 7.66
N GLN G 120 -24.20 -8.43 6.81
CA GLN G 120 -23.68 -9.33 5.76
C GLN G 120 -22.50 -10.13 6.32
N LEU G 121 -22.81 -10.98 7.31
CA LEU G 121 -21.88 -11.89 8.01
C LEU G 121 -22.33 -13.33 7.76
N ALA G 122 -21.40 -14.23 7.51
CA ALA G 122 -21.61 -15.69 7.47
C ALA G 122 -21.00 -16.31 8.72
N ARG G 123 -21.42 -17.53 9.06
CA ARG G 123 -20.78 -18.36 10.10
C ARG G 123 -19.84 -19.33 9.38
N VAL G 124 -18.60 -19.40 9.84
CA VAL G 124 -17.60 -20.36 9.34
C VAL G 124 -17.29 -21.32 10.49
N VAL G 125 -17.47 -22.61 10.22
CA VAL G 125 -17.15 -23.73 11.16
C VAL G 125 -15.70 -24.14 10.92
N SER G 126 -15.03 -24.64 11.96
CA SER G 126 -13.57 -25.00 11.96
C SER G 126 -13.22 -25.98 10.84
N ASP G 127 -14.19 -26.77 10.34
CA ASP G 127 -13.94 -27.73 9.23
C ASP G 127 -14.08 -27.04 7.86
N GLY G 128 -14.44 -25.75 7.80
CA GLY G 128 -14.54 -25.01 6.53
C GLY G 128 -15.96 -24.95 5.97
N GLU G 129 -16.95 -25.46 6.68
CA GLU G 129 -18.38 -25.26 6.33
C GLU G 129 -18.72 -23.77 6.53
N VAL G 130 -19.40 -23.17 5.55
CA VAL G 130 -19.90 -21.77 5.61
C VAL G 130 -21.43 -21.81 5.63
N LEU G 131 -22.04 -21.07 6.55
CA LEU G 131 -23.52 -20.86 6.57
C LEU G 131 -23.77 -19.36 6.42
N TYR G 132 -24.40 -18.96 5.32
CA TYR G 132 -24.82 -17.56 5.06
C TYR G 132 -26.33 -17.57 4.93
N MET G 133 -27.01 -16.82 5.80
CA MET G 133 -28.49 -16.76 5.82
C MET G 133 -28.94 -15.30 5.90
N PRO G 134 -28.86 -14.55 4.77
CA PRO G 134 -29.39 -13.20 4.74
C PRO G 134 -30.93 -13.24 4.71
N SER G 135 -31.54 -12.23 5.32
CA SER G 135 -32.96 -11.87 5.08
C SER G 135 -33.01 -10.99 3.84
N ILE G 136 -33.80 -11.41 2.86
CA ILE G 136 -33.91 -10.76 1.54
C ILE G 136 -35.37 -10.37 1.30
N ARG G 137 -35.58 -9.14 0.85
CA ARG G 137 -36.84 -8.70 0.22
C ARG G 137 -36.60 -8.57 -1.26
N GLN G 138 -37.43 -9.22 -2.08
CA GLN G 138 -37.26 -9.27 -3.54
C GLN G 138 -38.64 -9.44 -4.20
N ARG G 139 -38.77 -8.89 -5.41
CA ARG G 139 -39.99 -8.98 -6.23
C ARG G 139 -39.79 -10.02 -7.34
N PHE G 140 -40.80 -10.87 -7.57
CA PHE G 140 -40.76 -11.95 -8.58
C PHE G 140 -41.94 -11.86 -9.56
N SER G 141 -41.68 -12.29 -10.79
CA SER G 141 -42.69 -12.62 -11.82
C SER G 141 -43.03 -14.10 -11.66
N CYS G 142 -44.23 -14.42 -11.21
CA CYS G 142 -44.67 -15.83 -11.01
C CYS G 142 -46.20 -15.91 -10.98
N ASP G 143 -46.73 -17.13 -10.94
CA ASP G 143 -48.19 -17.38 -11.10
C ASP G 143 -48.92 -17.00 -9.81
N VAL G 144 -49.66 -15.88 -9.85
CA VAL G 144 -50.46 -15.36 -8.69
C VAL G 144 -51.92 -15.82 -8.81
N SER G 145 -52.31 -16.47 -9.92
CA SER G 145 -53.72 -16.90 -10.16
C SER G 145 -54.18 -17.83 -9.04
N GLY G 146 -55.36 -17.58 -8.46
CA GLY G 146 -55.96 -18.48 -7.46
C GLY G 146 -55.60 -18.08 -6.04
N VAL G 147 -54.95 -16.92 -5.88
CA VAL G 147 -54.47 -16.44 -4.55
C VAL G 147 -55.67 -16.26 -3.60
N ASP G 148 -56.84 -15.88 -4.11
CA ASP G 148 -58.06 -15.61 -3.31
C ASP G 148 -59.00 -16.82 -3.32
N THR G 149 -58.49 -18.03 -3.57
CA THR G 149 -59.28 -19.30 -3.55
C THR G 149 -58.71 -20.20 -2.46
N GLU G 150 -59.40 -21.30 -2.17
CA GLU G 150 -59.07 -22.21 -1.06
C GLU G 150 -57.76 -22.92 -1.36
N SER G 151 -57.52 -23.31 -2.62
CA SER G 151 -56.31 -24.09 -3.01
C SER G 151 -55.14 -23.12 -3.25
N GLY G 152 -55.41 -21.81 -3.40
CA GLY G 152 -54.40 -20.74 -3.35
C GLY G 152 -53.60 -20.65 -4.63
N ALA G 153 -52.59 -19.76 -4.67
CA ALA G 153 -51.66 -19.60 -5.80
C ALA G 153 -50.41 -20.46 -5.53
N THR G 154 -49.72 -20.85 -6.60
CA THR G 154 -48.38 -21.49 -6.53
C THR G 154 -47.40 -20.63 -7.32
N CYS G 155 -46.53 -19.92 -6.60
CA CYS G 155 -45.46 -19.04 -7.13
C CYS G 155 -44.16 -19.84 -7.11
N ARG G 156 -43.57 -20.10 -8.27
CA ARG G 156 -42.31 -20.87 -8.41
C ARG G 156 -41.14 -19.88 -8.53
N ILE G 157 -40.17 -19.97 -7.62
CA ILE G 157 -38.90 -19.17 -7.64
C ILE G 157 -37.75 -20.13 -7.99
N LYS G 158 -36.98 -19.81 -9.04
CA LYS G 158 -35.84 -20.65 -9.49
C LYS G 158 -34.53 -19.95 -9.13
N ILE G 159 -33.66 -20.61 -8.35
CA ILE G 159 -32.38 -20.05 -7.85
C ILE G 159 -31.25 -21.00 -8.28
N GLY G 160 -30.25 -20.47 -8.98
CA GLY G 160 -29.01 -21.20 -9.30
C GLY G 160 -27.84 -20.26 -9.56
N SER G 161 -26.67 -20.83 -9.81
CA SER G 161 -25.44 -20.08 -10.15
C SER G 161 -25.69 -19.32 -11.44
N TRP G 162 -25.34 -18.05 -11.49
CA TRP G 162 -25.45 -17.25 -12.73
C TRP G 162 -24.37 -17.69 -13.74
N THR G 163 -23.16 -18.07 -13.31
CA THR G 163 -22.04 -18.28 -14.27
C THR G 163 -21.35 -19.64 -14.12
N HIS G 164 -21.63 -20.42 -13.08
CA HIS G 164 -20.96 -21.74 -12.84
C HIS G 164 -21.90 -22.87 -13.21
N HIS G 165 -21.54 -23.69 -14.20
CA HIS G 165 -22.33 -24.86 -14.66
C HIS G 165 -22.12 -26.03 -13.69
N SER G 166 -22.78 -27.16 -13.95
CA SER G 166 -22.96 -28.30 -13.01
C SER G 166 -21.62 -28.95 -12.64
N ARG G 167 -20.58 -28.80 -13.45
CA ARG G 167 -19.24 -29.38 -13.10
C ARG G 167 -18.51 -28.44 -12.12
N GLU G 168 -19.00 -27.23 -11.88
CA GLU G 168 -18.34 -26.23 -10.99
C GLU G 168 -19.18 -25.97 -9.73
N ILE G 169 -20.49 -25.77 -9.87
CA ILE G 169 -21.45 -25.65 -8.74
C ILE G 169 -22.60 -26.63 -8.95
N SER G 170 -22.93 -27.38 -7.91
CA SER G 170 -24.20 -28.14 -7.79
C SER G 170 -25.03 -27.46 -6.70
N VAL G 171 -26.33 -27.31 -6.94
CA VAL G 171 -27.28 -26.74 -5.95
C VAL G 171 -28.23 -27.86 -5.55
N ASP G 172 -28.48 -28.01 -4.26
CA ASP G 172 -29.39 -29.03 -3.71
C ASP G 172 -30.29 -28.33 -2.68
N PRO G 173 -31.59 -28.69 -2.62
CA PRO G 173 -32.42 -28.31 -1.48
C PRO G 173 -31.87 -29.02 -0.24
N THR G 174 -32.07 -28.46 0.95
CA THR G 174 -31.60 -29.05 2.24
C THR G 174 -32.31 -30.38 2.54
N ASP G 179 -41.42 -27.04 9.81
CA ASP G 179 -42.72 -26.38 9.51
C ASP G 179 -42.47 -25.24 8.50
N ASP G 180 -43.15 -25.31 7.34
CA ASP G 180 -43.10 -24.30 6.26
C ASP G 180 -43.46 -22.90 6.79
N SER G 181 -44.21 -22.80 7.90
CA SER G 181 -44.68 -21.51 8.46
C SER G 181 -44.16 -21.28 9.89
N GLU G 182 -43.13 -22.00 10.33
CA GLU G 182 -42.48 -21.80 11.65
C GLU G 182 -41.90 -20.37 11.75
N TYR G 183 -41.46 -19.77 10.64
CA TYR G 183 -40.82 -18.44 10.61
C TYR G 183 -41.77 -17.39 10.03
N PHE G 184 -42.88 -17.83 9.42
CA PHE G 184 -43.78 -16.93 8.65
C PHE G 184 -44.51 -15.99 9.60
N SER G 185 -44.61 -14.70 9.26
CA SER G 185 -45.31 -13.69 10.10
C SER G 185 -46.79 -14.09 10.23
N GLN G 186 -47.27 -14.20 11.46
CA GLN G 186 -48.70 -14.41 11.78
C GLN G 186 -49.51 -13.16 11.39
N TYR G 187 -48.87 -12.03 11.06
CA TYR G 187 -49.56 -10.75 10.77
C TYR G 187 -49.68 -10.47 9.27
N SER G 188 -49.10 -11.30 8.41
CA SER G 188 -49.26 -11.18 6.93
C SER G 188 -50.75 -11.28 6.58
N ARG G 189 -51.19 -10.66 5.48
CA ARG G 189 -52.54 -10.85 4.89
C ARG G 189 -52.64 -12.25 4.28
N PHE G 190 -51.51 -12.93 4.08
CA PHE G 190 -51.44 -14.23 3.38
C PHE G 190 -51.02 -15.31 4.37
N GLU G 191 -51.30 -16.55 4.02
CA GLU G 191 -50.86 -17.74 4.79
C GLU G 191 -50.28 -18.75 3.81
N ILE G 192 -49.36 -19.57 4.31
CA ILE G 192 -48.65 -20.59 3.49
C ILE G 192 -49.39 -21.92 3.65
N LEU G 193 -49.76 -22.53 2.53
CA LEU G 193 -50.39 -23.87 2.51
C LEU G 193 -49.29 -24.91 2.42
N ASP G 194 -48.24 -24.64 1.65
CA ASP G 194 -47.17 -25.63 1.37
C ASP G 194 -45.95 -24.97 0.73
N VAL G 195 -44.77 -25.48 1.02
CA VAL G 195 -43.51 -25.11 0.33
C VAL G 195 -42.82 -26.40 -0.09
N THR G 196 -42.52 -26.55 -1.39
CA THR G 196 -41.69 -27.66 -1.90
C THR G 196 -40.50 -27.07 -2.65
N GLN G 197 -39.36 -27.73 -2.54
CA GLN G 197 -38.04 -27.24 -3.05
C GLN G 197 -37.42 -28.43 -3.76
N LYS G 198 -37.25 -28.37 -5.08
CA LYS G 198 -36.83 -29.53 -5.91
C LYS G 198 -35.69 -29.10 -6.84
N LYS G 199 -34.83 -30.05 -7.18
CA LYS G 199 -33.59 -29.80 -7.95
C LYS G 199 -33.92 -29.88 -9.44
N ASN G 200 -33.43 -28.95 -10.25
CA ASN G 200 -33.41 -29.07 -11.74
C ASN G 200 -31.98 -28.91 -12.26
N SER G 201 -31.73 -29.45 -13.45
CA SER G 201 -30.50 -29.25 -14.26
C SER G 201 -30.89 -28.91 -15.69
N VAL G 202 -30.57 -27.72 -16.17
CA VAL G 202 -31.17 -27.07 -17.37
C VAL G 202 -30.04 -26.74 -18.35
N THR G 203 -30.26 -27.01 -19.63
CA THR G 203 -29.37 -26.61 -20.75
C THR G 203 -30.11 -25.56 -21.61
N TYR G 204 -29.48 -24.41 -21.82
CA TYR G 204 -30.03 -23.27 -22.58
C TYR G 204 -29.44 -23.34 -23.99
N SER G 205 -30.05 -22.63 -24.96
CA SER G 205 -29.54 -22.43 -26.34
C SER G 205 -28.16 -21.74 -26.33
N CYS G 206 -27.94 -20.77 -25.44
CA CYS G 206 -26.68 -19.97 -25.33
C CYS G 206 -25.47 -20.91 -25.21
N CYS G 207 -25.59 -21.94 -24.38
CA CYS G 207 -24.47 -22.57 -23.63
C CYS G 207 -24.59 -24.09 -23.73
N PRO G 208 -23.51 -24.84 -24.06
CA PRO G 208 -23.59 -26.30 -24.14
C PRO G 208 -23.64 -27.05 -22.79
N GLU G 209 -23.35 -26.36 -21.68
CA GLU G 209 -23.24 -26.93 -20.31
C GLU G 209 -24.62 -26.91 -19.65
N ALA G 210 -24.82 -27.71 -18.61
CA ALA G 210 -26.05 -27.71 -17.77
C ALA G 210 -25.83 -26.87 -16.50
N TYR G 211 -26.82 -26.06 -16.15
CA TYR G 211 -26.88 -25.22 -14.92
C TYR G 211 -27.88 -25.82 -13.96
N GLU G 212 -27.49 -26.03 -12.71
CA GLU G 212 -28.40 -26.56 -11.69
C GLU G 212 -29.13 -25.38 -11.04
N ASP G 213 -30.38 -25.61 -10.66
CA ASP G 213 -31.18 -24.63 -9.89
C ASP G 213 -32.02 -25.41 -8.89
N VAL G 214 -32.44 -24.72 -7.84
CA VAL G 214 -33.50 -25.19 -6.92
C VAL G 214 -34.75 -24.43 -7.33
N GLU G 215 -35.83 -25.17 -7.54
CA GLU G 215 -37.17 -24.59 -7.81
C GLU G 215 -37.95 -24.65 -6.51
N VAL G 216 -38.35 -23.50 -5.99
CA VAL G 216 -39.13 -23.36 -4.72
C VAL G 216 -40.56 -23.01 -5.13
N SER G 217 -41.50 -23.91 -4.82
CA SER G 217 -42.96 -23.73 -5.06
C SER G 217 -43.59 -23.24 -3.75
N LEU G 218 -44.02 -21.99 -3.75
CA LEU G 218 -44.71 -21.35 -2.60
C LEU G 218 -46.20 -21.39 -2.90
N ASN G 219 -46.93 -22.27 -2.20
CA ASN G 219 -48.40 -22.39 -2.31
C ASN G 219 -48.98 -21.57 -1.16
N PHE G 220 -49.65 -20.48 -1.48
CA PHE G 220 -50.12 -19.51 -0.47
C PHE G 220 -51.48 -18.95 -0.92
N ARG G 221 -52.20 -18.34 0.02
CA ARG G 221 -53.50 -17.70 -0.30
C ARG G 221 -53.76 -16.54 0.67
N LYS G 222 -54.65 -15.64 0.24
CA LYS G 222 -55.20 -14.56 1.10
C LYS G 222 -55.99 -15.21 2.24
N LYS G 223 -55.80 -14.72 3.46
CA LYS G 223 -56.48 -15.25 4.67
C LYS G 223 -57.94 -14.79 4.66
N LEU H 20 -1.82 -24.67 -14.65
CA LEU H 20 -2.40 -23.51 -13.93
C LEU H 20 -3.70 -23.97 -13.26
N ASP H 21 -3.96 -23.51 -12.04
CA ASP H 21 -5.30 -23.70 -11.41
C ASP H 21 -6.08 -22.37 -11.50
N ARG H 22 -7.36 -22.39 -11.08
CA ARG H 22 -8.27 -21.23 -11.12
C ARG H 22 -7.63 -20.06 -10.36
N ALA H 23 -7.06 -20.33 -9.18
CA ALA H 23 -6.45 -19.30 -8.31
C ALA H 23 -5.34 -18.56 -9.08
N ASP H 24 -4.49 -19.29 -9.83
CA ASP H 24 -3.37 -18.69 -10.59
C ASP H 24 -3.91 -17.82 -11.70
N ILE H 25 -4.84 -18.35 -12.50
CA ILE H 25 -5.46 -17.64 -13.66
C ILE H 25 -6.11 -16.36 -13.16
N LEU H 26 -6.87 -16.42 -12.07
CA LEU H 26 -7.59 -15.23 -11.55
C LEU H 26 -6.60 -14.23 -10.98
N TYR H 27 -5.52 -14.68 -10.33
CA TYR H 27 -4.43 -13.80 -9.85
C TYR H 27 -3.79 -13.07 -11.05
N ASN H 28 -3.45 -13.83 -12.11
CA ASN H 28 -2.79 -13.28 -13.32
C ASN H 28 -3.71 -12.23 -13.97
N ILE H 29 -5.00 -12.53 -14.09
CA ILE H 29 -5.99 -11.61 -14.73
C ILE H 29 -6.09 -10.36 -13.86
N ARG H 30 -6.24 -10.50 -12.56
CA ARG H 30 -6.40 -9.32 -11.65
C ARG H 30 -5.14 -8.44 -11.74
N GLN H 31 -3.95 -9.04 -11.84
CA GLN H 31 -2.67 -8.28 -11.78
C GLN H 31 -2.38 -7.58 -13.11
N THR H 32 -2.85 -8.10 -14.25
CA THR H 32 -2.40 -7.66 -15.59
C THR H 32 -3.56 -7.23 -16.49
N SER H 33 -4.84 -7.25 -16.11
CA SER H 33 -5.93 -7.24 -17.15
C SER H 33 -6.13 -5.86 -17.82
N ARG H 34 -5.74 -4.75 -17.18
CA ARG H 34 -5.89 -3.37 -17.67
CA ARG H 34 -5.88 -3.36 -17.68
C ARG H 34 -7.34 -3.08 -18.01
N PRO H 35 -8.23 -2.93 -17.01
CA PRO H 35 -9.65 -2.70 -17.28
C PRO H 35 -9.95 -1.40 -18.04
N ASP H 36 -9.02 -0.46 -17.99
CA ASP H 36 -9.19 0.87 -18.63
CA ASP H 36 -9.06 0.89 -18.59
C ASP H 36 -8.73 0.81 -20.10
N VAL H 37 -8.19 -0.32 -20.57
CA VAL H 37 -7.55 -0.40 -21.92
C VAL H 37 -8.38 -1.26 -22.88
N ILE H 38 -8.99 -0.63 -23.88
CA ILE H 38 -9.70 -1.33 -24.99
C ILE H 38 -8.73 -2.29 -25.67
N PRO H 39 -9.03 -3.59 -25.80
CA PRO H 39 -8.07 -4.55 -26.35
C PRO H 39 -8.06 -4.61 -27.88
N THR H 40 -7.78 -3.48 -28.54
CA THR H 40 -7.65 -3.40 -30.01
C THR H 40 -6.45 -4.23 -30.46
N GLN H 41 -6.58 -4.97 -31.57
CA GLN H 41 -5.48 -5.71 -32.24
C GLN H 41 -5.10 -4.95 -33.51
N ARG H 42 -3.85 -4.46 -33.57
CA ARG H 42 -3.23 -3.84 -34.78
C ARG H 42 -4.16 -2.76 -35.33
N ASP H 43 -4.66 -1.89 -34.45
CA ASP H 43 -5.54 -0.73 -34.75
C ASP H 43 -6.75 -1.14 -35.61
N ARG H 44 -7.27 -2.35 -35.45
CA ARG H 44 -8.60 -2.76 -35.96
C ARG H 44 -9.61 -2.65 -34.83
N PRO H 45 -10.90 -2.38 -35.11
CA PRO H 45 -11.88 -2.22 -34.04
C PRO H 45 -12.04 -3.51 -33.23
N VAL H 46 -12.37 -3.40 -31.94
CA VAL H 46 -12.83 -4.57 -31.16
C VAL H 46 -14.24 -4.92 -31.63
N ALA H 47 -14.44 -6.15 -32.10
CA ALA H 47 -15.75 -6.66 -32.53
C ALA H 47 -16.53 -7.10 -31.30
N VAL H 48 -17.55 -6.34 -30.94
CA VAL H 48 -18.47 -6.67 -29.81
C VAL H 48 -19.78 -7.22 -30.40
N SER H 49 -20.20 -8.41 -29.99
CA SER H 49 -21.54 -8.99 -30.29
C SER H 49 -22.50 -8.66 -29.15
N VAL H 50 -23.69 -8.18 -29.51
CA VAL H 50 -24.80 -7.90 -28.56
C VAL H 50 -26.06 -8.58 -29.09
N SER H 51 -26.72 -9.37 -28.23
CA SER H 51 -28.07 -9.89 -28.46
C SER H 51 -28.89 -9.74 -27.18
N LEU H 52 -30.08 -9.11 -27.28
CA LEU H 52 -31.02 -9.04 -26.14
C LEU H 52 -31.94 -10.26 -26.16
N LYS H 53 -32.02 -10.98 -25.05
CA LYS H 53 -33.04 -12.02 -24.80
C LYS H 53 -34.09 -11.41 -23.87
N PHE H 54 -35.32 -11.21 -24.35
CA PHE H 54 -36.38 -10.56 -23.54
C PHE H 54 -36.93 -11.61 -22.56
N ILE H 55 -37.04 -11.20 -21.31
CA ILE H 55 -37.50 -12.05 -20.17
C ILE H 55 -38.87 -11.54 -19.73
N ASN H 56 -39.08 -10.23 -19.70
CA ASN H 56 -40.37 -9.70 -19.21
C ASN H 56 -40.62 -8.28 -19.74
N ILE H 57 -41.90 -7.94 -19.85
CA ILE H 57 -42.40 -6.56 -20.10
C ILE H 57 -43.35 -6.25 -18.93
N LEU H 58 -43.05 -5.24 -18.13
CA LEU H 58 -43.59 -5.08 -16.75
C LEU H 58 -44.59 -3.92 -16.68
N GLU H 59 -44.32 -2.82 -17.36
CA GLU H 59 -45.15 -1.61 -17.28
C GLU H 59 -45.07 -0.98 -18.66
N VAL H 60 -46.22 -0.81 -19.28
CA VAL H 60 -46.34 -0.16 -20.61
C VAL H 60 -47.27 1.04 -20.41
N ASN H 61 -46.95 2.17 -21.01
CA ASN H 61 -47.78 3.39 -20.93
C ASN H 61 -47.89 3.95 -22.35
N GLU H 62 -49.05 3.76 -22.99
CA GLU H 62 -49.28 4.19 -24.39
C GLU H 62 -49.40 5.72 -24.47
N ILE H 63 -49.78 6.37 -23.38
CA ILE H 63 -49.89 7.87 -23.31
C ILE H 63 -48.47 8.47 -23.36
N THR H 64 -47.54 7.99 -22.52
CA THR H 64 -46.18 8.59 -22.36
C THR H 64 -45.18 7.93 -23.33
N ASN H 65 -45.55 6.83 -23.99
CA ASN H 65 -44.64 6.05 -24.85
C ASN H 65 -43.40 5.60 -24.03
N GLU H 66 -43.64 4.94 -22.89
CA GLU H 66 -42.56 4.40 -22.01
C GLU H 66 -42.84 2.93 -21.74
N VAL H 67 -41.80 2.10 -21.72
CA VAL H 67 -41.90 0.67 -21.36
C VAL H 67 -40.81 0.33 -20.33
N ASP H 68 -41.13 -0.57 -19.43
CA ASP H 68 -40.21 -1.17 -18.43
C ASP H 68 -39.98 -2.61 -18.86
N VAL H 69 -38.74 -2.96 -19.23
CA VAL H 69 -38.38 -4.28 -19.80
C VAL H 69 -37.32 -4.97 -18.93
N VAL H 70 -37.35 -6.30 -18.87
CA VAL H 70 -36.26 -7.14 -18.31
C VAL H 70 -35.68 -7.96 -19.46
N PHE H 71 -34.38 -7.84 -19.70
CA PHE H 71 -33.66 -8.58 -20.77
C PHE H 71 -32.30 -9.08 -20.26
N TRP H 72 -31.86 -10.20 -20.82
CA TRP H 72 -30.46 -10.66 -20.71
C TRP H 72 -29.68 -10.03 -21.87
N GLN H 73 -28.66 -9.25 -21.57
CA GLN H 73 -27.82 -8.56 -22.58
C GLN H 73 -26.60 -9.43 -22.86
N GLN H 74 -26.73 -10.40 -23.75
CA GLN H 74 -25.61 -11.31 -24.15
C GLN H 74 -24.56 -10.49 -24.89
N THR H 75 -23.38 -10.33 -24.29
CA THR H 75 -22.25 -9.51 -24.80
C THR H 75 -20.99 -10.38 -24.90
N THR H 76 -20.36 -10.43 -26.08
CA THR H 76 -19.12 -11.22 -26.32
C THR H 76 -18.10 -10.36 -27.07
N TRP H 77 -16.83 -10.56 -26.74
CA TRP H 77 -15.69 -9.91 -27.44
C TRP H 77 -14.44 -10.73 -27.09
N SER H 78 -13.34 -10.47 -27.78
CA SER H 78 -12.04 -11.12 -27.53
C SER H 78 -11.11 -10.11 -26.83
N ASP H 79 -10.40 -10.56 -25.80
CA ASP H 79 -9.31 -9.82 -25.12
C ASP H 79 -8.14 -10.80 -24.95
N ARG H 80 -7.22 -10.81 -25.91
CA ARG H 80 -6.05 -11.74 -25.98
C ARG H 80 -5.15 -11.56 -24.75
N THR H 81 -5.13 -10.39 -24.11
CA THR H 81 -4.29 -10.17 -22.89
C THR H 81 -4.79 -11.07 -21.74
N LEU H 82 -5.97 -11.68 -21.84
CA LEU H 82 -6.53 -12.57 -20.78
C LEU H 82 -6.13 -14.04 -21.02
N ALA H 83 -5.66 -14.38 -22.21
CA ALA H 83 -5.52 -15.79 -22.69
C ALA H 83 -4.51 -16.54 -21.82
N TRP H 84 -4.69 -17.85 -21.63
CA TRP H 84 -3.70 -18.73 -20.97
C TRP H 84 -3.66 -20.07 -21.71
N ASN H 85 -2.59 -20.84 -21.52
CA ASN H 85 -2.45 -22.21 -22.08
C ASN H 85 -3.36 -23.13 -21.25
N SER H 86 -4.38 -23.73 -21.86
CA SER H 86 -5.43 -24.54 -21.18
C SER H 86 -5.02 -26.01 -21.00
N SER H 87 -3.80 -26.40 -21.37
CA SER H 87 -3.28 -27.77 -21.11
C SER H 87 -3.16 -27.98 -19.59
N HIS H 88 -3.81 -29.03 -19.08
CA HIS H 88 -4.00 -29.35 -17.64
C HIS H 88 -4.34 -28.09 -16.84
N SER H 89 -5.27 -27.31 -17.37
CA SER H 89 -5.81 -26.07 -16.76
C SER H 89 -7.29 -25.95 -17.08
N PRO H 90 -8.09 -25.21 -16.28
CA PRO H 90 -9.46 -24.90 -16.65
C PRO H 90 -9.55 -24.27 -18.05
N ASP H 91 -10.61 -24.57 -18.80
CA ASP H 91 -10.92 -23.98 -20.12
C ASP H 91 -11.54 -22.59 -19.93
N GLN H 92 -12.19 -22.35 -18.78
CA GLN H 92 -12.96 -21.11 -18.50
C GLN H 92 -12.89 -20.77 -17.02
N VAL H 93 -13.00 -19.49 -16.69
CA VAL H 93 -13.16 -19.02 -15.29
C VAL H 93 -14.21 -17.90 -15.26
N SER H 94 -14.79 -17.68 -14.08
CA SER H 94 -15.71 -16.57 -13.75
C SER H 94 -14.87 -15.44 -13.12
N VAL H 95 -15.00 -14.23 -13.66
CA VAL H 95 -14.15 -13.06 -13.29
C VAL H 95 -15.08 -11.88 -12.98
N PRO H 96 -14.87 -11.15 -11.86
CA PRO H 96 -15.62 -9.90 -11.63
C PRO H 96 -15.34 -8.93 -12.79
N ILE H 97 -16.36 -8.23 -13.29
CA ILE H 97 -16.17 -7.30 -14.46
C ILE H 97 -15.28 -6.12 -14.04
N SER H 98 -15.15 -5.83 -12.74
CA SER H 98 -14.21 -4.78 -12.24
C SER H 98 -12.75 -5.15 -12.58
N SER H 99 -12.44 -6.43 -12.85
CA SER H 99 -11.08 -6.90 -13.22
C SER H 99 -10.88 -6.99 -14.74
N LEU H 100 -11.83 -6.55 -15.54
CA LEU H 100 -11.81 -6.73 -17.02
C LEU H 100 -12.14 -5.40 -17.69
N TRP H 101 -11.59 -5.18 -18.88
CA TRP H 101 -12.18 -4.19 -19.81
C TRP H 101 -13.53 -4.74 -20.24
N VAL H 102 -14.55 -3.88 -20.20
CA VAL H 102 -15.91 -4.18 -20.70
C VAL H 102 -16.28 -3.04 -21.64
N PRO H 103 -16.98 -3.32 -22.76
CA PRO H 103 -17.41 -2.27 -23.65
C PRO H 103 -18.38 -1.30 -22.94
N ASP H 104 -18.25 -0.02 -23.24
CA ASP H 104 -19.07 1.08 -22.63
C ASP H 104 -20.41 1.20 -23.38
N LEU H 105 -21.22 0.13 -23.41
CA LEU H 105 -22.51 0.12 -24.14
C LEU H 105 -23.54 0.93 -23.35
N ALA H 106 -24.33 1.72 -24.06
CA ALA H 106 -25.48 2.46 -23.53
C ALA H 106 -26.65 2.27 -24.49
N ALA H 107 -27.86 2.21 -23.97
CA ALA H 107 -29.09 2.27 -24.77
C ALA H 107 -29.43 3.75 -24.96
N TYR H 108 -29.39 4.25 -26.19
CA TYR H 108 -29.53 5.70 -26.49
C TYR H 108 -30.90 6.21 -26.06
N ASN H 109 -31.94 5.36 -26.00
CA ASN H 109 -33.34 5.79 -25.71
C ASN H 109 -33.77 5.30 -24.33
N ALA H 110 -32.84 4.88 -23.47
CA ALA H 110 -33.11 4.56 -22.04
C ALA H 110 -33.44 5.86 -21.30
N ILE H 111 -34.40 5.81 -20.38
CA ILE H 111 -34.79 6.97 -19.53
C ILE H 111 -34.62 6.60 -18.05
N SER H 112 -33.95 5.48 -17.76
CA SER H 112 -33.53 5.08 -16.40
C SER H 112 -32.14 4.44 -16.50
N LYS H 113 -31.38 4.46 -15.41
CA LYS H 113 -30.09 3.71 -15.32
C LYS H 113 -30.39 2.23 -15.44
N PRO H 114 -29.52 1.42 -16.06
CA PRO H 114 -29.72 -0.02 -16.07
C PRO H 114 -29.67 -0.54 -14.63
N GLU H 115 -30.71 -1.24 -14.18
CA GLU H 115 -30.75 -1.98 -12.90
C GLU H 115 -30.24 -3.41 -13.21
N VAL H 116 -29.03 -3.72 -12.80
CA VAL H 116 -28.42 -5.07 -13.03
C VAL H 116 -28.90 -5.98 -11.90
N LEU H 117 -29.63 -7.05 -12.25
CA LEU H 117 -30.32 -7.92 -11.27
C LEU H 117 -29.40 -9.07 -10.83
N THR H 118 -28.31 -9.33 -11.57
CA THR H 118 -27.49 -10.56 -11.45
C THR H 118 -26.08 -10.22 -10.97
N PRO H 119 -25.34 -11.22 -10.43
CA PRO H 119 -23.93 -11.03 -10.07
C PRO H 119 -23.10 -10.53 -11.25
N GLN H 120 -22.22 -9.56 -11.00
CA GLN H 120 -21.45 -8.85 -12.05
C GLN H 120 -20.16 -9.62 -12.32
N LEU H 121 -20.31 -10.84 -12.83
CA LEU H 121 -19.23 -11.78 -13.23
C LEU H 121 -19.38 -12.05 -14.73
N ALA H 122 -18.27 -12.08 -15.47
CA ALA H 122 -18.19 -12.56 -16.87
C ALA H 122 -17.51 -13.94 -16.89
N ARG H 123 -17.69 -14.69 -17.96
CA ARG H 123 -16.92 -15.93 -18.23
C ARG H 123 -15.79 -15.58 -19.19
N VAL H 124 -14.57 -15.97 -18.84
CA VAL H 124 -13.39 -15.80 -19.71
C VAL H 124 -12.92 -17.19 -20.11
N VAL H 125 -12.83 -17.43 -21.41
CA VAL H 125 -12.30 -18.68 -22.03
C VAL H 125 -10.79 -18.52 -22.19
N SER H 126 -10.04 -19.63 -22.14
CA SER H 126 -8.55 -19.67 -22.18
C SER H 126 -8.01 -18.96 -23.42
N ASP H 127 -8.78 -18.84 -24.50
CA ASP H 127 -8.33 -18.14 -25.74
C ASP H 127 -8.57 -16.62 -25.63
N GLY H 128 -9.18 -16.12 -24.54
CA GLY H 128 -9.40 -14.68 -24.35
C GLY H 128 -10.77 -14.21 -24.78
N GLU H 129 -11.67 -15.11 -25.18
CA GLU H 129 -13.09 -14.77 -25.42
C GLU H 129 -13.75 -14.45 -24.06
N VAL H 130 -14.50 -13.35 -24.00
CA VAL H 130 -15.27 -12.95 -22.79
C VAL H 130 -16.76 -13.04 -23.12
N LEU H 131 -17.53 -13.66 -22.23
CA LEU H 131 -19.02 -13.64 -22.30
C LEU H 131 -19.56 -12.98 -21.04
N TYR H 132 -20.24 -11.85 -21.20
CA TYR H 132 -20.90 -11.12 -20.08
C TYR H 132 -22.38 -11.06 -20.43
N MET H 133 -23.23 -11.63 -19.57
CA MET H 133 -24.69 -11.70 -19.80
C MET H 133 -25.44 -11.27 -18.54
N PRO H 134 -25.48 -9.97 -18.23
CA PRO H 134 -26.27 -9.48 -17.11
C PRO H 134 -27.77 -9.52 -17.46
N SER H 135 -28.59 -9.77 -16.44
CA SER H 135 -30.04 -9.52 -16.50
C SER H 135 -30.26 -8.07 -16.08
N ILE H 136 -30.91 -7.29 -16.94
CA ILE H 136 -31.10 -5.84 -16.76
C ILE H 136 -32.59 -5.52 -16.79
N ARG H 137 -33.04 -4.72 -15.82
CA ARG H 137 -34.34 -4.03 -15.88
C ARG H 137 -34.07 -2.55 -16.17
N GLN H 138 -34.73 -2.02 -17.19
CA GLN H 138 -34.50 -0.64 -17.68
C GLN H 138 -35.78 -0.11 -18.31
N ARG H 139 -35.98 1.20 -18.24
CA ARG H 139 -37.13 1.92 -18.83
C ARG H 139 -36.67 2.62 -20.11
N PHE H 140 -37.49 2.55 -21.17
CA PHE H 140 -37.21 3.14 -22.50
C PHE H 140 -38.34 4.06 -22.96
N SER H 141 -37.95 5.09 -23.72
CA SER H 141 -38.82 5.93 -24.54
C SER H 141 -38.86 5.29 -25.93
N CYS H 142 -40.01 4.74 -26.33
CA CYS H 142 -40.17 4.11 -27.66
C CYS H 142 -41.65 4.07 -28.04
N ASP H 143 -41.94 3.62 -29.27
CA ASP H 143 -43.31 3.63 -29.83
C ASP H 143 -44.15 2.52 -29.18
N VAL H 144 -45.08 2.89 -28.30
CA VAL H 144 -46.00 1.97 -27.60
C VAL H 144 -47.37 1.91 -28.33
N SER H 145 -47.57 2.72 -29.37
CA SER H 145 -48.87 2.78 -30.11
C SER H 145 -49.20 1.40 -30.70
N GLY H 146 -50.43 0.93 -30.50
CA GLY H 146 -50.92 -0.33 -31.09
C GLY H 146 -50.71 -1.52 -30.16
N VAL H 147 -50.28 -1.28 -28.93
CA VAL H 147 -49.95 -2.35 -27.95
C VAL H 147 -51.19 -3.23 -27.69
N ASP H 148 -52.39 -2.62 -27.71
CA ASP H 148 -53.67 -3.33 -27.41
C ASP H 148 -54.37 -3.77 -28.71
N THR H 149 -53.65 -3.90 -29.82
CA THR H 149 -54.19 -4.37 -31.12
C THR H 149 -53.50 -5.68 -31.50
N GLU H 150 -54.01 -6.34 -32.54
CA GLU H 150 -53.56 -7.69 -32.96
C GLU H 150 -52.13 -7.60 -33.49
N SER H 151 -51.78 -6.55 -34.21
CA SER H 151 -50.44 -6.41 -34.83
C SER H 151 -49.45 -5.83 -33.81
N GLY H 152 -49.95 -5.26 -32.70
CA GLY H 152 -49.15 -4.92 -31.51
C GLY H 152 -48.32 -3.66 -31.70
N ALA H 153 -47.49 -3.32 -30.72
CA ALA H 153 -46.54 -2.18 -30.77
C ALA H 153 -45.17 -2.69 -31.24
N THR H 154 -44.37 -1.81 -31.82
CA THR H 154 -42.94 -2.05 -32.15
C THR H 154 -42.09 -1.00 -31.44
N CYS H 155 -41.41 -1.42 -30.38
CA CYS H 155 -40.49 -0.61 -29.53
C CYS H 155 -39.06 -0.88 -30.03
N ARG H 156 -38.38 0.15 -30.54
CA ARG H 156 -36.97 0.04 -31.01
C ARG H 156 -36.03 0.49 -29.89
N ILE H 157 -35.11 -0.38 -29.48
CA ILE H 157 -34.03 -0.09 -28.48
C ILE H 157 -32.70 -0.05 -29.25
N LYS H 158 -31.94 1.05 -29.14
CA LYS H 158 -30.62 1.22 -29.82
C LYS H 158 -29.50 1.13 -28.78
N ILE H 159 -28.56 0.21 -28.95
CA ILE H 159 -27.44 -0.05 -28.01
C ILE H 159 -26.12 0.05 -28.78
N GLY H 160 -25.22 0.92 -28.33
CA GLY H 160 -23.86 1.04 -28.89
C GLY H 160 -22.88 1.63 -27.89
N SER H 161 -21.62 1.74 -28.28
CA SER H 161 -20.54 2.34 -27.44
C SER H 161 -20.91 3.80 -27.19
N TRP H 162 -20.79 4.25 -25.94
CA TRP H 162 -20.99 5.67 -25.60
C TRP H 162 -19.82 6.53 -26.10
N THR H 163 -18.59 6.03 -26.11
CA THR H 163 -17.41 6.91 -26.39
C THR H 163 -16.49 6.37 -27.48
N HIS H 164 -16.66 5.13 -27.94
CA HIS H 164 -15.78 4.52 -28.97
C HIS H 164 -16.50 4.49 -30.32
N HIS H 165 -15.97 5.19 -31.32
CA HIS H 165 -16.54 5.24 -32.69
C HIS H 165 -16.14 3.95 -33.44
N SER H 166 -16.59 3.84 -34.70
CA SER H 166 -16.57 2.60 -35.52
C SER H 166 -15.13 2.09 -35.77
N ARG H 167 -14.11 2.92 -35.67
CA ARG H 167 -12.72 2.47 -35.87
C ARG H 167 -12.17 1.82 -34.58
N GLU H 168 -12.89 1.95 -33.45
CA GLU H 168 -12.43 1.43 -32.14
C GLU H 168 -13.34 0.29 -31.67
N ILE H 169 -14.67 0.45 -31.75
CA ILE H 169 -15.65 -0.62 -31.46
C ILE H 169 -16.60 -0.77 -32.65
N SER H 170 -16.80 -2.02 -33.08
CA SER H 170 -17.90 -2.43 -33.98
C SER H 170 -18.87 -3.27 -33.15
N VAL H 171 -20.18 -3.04 -33.32
CA VAL H 171 -21.24 -3.83 -32.65
C VAL H 171 -21.97 -4.61 -33.74
N ASP H 172 -22.21 -5.89 -33.49
CA ASP H 172 -22.92 -6.78 -34.44
C ASP H 172 -23.97 -7.54 -33.65
N PRO H 173 -25.18 -7.76 -34.20
CA PRO H 173 -26.10 -8.72 -33.62
C PRO H 173 -25.47 -10.11 -33.80
N THR H 174 -25.80 -11.07 -32.93
CA THR H 174 -25.42 -12.50 -33.13
C THR H 174 -26.26 -13.05 -34.28
N THR H 175 -25.86 -14.18 -34.87
CA THR H 175 -26.77 -15.09 -35.61
C THR H 175 -27.79 -15.72 -34.63
N SER H 181 -37.61 -14.56 -27.84
CA SER H 181 -38.82 -14.85 -27.04
C SER H 181 -38.73 -16.18 -26.29
N GLU H 182 -37.69 -16.99 -26.52
CA GLU H 182 -37.56 -18.36 -25.96
C GLU H 182 -37.61 -18.33 -24.43
N TYR H 183 -37.12 -17.27 -23.78
CA TYR H 183 -36.94 -17.17 -22.31
C TYR H 183 -37.99 -16.23 -21.69
N PHE H 184 -38.96 -15.76 -22.50
CA PHE H 184 -39.94 -14.74 -22.06
C PHE H 184 -40.89 -15.35 -21.01
N SER H 185 -41.20 -14.59 -19.96
CA SER H 185 -42.11 -15.05 -18.88
C SER H 185 -43.51 -15.32 -19.44
N GLN H 186 -44.02 -16.53 -19.22
CA GLN H 186 -45.41 -16.91 -19.54
C GLN H 186 -46.38 -16.13 -18.64
N TYR H 187 -45.92 -15.44 -17.60
CA TYR H 187 -46.80 -14.74 -16.61
C TYR H 187 -46.90 -13.23 -16.88
N SER H 188 -46.15 -12.70 -17.84
CA SER H 188 -46.28 -11.30 -18.30
C SER H 188 -47.72 -11.05 -18.78
N ARG H 189 -48.21 -9.82 -18.68
CA ARG H 189 -49.48 -9.37 -19.30
C ARG H 189 -49.29 -9.27 -20.82
N PHE H 190 -48.05 -9.29 -21.30
CA PHE H 190 -47.71 -9.05 -22.73
C PHE H 190 -47.14 -10.32 -23.32
N GLU H 191 -47.15 -10.40 -24.64
CA GLU H 191 -46.53 -11.51 -25.40
C GLU H 191 -45.73 -10.91 -26.54
N ILE H 192 -44.71 -11.63 -26.97
CA ILE H 192 -43.79 -11.19 -28.06
C ILE H 192 -44.28 -11.80 -29.37
N LEU H 193 -44.49 -10.96 -30.38
CA LEU H 193 -44.86 -11.39 -31.74
C LEU H 193 -43.58 -11.64 -32.54
N ASP H 194 -42.56 -10.79 -32.35
CA ASP H 194 -41.33 -10.82 -33.17
C ASP H 194 -40.23 -9.97 -32.53
N VAL H 195 -38.99 -10.40 -32.69
CA VAL H 195 -37.79 -9.61 -32.32
C VAL H 195 -36.85 -9.63 -33.51
N THR H 196 -36.44 -8.46 -34.01
CA THR H 196 -35.37 -8.35 -35.02
C THR H 196 -34.28 -7.44 -34.44
N GLN H 197 -33.03 -7.74 -34.76
CA GLN H 197 -31.82 -7.07 -34.21
C GLN H 197 -30.94 -6.80 -35.43
N LYS H 198 -30.71 -5.53 -35.77
CA LYS H 198 -29.98 -5.16 -37.02
C LYS H 198 -28.93 -4.10 -36.67
N LYS H 199 -27.92 -3.96 -37.52
CA LYS H 199 -26.80 -3.02 -37.36
C LYS H 199 -27.21 -1.66 -37.89
N ASN H 200 -26.89 -0.58 -37.15
CA ASN H 200 -27.03 0.81 -37.63
C ASN H 200 -25.69 1.51 -37.41
N SER H 201 -25.57 2.68 -38.02
CA SER H 201 -24.42 3.62 -37.94
C SER H 201 -24.99 5.03 -37.79
N VAL H 202 -24.60 5.73 -36.73
CA VAL H 202 -25.07 7.12 -36.44
C VAL H 202 -23.89 8.09 -36.48
N THR H 203 -24.05 9.19 -37.20
CA THR H 203 -23.18 10.40 -37.15
C THR H 203 -24.10 11.54 -36.67
N TYR H 204 -23.69 12.29 -35.64
CA TYR H 204 -24.35 13.55 -35.20
C TYR H 204 -23.60 14.74 -35.80
N SER H 205 -24.21 15.94 -35.76
CA SER H 205 -23.58 17.25 -36.07
C SER H 205 -22.39 17.52 -35.14
N CYS H 206 -22.49 17.17 -33.84
CA CYS H 206 -21.43 17.39 -32.81
C CYS H 206 -20.07 16.85 -33.30
N CYS H 207 -20.08 15.64 -33.87
CA CYS H 207 -18.94 14.70 -33.86
C CYS H 207 -18.77 14.13 -35.26
N PRO H 208 -17.55 14.17 -35.87
CA PRO H 208 -17.39 13.75 -37.27
C PRO H 208 -17.37 12.23 -37.50
N GLU H 209 -17.24 11.43 -36.43
CA GLU H 209 -17.06 9.95 -36.50
C GLU H 209 -18.45 9.30 -36.48
N ALA H 210 -18.54 8.06 -36.97
CA ALA H 210 -19.75 7.23 -36.89
C ALA H 210 -19.64 6.27 -35.69
N TYR H 211 -20.78 6.13 -34.98
CA TYR H 211 -20.96 5.19 -33.86
C TYR H 211 -21.87 4.06 -34.37
N GLU H 212 -21.45 2.82 -34.18
CA GLU H 212 -22.28 1.67 -34.55
C GLU H 212 -23.19 1.35 -33.36
N ASP H 213 -24.40 0.88 -33.67
CA ASP H 213 -25.37 0.44 -32.66
C ASP H 213 -26.07 -0.80 -33.22
N VAL H 214 -26.62 -1.60 -32.33
CA VAL H 214 -27.58 -2.66 -32.67
C VAL H 214 -28.95 -2.09 -32.34
N GLU H 215 -29.85 -2.15 -33.32
CA GLU H 215 -31.24 -1.69 -33.17
C GLU H 215 -32.10 -2.93 -32.99
N VAL H 216 -32.74 -3.04 -31.83
CA VAL H 216 -33.58 -4.21 -31.45
C VAL H 216 -35.03 -3.75 -31.55
N SER H 217 -35.79 -4.34 -32.49
CA SER H 217 -37.23 -4.07 -32.70
C SER H 217 -38.03 -5.14 -31.98
N LEU H 218 -38.70 -4.75 -30.90
CA LEU H 218 -39.52 -5.63 -30.05
C LEU H 218 -40.98 -5.39 -30.44
N ASN H 219 -41.57 -6.35 -31.17
CA ASN H 219 -42.98 -6.31 -31.60
C ASN H 219 -43.74 -7.14 -30.57
N PHE H 220 -44.59 -6.49 -29.79
CA PHE H 220 -45.27 -7.14 -28.64
C PHE H 220 -46.68 -6.56 -28.52
N ARG H 221 -47.54 -7.25 -27.78
CA ARG H 221 -48.93 -6.77 -27.54
C ARG H 221 -49.43 -7.31 -26.19
N LYS H 222 -50.46 -6.64 -25.66
CA LYS H 222 -51.24 -7.11 -24.49
C LYS H 222 -51.92 -8.43 -24.88
N LYS H 223 -51.89 -9.42 -23.99
CA LYS H 223 -52.52 -10.75 -24.22
C LYS H 223 -54.05 -10.62 -24.20
N GLY H 224 -54.72 -11.42 -25.03
CA GLY H 224 -56.18 -11.45 -25.21
C GLY H 224 -56.70 -10.04 -25.37
N LEU I 20 3.64 5.85 -28.73
CA LEU I 20 2.83 5.48 -27.55
C LEU I 20 1.62 4.68 -28.03
N ASP I 21 1.22 3.64 -27.31
CA ASP I 21 -0.08 2.96 -27.54
C ASP I 21 -1.07 3.42 -26.46
N ARG I 22 -2.33 2.99 -26.61
CA ARG I 22 -3.45 3.34 -25.69
C ARG I 22 -3.06 2.95 -24.27
N ALA I 23 -2.50 1.74 -24.09
CA ALA I 23 -2.11 1.20 -22.77
C ALA I 23 -1.12 2.17 -22.07
N ASP I 24 -0.13 2.69 -22.80
CA ASP I 24 0.89 3.60 -22.24
C ASP I 24 0.24 4.92 -21.81
N ILE I 25 -0.56 5.53 -22.70
CA ILE I 25 -1.26 6.82 -22.46
C ILE I 25 -2.15 6.68 -21.22
N LEU I 26 -2.93 5.60 -21.14
CA LEU I 26 -3.88 5.40 -20.04
C LEU I 26 -3.11 5.13 -18.73
N TYR I 27 -2.00 4.39 -18.79
CA TYR I 27 -1.11 4.16 -17.62
C TYR I 27 -0.58 5.51 -17.12
N ASN I 28 -0.06 6.34 -18.03
CA ASN I 28 0.53 7.65 -17.68
C ASN I 28 -0.54 8.54 -17.03
N ILE I 29 -1.75 8.58 -17.60
CA ILE I 29 -2.86 9.42 -17.07
C ILE I 29 -3.25 8.90 -15.68
N ARG I 30 -3.42 7.60 -15.52
CA ARG I 30 -3.83 7.01 -14.21
C ARG I 30 -2.76 7.30 -13.15
N GLN I 31 -1.48 7.24 -13.51
CA GLN I 31 -0.35 7.34 -12.53
C GLN I 31 -0.10 8.80 -12.13
N THR I 32 -0.44 9.78 -12.97
CA THR I 32 -0.11 11.20 -12.75
C THR I 32 -1.38 12.04 -12.63
N SER I 33 -2.51 11.34 -12.55
CA SER I 33 -3.88 11.88 -12.35
C SER I 33 -3.95 12.55 -10.98
N ARG I 34 -4.20 13.86 -11.03
CA ARG I 34 -4.52 14.72 -9.85
C ARG I 34 -5.99 15.14 -10.04
N PRO I 35 -6.96 14.23 -9.80
CA PRO I 35 -8.38 14.54 -10.05
C PRO I 35 -8.93 15.68 -9.15
N ASP I 36 -8.25 15.94 -8.05
CA ASP I 36 -8.65 16.97 -7.05
CA ASP I 36 -8.61 16.96 -7.02
C ASP I 36 -8.08 18.34 -7.46
N VAL I 37 -7.25 18.42 -8.50
CA VAL I 37 -6.50 19.68 -8.84
C VAL I 37 -7.04 20.32 -10.12
N ILE I 38 -7.71 21.47 -10.00
CA ILE I 38 -8.18 22.30 -11.14
C ILE I 38 -6.98 22.65 -12.02
N PRO I 39 -7.00 22.36 -13.33
CA PRO I 39 -5.83 22.61 -14.19
C PRO I 39 -5.74 24.06 -14.71
N THR I 40 -5.67 25.04 -13.81
CA THR I 40 -5.52 26.47 -14.16
C THR I 40 -4.14 26.68 -14.82
N GLN I 41 -4.09 27.48 -15.89
CA GLN I 41 -2.85 27.90 -16.58
C GLN I 41 -2.59 29.37 -16.22
N ARG I 42 -1.44 29.63 -15.57
CA ARG I 42 -0.89 31.00 -15.32
C ARG I 42 -1.98 31.87 -14.68
N ASP I 43 -2.67 31.33 -13.66
CA ASP I 43 -3.74 32.00 -12.87
C ASP I 43 -4.79 32.65 -13.77
N ARG I 44 -5.10 32.05 -14.92
CA ARG I 44 -6.31 32.34 -15.71
C ARG I 44 -7.35 31.28 -15.36
N PRO I 45 -8.66 31.58 -15.46
CA PRO I 45 -9.68 30.58 -15.16
C PRO I 45 -9.58 29.40 -16.14
N VAL I 46 -10.00 28.21 -15.72
CA VAL I 46 -10.29 27.10 -16.67
C VAL I 46 -11.57 27.46 -17.43
N ALA I 47 -11.49 27.56 -18.75
CA ALA I 47 -12.64 27.84 -19.63
C ALA I 47 -13.39 26.53 -19.86
N VAL I 48 -14.55 26.39 -19.25
CA VAL I 48 -15.45 25.21 -19.42
C VAL I 48 -16.60 25.60 -20.36
N SER I 49 -16.79 24.85 -21.44
CA SER I 49 -17.96 24.95 -22.35
C SER I 49 -19.03 23.96 -21.91
N VAL I 50 -20.28 24.42 -21.82
CA VAL I 50 -21.46 23.60 -21.47
C VAL I 50 -22.54 23.86 -22.52
N SER I 51 -23.07 22.80 -23.11
CA SER I 51 -24.25 22.81 -24.00
C SER I 51 -25.15 21.61 -23.66
N LEU I 52 -26.42 21.85 -23.36
CA LEU I 52 -27.42 20.78 -23.15
C LEU I 52 -28.07 20.42 -24.49
N LYS I 53 -28.05 19.13 -24.83
CA LYS I 53 -28.85 18.55 -25.93
C LYS I 53 -30.03 17.83 -25.28
N PHE I 54 -31.25 18.31 -25.49
CA PHE I 54 -32.46 17.73 -24.90
C PHE I 54 -32.82 16.46 -25.68
N ILE I 55 -33.08 15.40 -24.93
CA ILE I 55 -33.42 14.06 -25.47
C ILE I 55 -34.88 13.77 -25.17
N ASN I 56 -35.37 14.16 -23.98
CA ASN I 56 -36.76 13.84 -23.62
C ASN I 56 -37.27 14.78 -22.54
N ILE I 57 -38.58 14.96 -22.52
CA ILE I 57 -39.34 15.62 -21.41
C ILE I 57 -40.38 14.60 -20.99
N LEU I 58 -40.34 14.15 -19.73
CA LEU I 58 -40.99 12.88 -19.29
C LEU I 58 -42.20 13.15 -18.42
N GLU I 59 -42.12 14.13 -17.53
CA GLU I 59 -43.20 14.42 -16.56
C GLU I 59 -43.16 15.92 -16.37
N VAL I 60 -44.28 16.57 -16.66
CA VAL I 60 -44.45 18.03 -16.47
C VAL I 60 -45.62 18.18 -15.51
N ASN I 61 -45.52 19.10 -14.56
CA ASN I 61 -46.61 19.39 -13.59
C ASN I 61 -46.74 20.92 -13.52
N GLU I 62 -47.81 21.45 -14.15
CA GLU I 62 -48.06 22.90 -14.23
C GLU I 62 -48.49 23.44 -12.85
N ILE I 63 -49.05 22.58 -11.99
CA ILE I 63 -49.48 22.97 -10.61
C ILE I 63 -48.24 23.23 -9.76
N THR I 64 -47.26 22.30 -9.74
CA THR I 64 -46.07 22.37 -8.85
C THR I 64 -44.91 23.10 -9.53
N ASN I 65 -45.00 23.39 -10.83
CA ASN I 65 -43.89 23.99 -11.62
C ASN I 65 -42.64 23.09 -11.52
N GLU I 66 -42.78 21.80 -11.84
CA GLU I 66 -41.68 20.81 -11.82
C GLU I 66 -41.65 20.08 -13.16
N VAL I 67 -40.45 19.82 -13.68
CA VAL I 67 -40.27 19.04 -14.94
C VAL I 67 -39.20 17.98 -14.70
N ASP I 68 -39.37 16.83 -15.34
CA ASP I 68 -38.40 15.71 -15.39
C ASP I 68 -37.86 15.68 -16.83
N VAL I 69 -36.57 15.93 -17.00
CA VAL I 69 -35.90 16.09 -18.33
C VAL I 69 -34.76 15.06 -18.47
N VAL I 70 -34.53 14.60 -19.70
CA VAL I 70 -33.31 13.83 -20.08
C VAL I 70 -32.52 14.69 -21.07
N PHE I 71 -31.26 14.97 -20.76
CA PHE I 71 -30.36 15.77 -21.62
C PHE I 71 -28.95 15.16 -21.64
N TRP I 72 -28.26 15.36 -22.74
CA TRP I 72 -26.80 15.15 -22.85
C TRP I 72 -26.12 16.46 -22.45
N GLN I 73 -25.30 16.42 -21.41
CA GLN I 73 -24.57 17.62 -20.91
C GLN I 73 -23.18 17.66 -21.55
N GLN I 74 -23.07 18.20 -22.76
CA GLN I 74 -21.78 18.33 -23.47
C GLN I 74 -20.89 19.31 -22.72
N THR I 75 -19.80 18.82 -22.13
CA THR I 75 -18.83 19.56 -21.29
C THR I 75 -17.43 19.41 -21.89
N THR I 76 -16.75 20.51 -22.16
CA THR I 76 -15.37 20.53 -22.72
C THR I 76 -14.51 21.53 -21.94
N TRP I 77 -13.24 21.18 -21.77
CA TRP I 77 -12.22 22.04 -21.12
C TRP I 77 -10.86 21.50 -21.54
N SER I 78 -9.81 22.26 -21.26
CA SER I 78 -8.41 21.87 -21.52
C SER I 78 -7.75 21.48 -20.19
N ASP I 79 -7.00 20.39 -20.19
CA ASP I 79 -6.09 19.97 -19.09
C ASP I 79 -4.78 19.54 -19.76
N ARG I 80 -3.83 20.47 -19.85
CA ARG I 80 -2.52 20.30 -20.53
C ARG I 80 -1.71 19.18 -19.87
N THR I 81 -1.92 18.87 -18.58
CA THR I 81 -1.19 17.78 -17.88
C THR I 81 -1.55 16.44 -18.51
N LEU I 82 -2.61 16.34 -19.33
CA LEU I 82 -3.03 15.06 -19.97
C LEU I 82 -2.37 14.89 -21.35
N ALA I 83 -1.79 15.95 -21.92
CA ALA I 83 -1.36 16.00 -23.33
C ALA I 83 -0.25 14.96 -23.59
N TRP I 84 -0.20 14.40 -24.80
CA TRP I 84 0.91 13.53 -25.25
C TRP I 84 1.25 13.86 -26.70
N ASN I 85 2.43 13.47 -27.16
CA ASN I 85 2.88 13.61 -28.56
C ASN I 85 2.13 12.56 -29.39
N SER I 86 1.27 12.97 -30.32
CA SER I 86 0.35 12.09 -31.09
C SER I 86 1.02 11.51 -32.35
N SER I 87 2.31 11.78 -32.59
CA SER I 87 3.08 11.14 -33.69
C SER I 87 3.15 9.63 -33.43
N HIS I 88 2.71 8.84 -34.41
CA HIS I 88 2.53 7.35 -34.36
C HIS I 88 1.89 6.95 -33.03
N SER I 89 0.85 7.66 -32.62
CA SER I 89 0.06 7.42 -31.38
C SER I 89 -1.41 7.73 -31.65
N PRO I 90 -2.36 7.17 -30.87
CA PRO I 90 -3.75 7.59 -30.96
C PRO I 90 -3.91 9.10 -30.78
N ASP I 91 -4.88 9.69 -31.47
CA ASP I 91 -5.24 11.14 -31.34
C ASP I 91 -6.11 11.34 -30.08
N GLN I 92 -6.84 10.30 -29.66
CA GLN I 92 -7.84 10.36 -28.57
C GLN I 92 -7.88 9.04 -27.80
N VAL I 93 -8.24 9.08 -26.52
CA VAL I 93 -8.55 7.88 -25.70
C VAL I 93 -9.79 8.14 -24.85
N SER I 94 -10.43 7.06 -24.41
CA SER I 94 -11.55 7.05 -23.44
C SER I 94 -10.96 6.82 -22.04
N VAL I 95 -11.28 7.69 -21.10
CA VAL I 95 -10.71 7.70 -19.72
C VAL I 95 -11.85 7.72 -18.71
N PRO I 96 -11.84 6.87 -17.66
CA PRO I 96 -12.83 6.99 -16.59
C PRO I 96 -12.70 8.36 -15.93
N ILE I 97 -13.81 9.04 -15.64
CA ILE I 97 -13.75 10.41 -15.04
C ILE I 97 -13.15 10.35 -13.63
N SER I 98 -13.13 9.19 -12.98
CA SER I 98 -12.45 9.01 -11.66
C SER I 98 -10.93 9.26 -11.80
N SER I 99 -10.35 9.17 -13.00
CA SER I 99 -8.91 9.44 -13.25
C SER I 99 -8.63 10.88 -13.70
N LEU I 100 -9.63 11.76 -13.74
CA LEU I 100 -9.51 13.11 -14.30
C LEU I 100 -10.09 14.12 -13.32
N TRP I 101 -9.55 15.32 -13.31
CA TRP I 101 -10.28 16.50 -12.80
C TRP I 101 -11.47 16.73 -13.73
N VAL I 102 -12.64 16.93 -13.13
CA VAL I 102 -13.89 17.30 -13.84
C VAL I 102 -14.43 18.53 -13.14
N PRO I 103 -15.01 19.51 -13.87
CA PRO I 103 -15.60 20.67 -13.24
C PRO I 103 -16.76 20.26 -12.32
N ASP I 104 -16.88 20.92 -11.17
CA ASP I 104 -17.92 20.63 -10.14
C ASP I 104 -19.22 21.35 -10.53
N LEU I 105 -19.80 21.03 -11.70
CA LEU I 105 -21.05 21.64 -12.20
C LEU I 105 -22.23 21.11 -11.39
N ALA I 106 -23.15 22.00 -11.06
CA ALA I 106 -24.46 21.69 -10.46
C ALA I 106 -25.52 22.55 -11.15
N ALA I 107 -26.74 22.04 -11.27
CA ALA I 107 -27.89 22.82 -11.72
C ALA I 107 -28.52 23.47 -10.48
N TYR I 108 -28.49 24.81 -10.40
CA TYR I 108 -28.92 25.59 -9.21
C TYR I 108 -30.39 25.32 -8.88
N ASN I 109 -31.24 25.00 -9.86
CA ASN I 109 -32.70 24.86 -9.66
C ASN I 109 -33.13 23.39 -9.77
N ALA I 110 -32.18 22.44 -9.71
CA ALA I 110 -32.47 20.99 -9.62
C ALA I 110 -33.10 20.69 -8.25
N ILE I 111 -34.08 19.78 -8.22
CA ILE I 111 -34.73 19.32 -6.97
C ILE I 111 -34.54 17.80 -6.83
N SER I 112 -33.68 17.19 -7.64
CA SER I 112 -33.26 15.77 -7.52
C SER I 112 -31.77 15.67 -7.86
N LYS I 113 -31.10 14.61 -7.40
CA LYS I 113 -29.71 14.29 -7.80
C LYS I 113 -29.69 14.02 -9.29
N PRO I 114 -28.63 14.40 -10.02
CA PRO I 114 -28.51 13.97 -11.43
C PRO I 114 -28.42 12.44 -11.47
N GLU I 115 -29.31 11.79 -12.22
CA GLU I 115 -29.26 10.34 -12.52
C GLU I 115 -28.46 10.22 -13.82
N VAL I 116 -27.22 9.74 -13.74
CA VAL I 116 -26.34 9.55 -14.91
C VAL I 116 -26.70 8.20 -15.54
N LEU I 117 -27.13 8.21 -16.79
CA LEU I 117 -27.69 7.01 -17.47
C LEU I 117 -26.57 6.26 -18.22
N THR I 118 -25.41 6.89 -18.44
CA THR I 118 -24.37 6.42 -19.37
C THR I 118 -23.09 6.07 -18.61
N PRO I 119 -22.20 5.24 -19.22
CA PRO I 119 -20.89 4.97 -18.66
C PRO I 119 -20.09 6.26 -18.42
N GLN I 120 -19.40 6.34 -17.29
CA GLN I 120 -18.74 7.56 -16.81
C GLN I 120 -17.31 7.63 -17.36
N LEU I 121 -17.22 7.77 -18.69
CA LEU I 121 -15.96 7.93 -19.46
C LEU I 121 -15.99 9.28 -20.16
N ALA I 122 -14.86 9.98 -20.21
CA ALA I 122 -14.63 11.17 -21.06
C ALA I 122 -13.71 10.79 -22.23
N ARG I 123 -13.71 11.59 -23.29
CA ARG I 123 -12.71 11.50 -24.37
C ARG I 123 -11.63 12.54 -24.10
N VAL I 124 -10.38 12.12 -24.14
CA VAL I 124 -9.21 13.02 -24.00
C VAL I 124 -8.47 13.02 -25.34
N VAL I 125 -8.29 14.20 -25.91
CA VAL I 125 -7.50 14.45 -27.14
C VAL I 125 -6.05 14.67 -26.75
N SER I 126 -5.10 14.33 -27.64
CA SER I 126 -3.64 14.36 -27.40
C SER I 126 -3.17 15.75 -26.98
N ASP I 127 -3.91 16.82 -27.31
CA ASP I 127 -3.55 18.20 -26.91
C ASP I 127 -4.07 18.54 -25.51
N GLY I 128 -4.80 17.64 -24.85
CA GLY I 128 -5.30 17.85 -23.49
C GLY I 128 -6.72 18.40 -23.43
N GLU I 129 -7.41 18.50 -24.56
CA GLU I 129 -8.87 18.78 -24.59
C GLU I 129 -9.62 17.56 -24.03
N VAL I 130 -10.55 17.79 -23.13
CA VAL I 130 -11.45 16.75 -22.55
C VAL I 130 -12.88 17.02 -23.01
N LEU I 131 -13.57 15.99 -23.48
CA LEU I 131 -15.02 16.03 -23.80
C LEU I 131 -15.73 15.00 -22.93
N TYR I 132 -16.59 15.46 -22.02
CA TYR I 132 -17.42 14.61 -21.13
C TYR I 132 -18.87 14.92 -21.47
N MET I 133 -19.62 13.92 -21.91
CA MET I 133 -21.03 14.10 -22.34
C MET I 133 -21.88 13.00 -21.71
N PRO I 134 -22.20 13.12 -20.41
CA PRO I 134 -23.13 12.18 -19.78
C PRO I 134 -24.56 12.45 -20.24
N SER I 135 -25.36 11.39 -20.33
CA SER I 135 -26.82 11.49 -20.42
C SER I 135 -27.36 11.55 -19.00
N ILE I 136 -28.13 12.58 -18.68
CA ILE I 136 -28.63 12.85 -17.31
C ILE I 136 -30.15 12.94 -17.34
N ARG I 137 -30.79 12.26 -16.40
CA ARG I 137 -32.21 12.49 -16.04
C ARG I 137 -32.23 13.23 -14.70
N GLN I 138 -32.93 14.36 -14.64
CA GLN I 138 -32.98 15.23 -13.45
C GLN I 138 -34.31 15.99 -13.42
N ARG I 139 -34.77 16.32 -12.21
CA ARG I 139 -36.02 17.07 -11.98
C ARG I 139 -35.66 18.51 -11.60
N PHE I 140 -36.39 19.50 -12.16
CA PHE I 140 -36.16 20.94 -11.95
C PHE I 140 -37.42 21.65 -11.46
N SER I 141 -37.20 22.70 -10.67
CA SER I 141 -38.19 23.75 -10.34
C SER I 141 -38.02 24.84 -11.37
N CYS I 142 -39.00 25.04 -12.24
CA CYS I 142 -38.94 26.11 -13.28
C CYS I 142 -40.37 26.43 -13.78
N ASP I 143 -40.47 27.45 -14.63
CA ASP I 143 -41.79 27.97 -15.09
C ASP I 143 -42.42 27.01 -16.10
N VAL I 144 -43.46 26.29 -15.68
CA VAL I 144 -44.22 25.33 -16.54
C VAL I 144 -45.48 26.01 -17.11
N SER I 145 -45.79 27.24 -16.72
CA SER I 145 -47.02 27.97 -17.16
C SER I 145 -47.02 28.07 -18.70
N GLY I 146 -48.14 27.74 -19.34
CA GLY I 146 -48.33 27.90 -20.79
C GLY I 146 -47.93 26.66 -21.57
N VAL I 147 -47.63 25.56 -20.88
CA VAL I 147 -47.15 24.31 -21.51
C VAL I 147 -48.20 23.78 -22.50
N ASP I 148 -49.49 23.97 -22.23
CA ASP I 148 -50.61 23.47 -23.06
C ASP I 148 -51.13 24.57 -24.01
N THR I 149 -50.33 25.59 -24.32
CA THR I 149 -50.68 26.68 -25.26
C THR I 149 -49.72 26.65 -26.44
N GLU I 150 -50.02 27.45 -27.46
CA GLU I 150 -49.29 27.46 -28.75
C GLU I 150 -47.87 27.99 -28.52
N SER I 151 -47.71 29.01 -27.67
CA SER I 151 -46.39 29.66 -27.43
C SER I 151 -45.60 28.86 -26.38
N GLY I 152 -46.26 27.97 -25.63
CA GLY I 152 -45.62 26.93 -24.79
C GLY I 152 -45.07 27.51 -23.50
N ALA I 153 -44.38 26.67 -22.71
CA ALA I 153 -43.68 27.06 -21.46
C ALA I 153 -42.22 27.38 -21.79
N THR I 154 -41.59 28.20 -20.96
CA THR I 154 -40.12 28.44 -20.99
C THR I 154 -39.54 28.09 -19.61
N CYS I 155 -38.86 26.94 -19.54
CA CYS I 155 -38.19 26.39 -18.34
C CYS I 155 -36.72 26.78 -18.43
N ARG I 156 -36.21 27.58 -17.49
CA ARG I 156 -34.78 28.00 -17.42
C ARG I 156 -34.04 27.06 -16.46
N ILE I 157 -32.99 26.40 -16.95
CA ILE I 157 -32.07 25.55 -16.14
C ILE I 157 -30.71 26.27 -16.06
N LYS I 158 -30.20 26.50 -14.86
CA LYS I 158 -28.93 27.23 -14.60
C LYS I 158 -27.86 26.24 -14.15
N ILE I 159 -26.75 26.12 -14.88
CA ILE I 159 -25.65 25.16 -14.57
C ILE I 159 -24.33 25.93 -14.45
N GLY I 160 -23.67 25.79 -13.30
CA GLY I 160 -22.33 26.39 -13.08
C GLY I 160 -21.54 25.65 -12.02
N SER I 161 -20.31 26.07 -11.79
CA SER I 161 -19.43 25.52 -10.73
C SER I 161 -20.10 25.74 -9.37
N TRP I 162 -20.14 24.70 -8.55
CA TRP I 162 -20.66 24.83 -7.17
C TRP I 162 -19.66 25.61 -6.29
N THR I 163 -18.34 25.49 -6.49
CA THR I 163 -17.37 26.04 -5.50
C THR I 163 -16.31 26.94 -6.14
N HIS I 164 -16.19 26.99 -7.47
CA HIS I 164 -15.16 27.81 -8.16
CA HIS I 164 -15.16 27.81 -8.16
C HIS I 164 -15.80 29.09 -8.72
N HIS I 165 -15.33 30.25 -8.27
CA HIS I 165 -15.79 31.56 -8.79
C HIS I 165 -15.10 31.84 -10.14
N SER I 166 -15.43 32.99 -10.75
CA SER I 166 -15.12 33.37 -12.14
C SER I 166 -13.62 33.45 -12.41
N ARG I 167 -12.78 33.67 -11.40
CA ARG I 167 -11.31 33.73 -11.60
C ARG I 167 -10.73 32.31 -11.64
N GLU I 168 -11.52 31.28 -11.31
CA GLU I 168 -11.04 29.87 -11.31
C GLU I 168 -11.73 29.06 -12.42
N ILE I 169 -13.05 29.17 -12.55
CA ILE I 169 -13.82 28.54 -13.66
C ILE I 169 -14.67 29.61 -14.35
N SER I 170 -14.60 29.67 -15.67
CA SER I 170 -15.55 30.40 -16.53
C SER I 170 -16.37 29.35 -17.28
N VAL I 171 -17.69 29.55 -17.35
CA VAL I 171 -18.59 28.67 -18.14
C VAL I 171 -19.12 29.49 -19.30
N ASP I 172 -19.07 28.91 -20.49
CA ASP I 172 -19.56 29.55 -21.73
C ASP I 172 -20.44 28.55 -22.47
N PRO I 173 -21.56 29.01 -23.08
CA PRO I 173 -22.29 28.18 -24.02
C PRO I 173 -21.39 27.97 -25.24
N THR I 174 -21.55 26.88 -25.98
CA THR I 174 -20.81 26.65 -27.26
C THR I 174 -21.31 27.63 -28.34
N ASP I 179 -29.75 21.86 -34.86
CA ASP I 179 -31.21 21.72 -34.64
C ASP I 179 -31.43 21.41 -33.14
N ASP I 180 -32.22 22.26 -32.47
CA ASP I 180 -32.63 22.13 -31.04
C ASP I 180 -33.31 20.78 -30.80
N SER I 181 -33.88 20.13 -31.82
CA SER I 181 -34.63 18.85 -31.69
C SER I 181 -33.99 17.72 -32.51
N GLU I 182 -32.74 17.87 -32.96
CA GLU I 182 -32.02 16.80 -33.71
C GLU I 182 -31.89 15.52 -32.86
N TYR I 183 -31.79 15.63 -31.54
CA TYR I 183 -31.59 14.50 -30.62
C TYR I 183 -32.88 14.16 -29.86
N PHE I 184 -33.88 15.04 -29.93
CA PHE I 184 -35.10 14.96 -29.10
C PHE I 184 -35.95 13.76 -29.53
N SER I 185 -36.48 12.99 -28.59
CA SER I 185 -37.35 11.82 -28.86
C SER I 185 -38.61 12.28 -29.61
N GLN I 186 -38.88 11.69 -30.77
CA GLN I 186 -40.15 11.85 -31.52
C GLN I 186 -41.31 11.24 -30.73
N TYR I 187 -41.07 10.48 -29.66
CA TYR I 187 -42.14 9.76 -28.91
C TYR I 187 -42.53 10.49 -27.62
N SER I 188 -41.86 11.59 -27.27
CA SER I 188 -42.25 12.44 -26.12
C SER I 188 -43.68 12.97 -26.32
N ARG I 189 -44.42 13.23 -25.24
CA ARG I 189 -45.71 13.96 -25.29
C ARG I 189 -45.48 15.43 -25.64
N PHE I 190 -44.22 15.89 -25.54
CA PHE I 190 -43.87 17.32 -25.68
C PHE I 190 -43.02 17.50 -26.92
N GLU I 191 -42.96 18.74 -27.40
CA GLU I 191 -42.09 19.12 -28.53
C GLU I 191 -41.38 20.42 -28.15
N ILE I 192 -40.20 20.62 -28.73
CA ILE I 192 -39.32 21.78 -28.44
C ILE I 192 -39.60 22.84 -29.51
N LEU I 193 -39.91 24.05 -29.09
CA LEU I 193 -40.10 25.22 -29.98
C LEU I 193 -38.75 25.91 -30.16
N ASP I 194 -37.94 25.98 -29.10
CA ASP I 194 -36.69 26.78 -29.10
C ASP I 194 -35.84 26.43 -27.88
N VAL I 195 -34.52 26.49 -28.05
CA VAL I 195 -33.53 26.39 -26.94
C VAL I 195 -32.55 27.52 -27.11
N THR I 196 -32.37 28.34 -26.08
CA THR I 196 -31.27 29.34 -26.01
C THR I 196 -30.42 29.05 -24.77
N GLN I 197 -29.13 29.30 -24.89
CA GLN I 197 -28.11 29.00 -23.84
C GLN I 197 -27.26 30.26 -23.74
N LYS I 198 -27.28 30.94 -22.61
CA LYS I 198 -26.62 32.28 -22.46
C LYS I 198 -25.85 32.30 -21.14
N LYS I 199 -24.82 33.13 -21.07
CA LYS I 199 -23.90 33.21 -19.91
C LYS I 199 -24.48 34.17 -18.88
N ASN I 200 -24.47 33.76 -17.61
CA ASN I 200 -24.95 34.59 -16.48
C ASN I 200 -23.85 34.57 -15.42
N SER I 201 -24.00 35.47 -14.45
CA SER I 201 -23.08 35.73 -13.32
C SER I 201 -23.98 35.98 -12.11
N VAL I 202 -23.70 35.30 -10.99
CA VAL I 202 -24.28 35.66 -9.67
C VAL I 202 -23.18 36.16 -8.71
N THR I 203 -23.42 37.30 -8.05
CA THR I 203 -22.64 37.79 -6.89
C THR I 203 -23.58 37.80 -5.69
N TYR I 204 -23.17 37.22 -4.57
CA TYR I 204 -23.92 37.20 -3.28
C TYR I 204 -23.38 38.32 -2.38
N SER I 205 -24.19 38.82 -1.45
CA SER I 205 -23.87 40.03 -0.63
C SER I 205 -22.65 39.75 0.28
N CYS I 206 -22.56 38.54 0.85
CA CYS I 206 -21.47 38.09 1.76
C CYS I 206 -20.09 38.35 1.13
N CYS I 207 -19.94 38.05 -0.15
CA CYS I 207 -18.69 37.59 -0.80
C CYS I 207 -18.47 38.35 -2.11
N PRO I 208 -17.26 38.86 -2.39
CA PRO I 208 -17.04 39.73 -3.55
C PRO I 208 -16.97 39.00 -4.91
N GLU I 209 -16.88 37.68 -4.91
CA GLU I 209 -16.61 36.87 -6.13
C GLU I 209 -17.93 36.57 -6.86
N ALA I 210 -17.84 36.54 -8.19
CA ALA I 210 -18.94 36.17 -9.10
C ALA I 210 -18.82 34.68 -9.47
N TYR I 211 -19.95 33.99 -9.49
CA TYR I 211 -20.09 32.58 -9.95
C TYR I 211 -20.79 32.58 -11.31
N GLU I 212 -20.15 32.00 -12.32
CA GLU I 212 -20.70 31.98 -13.69
C GLU I 212 -21.59 30.75 -13.83
N ASP I 213 -22.63 30.88 -14.63
CA ASP I 213 -23.52 29.76 -15.01
C ASP I 213 -23.90 29.94 -16.47
N VAL I 214 -24.31 28.84 -17.10
CA VAL I 214 -25.01 28.85 -18.40
C VAL I 214 -26.48 28.69 -18.06
N GLU I 215 -27.30 29.61 -18.58
CA GLU I 215 -28.76 29.58 -18.39
C GLU I 215 -29.34 29.02 -19.70
N VAL I 216 -30.02 27.88 -19.60
CA VAL I 216 -30.59 27.16 -20.75
C VAL I 216 -32.11 27.35 -20.69
N SER I 217 -32.66 28.07 -21.66
CA SER I 217 -34.10 28.38 -21.78
C SER I 217 -34.72 27.38 -22.75
N LEU I 218 -35.52 26.46 -22.21
CA LEU I 218 -36.20 25.37 -22.96
C LEU I 218 -37.63 25.82 -23.16
N ASN I 219 -37.96 26.21 -24.40
CA ASN I 219 -39.33 26.64 -24.80
C ASN I 219 -39.97 25.41 -25.44
N PHE I 220 -40.98 24.85 -24.78
CA PHE I 220 -41.57 23.55 -25.18
C PHE I 220 -43.07 23.60 -24.89
N ARG I 221 -43.82 22.69 -25.51
CA ARG I 221 -45.28 22.59 -25.29
C ARG I 221 -45.74 21.14 -25.49
N LYS I 222 -46.91 20.82 -24.92
CA LYS I 222 -47.63 19.55 -25.16
C LYS I 222 -48.02 19.49 -26.65
N LYS I 223 -47.81 18.36 -27.29
CA LYS I 223 -48.14 18.14 -28.72
C LYS I 223 -49.66 18.12 -28.92
N GLY I 224 -50.12 18.64 -30.07
CA GLY I 224 -51.49 18.51 -30.61
C GLY I 224 -52.46 17.67 -29.79
N LEU J 20 3.52 28.40 -2.84
CA LEU J 20 2.76 27.15 -2.98
C LEU J 20 1.76 27.32 -4.12
N ASP J 21 1.54 26.29 -4.93
CA ASP J 21 0.41 26.27 -5.88
C ASP J 21 -0.71 25.39 -5.31
N ARG J 22 -1.86 25.37 -6.00
CA ARG J 22 -3.07 24.61 -5.64
C ARG J 22 -2.69 23.14 -5.45
N ALA J 23 -1.91 22.59 -6.39
CA ALA J 23 -1.50 21.17 -6.39
C ALA J 23 -0.77 20.83 -5.08
N ASP J 24 0.14 21.70 -4.63
CA ASP J 24 0.94 21.49 -3.40
C ASP J 24 0.01 21.50 -2.18
N ILE J 25 -0.84 22.53 -2.06
CA ILE J 25 -1.79 22.71 -0.93
C ILE J 25 -2.71 21.50 -0.85
N LEU J 26 -3.26 21.06 -1.98
CA LEU J 26 -4.21 19.92 -1.99
C LEU J 26 -3.48 18.62 -1.67
N TYR J 27 -2.24 18.45 -2.14
CA TYR J 27 -1.39 17.28 -1.78
C TYR J 27 -1.16 17.27 -0.26
N ASN J 28 -0.76 18.41 0.31
CA ASN J 28 -0.47 18.54 1.76
C ASN J 28 -1.72 18.19 2.58
N ILE J 29 -2.88 18.71 2.17
CA ILE J 29 -4.16 18.47 2.89
C ILE J 29 -4.50 16.97 2.79
N ARG J 30 -4.44 16.39 1.60
CA ARG J 30 -4.77 14.96 1.40
C ARG J 30 -3.83 14.07 2.23
N GLN J 31 -2.54 14.42 2.34
CA GLN J 31 -1.50 13.56 2.98
C GLN J 31 -1.58 13.65 4.50
N THR J 32 -2.06 14.77 5.05
CA THR J 32 -2.03 15.03 6.52
C THR J 32 -3.45 15.16 7.07
N SER J 33 -4.42 14.84 6.21
CA SER J 33 -5.87 14.77 6.51
C SER J 33 -6.14 13.72 7.58
N ARG J 34 -6.61 14.20 8.71
CA ARG J 34 -7.15 13.42 9.86
C ARG J 34 -8.64 13.71 9.92
N PRO J 35 -9.46 13.13 9.00
CA PRO J 35 -10.88 13.47 8.93
C PRO J 35 -11.67 13.03 10.17
N ASP J 36 -11.11 12.09 10.94
CA ASP J 36 -11.72 11.51 12.15
CA ASP J 36 -11.67 11.48 12.15
C ASP J 36 -11.37 12.37 13.38
N VAL J 37 -10.54 13.41 13.23
CA VAL J 37 -10.03 14.18 14.40
C VAL J 37 -10.64 15.59 14.45
N ILE J 38 -11.52 15.85 15.43
CA ILE J 38 -12.11 17.19 15.69
C ILE J 38 -10.96 18.17 15.96
N PRO J 39 -10.86 19.31 15.23
CA PRO J 39 -9.73 20.23 15.42
C PRO J 39 -9.93 21.22 16.57
N THR J 40 -10.10 20.72 17.79
CA THR J 40 -10.20 21.56 19.03
C THR J 40 -8.84 22.25 19.25
N GLN J 41 -8.86 23.51 19.66
CA GLN J 41 -7.67 24.30 20.07
C GLN J 41 -7.73 24.44 21.60
N ARG J 42 -6.73 23.92 22.31
CA ARG J 42 -6.49 24.16 23.77
C ARG J 42 -7.78 23.88 24.55
N ASP J 43 -8.42 22.75 24.26
CA ASP J 43 -9.66 22.23 24.92
C ASP J 43 -10.77 23.30 24.94
N ARG J 44 -10.83 24.18 23.95
CA ARG J 44 -12.01 25.06 23.68
C ARG J 44 -12.83 24.40 22.58
N PRO J 45 -14.17 24.60 22.55
CA PRO J 45 -15.01 23.95 21.54
C PRO J 45 -14.64 24.45 20.15
N VAL J 46 -14.83 23.63 19.14
CA VAL J 46 -14.86 24.12 17.72
C VAL J 46 -16.17 24.90 17.54
N ALA J 47 -16.07 26.17 17.17
CA ALA J 47 -17.23 27.06 16.93
C ALA J 47 -17.69 26.82 15.49
N VAL J 48 -18.84 26.15 15.35
CA VAL J 48 -19.46 25.86 14.03
C VAL J 48 -20.61 26.86 13.83
N SER J 49 -20.60 27.59 12.72
CA SER J 49 -21.73 28.44 12.25
C SER J 49 -22.58 27.65 11.27
N VAL J 50 -23.90 27.71 11.46
CA VAL J 50 -24.91 27.02 10.61
C VAL J 50 -25.96 28.07 10.24
N SER J 51 -26.22 28.20 8.94
CA SER J 51 -27.31 29.05 8.38
C SER J 51 -27.93 28.27 7.22
N LEU J 52 -29.23 28.04 7.28
CA LEU J 52 -29.98 27.43 6.15
C LEU J 52 -30.48 28.55 5.24
N LYS J 53 -30.17 28.46 3.95
CA LYS J 53 -30.76 29.31 2.87
C LYS J 53 -31.83 28.46 2.18
N PHE J 54 -33.10 28.83 2.33
CA PHE J 54 -34.23 28.01 1.81
C PHE J 54 -34.34 28.31 0.32
N ILE J 55 -34.42 27.24 -0.47
CA ILE J 55 -34.44 27.31 -1.96
C ILE J 55 -35.83 26.87 -2.43
N ASN J 56 -36.41 25.85 -1.80
CA ASN J 56 -37.71 25.34 -2.28
C ASN J 56 -38.43 24.58 -1.17
N ILE J 57 -39.77 24.57 -1.26
CA ILE J 57 -40.69 23.73 -0.48
C ILE J 57 -41.52 22.97 -1.50
N LEU J 58 -41.43 21.63 -1.49
CA LEU J 58 -41.77 20.78 -2.64
C LEU J 58 -43.04 19.98 -2.40
N GLU J 59 -43.20 19.46 -1.18
CA GLU J 59 -44.35 18.58 -0.84
C GLU J 59 -44.68 18.92 0.60
N VAL J 60 -45.90 19.35 0.83
CA VAL J 60 -46.42 19.67 2.18
C VAL J 60 -47.60 18.72 2.38
N ASN J 61 -47.73 18.16 3.56
CA ASN J 61 -48.88 17.30 3.94
C ASN J 61 -49.36 17.76 5.32
N GLU J 62 -50.48 18.49 5.36
CA GLU J 62 -51.05 19.05 6.60
C GLU J 62 -51.63 17.93 7.47
N ILE J 63 -52.03 16.80 6.87
CA ILE J 63 -52.57 15.63 7.61
C ILE J 63 -51.43 14.97 8.42
N THR J 64 -50.29 14.67 7.79
CA THR J 64 -49.17 13.92 8.41
C THR J 64 -48.17 14.87 9.10
N ASN J 65 -48.28 16.17 8.87
CA ASN J 65 -47.31 17.17 9.40
C ASN J 65 -45.90 16.83 8.90
N GLU J 66 -45.75 16.67 7.58
CA GLU J 66 -44.46 16.37 6.91
C GLU J 66 -44.24 17.39 5.80
N VAL J 67 -43.02 17.87 5.65
CA VAL J 67 -42.60 18.80 4.57
C VAL J 67 -41.32 18.25 3.92
N ASP J 68 -41.21 18.47 2.62
CA ASP J 68 -40.01 18.19 1.80
C ASP J 68 -39.41 19.56 1.45
N VAL J 69 -38.20 19.83 1.92
CA VAL J 69 -37.52 21.15 1.75
C VAL J 69 -36.19 20.98 1.01
N VAL J 70 -35.82 21.97 0.22
CA VAL J 70 -34.48 22.11 -0.40
C VAL J 70 -33.84 23.37 0.20
N PHE J 71 -32.67 23.18 0.81
CA PHE J 71 -31.92 24.28 1.45
C PHE J 71 -30.42 24.12 1.20
N TRP J 72 -29.73 25.25 1.11
CA TRP J 72 -28.24 25.31 1.16
C TRP J 72 -27.84 25.41 2.63
N GLN J 73 -27.10 24.43 3.14
CA GLN J 73 -26.71 24.35 4.58
C GLN J 73 -25.31 24.99 4.71
N GLN J 74 -25.24 26.32 4.83
CA GLN J 74 -23.97 27.05 4.98
C GLN J 74 -23.38 26.69 6.35
N THR J 75 -22.24 25.98 6.33
CA THR J 75 -21.50 25.49 7.53
C THR J 75 -20.07 26.03 7.46
N THR J 76 -19.64 26.70 8.52
CA THR J 76 -18.26 27.27 8.64
C THR J 76 -17.67 26.90 10.00
N TRP J 77 -16.38 26.64 10.01
CA TRP J 77 -15.58 26.36 11.22
C TRP J 77 -14.12 26.60 10.89
N SER J 78 -13.26 26.63 11.89
CA SER J 78 -11.79 26.77 11.74
C SER J 78 -11.12 25.41 11.97
N ASP J 79 -10.17 25.06 11.11
CA ASP J 79 -9.23 23.92 11.30
C ASP J 79 -7.82 24.44 10.97
N ARG J 80 -7.09 24.90 11.98
CA ARG J 80 -5.75 25.53 11.86
C ARG J 80 -4.74 24.54 11.24
N THR J 81 -4.94 23.22 11.36
CA THR J 81 -4.03 22.23 10.75
C THR J 81 -4.08 22.33 9.21
N LEU J 82 -5.06 23.03 8.62
CA LEU J 82 -5.19 23.18 7.15
C LEU J 82 -4.46 24.45 6.67
N ALA J 83 -4.09 25.36 7.57
CA ALA J 83 -3.63 26.73 7.23
C ALA J 83 -2.34 26.67 6.42
N TRP J 84 -2.12 27.62 5.52
CA TRP J 84 -0.83 27.79 4.79
C TRP J 84 -0.53 29.27 4.68
N ASN J 85 0.74 29.61 4.43
CA ASN J 85 1.20 31.00 4.18
C ASN J 85 0.74 31.36 2.76
N SER J 86 -0.14 32.37 2.63
CA SER J 86 -0.82 32.74 1.35
C SER J 86 0.02 33.73 0.53
N SER J 87 1.24 34.08 0.95
CA SER J 87 2.18 34.90 0.15
C SER J 87 2.54 34.13 -1.13
N HIS J 88 2.32 34.76 -2.29
CA HIS J 88 2.44 34.18 -3.66
C HIS J 88 1.82 32.78 -3.71
N SER J 89 0.64 32.62 -3.11
CA SER J 89 -0.16 31.37 -3.07
C SER J 89 -1.64 31.70 -3.17
N PRO J 90 -2.49 30.76 -3.61
CA PRO J 90 -3.94 30.96 -3.57
C PRO J 90 -4.42 31.31 -2.14
N ASP J 91 -5.44 32.14 -2.02
CA ASP J 91 -6.11 32.47 -0.73
C ASP J 91 -7.06 31.33 -0.32
N GLN J 92 -7.58 30.56 -1.28
CA GLN J 92 -8.62 29.51 -1.08
C GLN J 92 -8.40 28.36 -2.05
N VAL J 93 -8.81 27.16 -1.67
CA VAL J 93 -8.90 25.97 -2.58
C VAL J 93 -10.20 25.21 -2.30
N SER J 94 -10.63 24.42 -3.28
CA SER J 94 -11.77 23.47 -3.19
C SER J 94 -11.22 22.10 -2.83
N VAL J 95 -11.73 21.47 -1.77
CA VAL J 95 -11.25 20.18 -1.19
C VAL J 95 -12.42 19.23 -1.06
N PRO J 96 -12.29 17.95 -1.48
CA PRO J 96 -13.33 16.95 -1.21
C PRO J 96 -13.52 16.83 0.31
N ILE J 97 -14.76 16.74 0.79
CA ILE J 97 -15.02 16.66 2.26
C ILE J 97 -14.50 15.32 2.81
N SER J 98 -14.27 14.31 1.96
CA SER J 98 -13.64 13.04 2.41
C SER J 98 -12.20 13.28 2.92
N SER J 99 -11.55 14.40 2.55
CA SER J 99 -10.20 14.76 3.02
C SER J 99 -10.20 15.69 4.25
N LEU J 100 -11.36 15.98 4.83
CA LEU J 100 -11.50 16.99 5.91
C LEU J 100 -12.32 16.37 7.05
N TRP J 101 -12.01 16.77 8.27
CA TRP J 101 -12.99 16.70 9.38
C TRP J 101 -14.17 17.61 9.04
N VAL J 102 -15.37 17.09 9.21
CA VAL J 102 -16.64 17.85 9.07
C VAL J 102 -17.44 17.60 10.34
N PRO J 103 -18.15 18.61 10.87
CA PRO J 103 -18.98 18.42 12.05
C PRO J 103 -20.09 17.39 11.79
N ASP J 104 -20.38 16.56 12.78
CA ASP J 104 -21.40 15.47 12.68
C ASP J 104 -22.80 16.06 12.96
N LEU J 105 -23.23 17.06 12.17
CA LEU J 105 -24.55 17.71 12.32
C LEU J 105 -25.65 16.75 11.85
N ALA J 106 -26.74 16.70 12.60
CA ALA J 106 -27.98 16.00 12.23
C ALA J 106 -29.14 16.95 12.53
N ALA J 107 -30.19 16.87 11.70
CA ALA J 107 -31.47 17.53 11.98
C ALA J 107 -32.29 16.56 12.82
N TYR J 108 -32.61 16.92 14.07
CA TYR J 108 -33.28 16.02 15.05
C TYR J 108 -34.66 15.58 14.54
N ASN J 109 -35.33 16.40 13.71
CA ASN J 109 -36.74 16.14 13.29
C ASN J 109 -36.79 15.74 11.80
N ALA J 110 -35.64 15.40 11.19
CA ALA J 110 -35.58 14.77 9.86
C ALA J 110 -36.20 13.36 9.92
N ILE J 111 -36.96 12.98 8.90
CA ILE J 111 -37.55 11.63 8.78
C ILE J 111 -37.05 10.96 7.48
N SER J 112 -36.08 11.56 6.81
CA SER J 112 -35.36 10.97 5.66
C SER J 112 -33.87 11.33 5.80
N LYS J 113 -32.99 10.55 5.18
CA LYS J 113 -31.54 10.87 5.08
C LYS J 113 -31.41 12.15 4.27
N PRO J 114 -30.43 13.02 4.56
CA PRO J 114 -30.18 14.17 3.70
C PRO J 114 -29.78 13.68 2.30
N GLU J 115 -30.50 14.10 1.27
CA GLU J 115 -30.16 13.86 -0.17
C GLU J 115 -29.31 15.05 -0.61
N VAL J 116 -28.01 14.83 -0.78
CA VAL J 116 -27.05 15.91 -1.17
C VAL J 116 -27.11 16.04 -2.68
N LEU J 117 -27.49 17.20 -3.20
CA LEU J 117 -27.78 17.43 -4.64
C LEU J 117 -26.51 17.89 -5.36
N THR J 118 -25.48 18.35 -4.63
CA THR J 118 -24.33 19.10 -5.18
C THR J 118 -23.03 18.32 -4.99
N PRO J 119 -21.95 18.68 -5.75
CA PRO J 119 -20.62 18.12 -5.52
C PRO J 119 -20.16 18.33 -4.07
N GLN J 120 -19.55 17.30 -3.48
CA GLN J 120 -19.19 17.26 -2.05
C GLN J 120 -17.80 17.84 -1.84
N LEU J 121 -17.67 19.14 -2.16
CA LEU J 121 -16.42 19.94 -2.02
C LEU J 121 -16.70 21.07 -1.01
N ALA J 122 -15.74 21.34 -0.13
CA ALA J 122 -15.71 22.54 0.74
C ALA J 122 -14.66 23.53 0.21
N ARG J 123 -14.76 24.78 0.61
CA ARG J 123 -13.71 25.81 0.37
C ARG J 123 -12.88 25.91 1.64
N VAL J 124 -11.57 25.85 1.48
CA VAL J 124 -10.60 26.05 2.60
C VAL J 124 -9.85 27.33 2.31
N VAL J 125 -9.90 28.27 3.25
CA VAL J 125 -9.16 29.55 3.22
C VAL J 125 -7.79 29.33 3.86
N SER J 126 -6.77 30.09 3.45
CA SER J 126 -5.35 29.94 3.86
C SER J 126 -5.20 30.03 5.38
N ASP J 127 -6.14 30.67 6.09
CA ASP J 127 -6.10 30.78 7.58
C ASP J 127 -6.73 29.56 8.24
N GLY J 128 -7.27 28.60 7.49
CA GLY J 128 -7.83 27.35 8.03
C GLY J 128 -9.34 27.42 8.24
N GLU J 129 -10.00 28.50 7.82
CA GLU J 129 -11.48 28.55 7.78
C GLU J 129 -11.96 27.57 6.69
N VAL J 130 -12.97 26.77 7.02
CA VAL J 130 -13.65 25.83 6.08
C VAL J 130 -15.07 26.33 5.88
N LEU J 131 -15.50 26.42 4.62
CA LEU J 131 -16.91 26.71 4.25
C LEU J 131 -17.44 25.52 3.44
N TYR J 132 -18.42 24.82 3.98
CA TYR J 132 -19.10 23.68 3.31
C TYR J 132 -20.56 24.07 3.18
N MET J 133 -21.06 24.15 1.95
CA MET J 133 -22.45 24.57 1.67
C MET J 133 -23.08 23.60 0.67
N PRO J 134 -23.49 22.40 1.12
CA PRO J 134 -24.22 21.48 0.25
C PRO J 134 -25.64 21.98 0.06
N SER J 135 -26.21 21.70 -1.11
CA SER J 135 -27.68 21.77 -1.35
C SER J 135 -28.24 20.43 -0.92
N ILE J 136 -29.21 20.47 -0.01
CA ILE J 136 -29.82 19.26 0.60
C ILE J 136 -31.33 19.30 0.35
N ARG J 137 -31.86 18.15 -0.08
CA ARG J 137 -33.31 17.88 -0.03
C ARG J 137 -33.54 16.87 1.09
N GLN J 138 -34.45 17.18 2.01
CA GLN J 138 -34.72 16.36 3.21
C GLN J 138 -36.17 16.54 3.61
N ARG J 139 -36.75 15.51 4.22
CA ARG J 139 -38.14 15.50 4.72
C ARG J 139 -38.11 15.66 6.25
N PHE J 140 -39.00 16.50 6.77
CA PHE J 140 -39.12 16.83 8.21
C PHE J 140 -40.53 16.56 8.74
N SER J 141 -40.56 16.16 10.00
CA SER J 141 -41.77 16.16 10.87
C SER J 141 -41.79 17.53 11.56
N CYS J 142 -42.77 18.37 11.23
CA CYS J 142 -42.91 19.70 11.86
C CYS J 142 -44.34 20.20 11.69
N ASP J 143 -44.66 21.34 12.32
CA ASP J 143 -46.04 21.89 12.33
C ASP J 143 -46.39 22.49 10.97
N VAL J 144 -47.25 21.80 10.21
CA VAL J 144 -47.73 22.25 8.87
C VAL J 144 -49.08 22.96 9.00
N SER J 145 -49.69 23.00 10.19
CA SER J 145 -51.03 23.61 10.41
C SER J 145 -50.99 25.09 10.03
N GLY J 146 -51.97 25.54 9.25
CA GLY J 146 -52.13 26.96 8.89
C GLY J 146 -51.42 27.30 7.59
N VAL J 147 -50.91 26.29 6.88
CA VAL J 147 -50.13 26.50 5.62
C VAL J 147 -50.99 27.22 4.58
N ASP J 148 -52.31 26.96 4.55
CA ASP J 148 -53.26 27.53 3.57
C ASP J 148 -53.99 28.75 4.16
N THR J 149 -53.42 29.42 5.16
CA THR J 149 -53.98 30.65 5.76
C THR J 149 -52.99 31.80 5.54
N GLU J 150 -53.41 33.02 5.84
CA GLU J 150 -52.65 34.26 5.59
C GLU J 150 -51.40 34.27 6.46
N SER J 151 -51.50 33.84 7.71
CA SER J 151 -50.38 33.88 8.69
C SER J 151 -49.48 32.65 8.49
N GLY J 152 -49.94 31.62 7.79
CA GLY J 152 -49.12 30.51 7.27
C GLY J 152 -48.75 29.51 8.35
N ALA J 153 -47.93 28.51 8.00
CA ALA J 153 -47.39 27.50 8.93
C ALA J 153 -46.02 27.96 9.44
N THR J 154 -45.62 27.47 10.61
CA THR J 154 -44.25 27.63 11.17
C THR J 154 -43.65 26.24 11.43
N CYS J 155 -42.73 25.83 10.56
CA CYS J 155 -41.98 24.56 10.62
C CYS J 155 -40.63 24.83 11.28
N ARG J 156 -40.36 24.24 12.44
CA ARG J 156 -39.09 24.40 13.21
CA ARG J 156 -39.09 24.42 13.19
C ARG J 156 -38.16 23.23 12.87
N ILE J 157 -36.95 23.54 12.37
CA ILE J 157 -35.89 22.52 12.09
C ILE J 157 -34.77 22.72 13.12
N LYS J 158 -34.41 21.66 13.85
CA LYS J 158 -33.32 21.69 14.87
C LYS J 158 -32.09 20.95 14.34
N ILE J 159 -30.95 21.63 14.27
CA ILE J 159 -29.66 21.04 13.78
C ILE J 159 -28.59 21.19 14.86
N GLY J 160 -27.93 20.10 15.24
CA GLY J 160 -26.77 20.12 16.16
C GLY J 160 -25.87 18.91 15.97
N SER J 161 -24.76 18.88 16.70
CA SER J 161 -23.82 17.73 16.70
C SER J 161 -24.56 16.50 17.23
N TRP J 162 -24.42 15.37 16.56
CA TRP J 162 -24.99 14.10 17.06
C TRP J 162 -24.21 13.59 18.28
N THR J 163 -22.88 13.77 18.34
CA THR J 163 -22.06 13.07 19.38
C THR J 163 -21.16 14.02 20.18
N HIS J 164 -21.01 15.28 19.79
CA HIS J 164 -20.11 16.24 20.49
C HIS J 164 -20.95 17.20 21.36
N HIS J 165 -20.69 17.21 22.66
CA HIS J 165 -21.31 18.17 23.62
C HIS J 165 -20.65 19.54 23.50
N SER J 166 -21.15 20.51 24.27
CA SER J 166 -20.89 21.97 24.14
C SER J 166 -19.43 22.30 24.39
N ARG J 167 -18.69 21.47 25.12
CA ARG J 167 -17.25 21.73 25.35
C ARG J 167 -16.42 21.22 24.17
N GLU J 168 -17.02 20.53 23.20
CA GLU J 168 -16.32 20.04 21.97
C GLU J 168 -16.82 20.78 20.72
N ILE J 169 -18.12 20.90 20.53
CA ILE J 169 -18.72 21.70 19.42
C ILE J 169 -19.74 22.69 20.00
N SER J 170 -19.63 23.94 19.60
CA SER J 170 -20.69 24.98 19.78
C SER J 170 -21.26 25.30 18.40
N VAL J 171 -22.59 25.41 18.31
CA VAL J 171 -23.29 25.79 17.05
C VAL J 171 -23.90 27.16 17.27
N ASP J 172 -23.70 28.06 16.31
CA ASP J 172 -24.28 29.43 16.34
C ASP J 172 -24.96 29.70 15.01
N PRO J 173 -26.14 30.36 15.05
CA PRO J 173 -26.71 30.89 13.81
C PRO J 173 -25.81 32.05 13.36
N THR J 174 -25.80 32.30 12.06
CA THR J 174 -25.31 33.55 11.41
C THR J 174 -26.47 34.08 10.57
N THR J 175 -26.50 35.40 10.33
CA THR J 175 -27.46 36.08 9.42
C THR J 175 -26.64 36.92 8.42
N GLU J 176 -27.11 37.03 7.17
CA GLU J 176 -26.43 37.84 6.14
C GLU J 176 -27.48 38.36 5.15
N ASN J 177 -27.92 39.62 5.32
CA ASN J 177 -28.68 40.42 4.33
C ASN J 177 -29.84 39.56 3.75
N SER J 178 -30.52 38.80 4.60
CA SER J 178 -31.79 38.12 4.23
C SER J 178 -31.55 37.04 3.18
N ASP J 179 -30.31 36.54 3.06
CA ASP J 179 -30.00 35.48 2.06
C ASP J 179 -30.67 34.15 2.47
N ASP J 180 -31.08 34.02 3.74
CA ASP J 180 -31.84 32.85 4.24
C ASP J 180 -33.14 32.65 3.44
N SER J 181 -33.70 33.72 2.86
CA SER J 181 -34.97 33.62 2.07
C SER J 181 -34.79 34.20 0.66
N GLU J 182 -33.75 35.02 0.40
CA GLU J 182 -33.72 35.84 -0.85
C GLU J 182 -33.64 34.96 -2.09
N TYR J 183 -33.12 33.72 -2.00
CA TYR J 183 -32.85 32.80 -3.12
C TYR J 183 -33.86 31.65 -3.16
N PHE J 184 -35.01 31.87 -2.52
CA PHE J 184 -36.18 30.96 -2.62
C PHE J 184 -36.74 30.97 -4.06
N SER J 185 -37.10 29.80 -4.58
CA SER J 185 -37.63 29.66 -5.95
C SER J 185 -38.95 30.45 -6.07
N GLN J 186 -39.00 31.35 -7.04
CA GLN J 186 -40.24 32.09 -7.40
C GLN J 186 -41.26 31.11 -8.00
N TYR J 187 -40.90 29.87 -8.32
CA TYR J 187 -41.80 28.89 -8.99
C TYR J 187 -42.41 27.88 -8.00
N SER J 188 -42.01 27.90 -6.73
CA SER J 188 -42.61 27.05 -5.67
C SER J 188 -44.11 27.41 -5.57
N ARG J 189 -44.95 26.44 -5.14
CA ARG J 189 -46.36 26.72 -4.77
C ARG J 189 -46.42 27.53 -3.48
N PHE J 190 -45.31 27.60 -2.74
CA PHE J 190 -45.25 28.23 -1.41
C PHE J 190 -44.40 29.49 -1.48
N GLU J 191 -44.56 30.35 -0.49
CA GLU J 191 -43.73 31.56 -0.30
C GLU J 191 -43.32 31.63 1.18
N ILE J 192 -42.19 32.29 1.44
CA ILE J 192 -41.64 32.48 2.80
C ILE J 192 -42.12 33.82 3.32
N LEU J 193 -42.74 33.81 4.51
CA LEU J 193 -43.17 35.04 5.22
C LEU J 193 -42.02 35.51 6.11
N ASP J 194 -41.28 34.59 6.73
CA ASP J 194 -40.26 34.93 7.74
C ASP J 194 -39.39 33.72 8.08
N VAL J 195 -38.12 33.98 8.41
CA VAL J 195 -37.19 32.96 8.94
C VAL J 195 -36.53 33.54 10.18
N THR J 196 -36.62 32.84 11.32
CA THR J 196 -35.91 33.22 12.57
C THR J 196 -35.06 32.02 13.00
N GLN J 197 -33.97 32.31 13.70
CA GLN J 197 -32.94 31.35 14.14
C GLN J 197 -32.67 31.62 15.62
N LYS J 198 -32.72 30.59 16.49
CA LYS J 198 -32.19 30.73 17.87
C LYS J 198 -31.24 29.58 18.18
N LYS J 199 -30.32 29.83 19.11
CA LYS J 199 -29.42 28.78 19.68
C LYS J 199 -30.16 28.15 20.86
N ASN J 200 -30.11 26.83 20.96
CA ASN J 200 -30.55 26.08 22.19
C ASN J 200 -29.40 25.26 22.76
N SER J 201 -29.35 25.17 24.09
CA SER J 201 -28.37 24.38 24.85
C SER J 201 -29.11 23.49 25.86
N VAL J 202 -29.05 22.18 25.69
CA VAL J 202 -29.94 21.22 26.40
C VAL J 202 -29.05 20.25 27.21
N THR J 203 -29.41 20.03 28.48
CA THR J 203 -28.84 18.96 29.33
C THR J 203 -29.96 17.95 29.63
N TYR J 204 -29.69 16.67 29.40
CA TYR J 204 -30.62 15.53 29.61
C TYR J 204 -30.28 14.90 30.96
N SER J 205 -31.24 14.17 31.57
CA SER J 205 -31.12 13.59 32.94
C SER J 205 -29.98 12.55 32.99
N CYS J 206 -29.83 11.72 31.94
CA CYS J 206 -28.83 10.64 31.84
C CYS J 206 -27.42 11.17 32.12
N CYS J 207 -27.09 12.34 31.54
CA CYS J 207 -25.73 12.75 31.11
C CYS J 207 -25.44 14.17 31.57
N PRO J 208 -24.24 14.46 32.11
CA PRO J 208 -23.96 15.79 32.67
C PRO J 208 -23.68 16.90 31.64
N GLU J 209 -23.49 16.55 30.36
CA GLU J 209 -22.99 17.46 29.31
C GLU J 209 -24.16 18.16 28.63
N ALA J 210 -23.92 19.36 28.12
CA ALA J 210 -24.93 20.16 27.34
C ALA J 210 -24.72 19.98 25.82
N TYR J 211 -25.79 19.77 25.06
CA TYR J 211 -25.81 19.67 23.58
C TYR J 211 -26.43 20.92 22.98
N GLU J 212 -25.68 21.58 22.09
CA GLU J 212 -26.15 22.79 21.41
C GLU J 212 -26.83 22.39 20.11
N ASP J 213 -27.86 23.13 19.72
CA ASP J 213 -28.50 23.05 18.39
C ASP J 213 -28.89 24.45 17.96
N VAL J 214 -29.07 24.64 16.66
CA VAL J 214 -29.71 25.86 16.07
C VAL J 214 -31.14 25.46 15.73
N GLU J 215 -32.10 26.24 16.18
CA GLU J 215 -33.51 26.07 15.82
C GLU J 215 -33.86 27.11 14.74
N VAL J 216 -34.23 26.63 13.56
CA VAL J 216 -34.64 27.52 12.43
C VAL J 216 -36.16 27.43 12.27
N SER J 217 -36.85 28.54 12.47
CA SER J 217 -38.34 28.65 12.32
C SER J 217 -38.67 29.21 10.94
N LEU J 218 -39.25 28.36 10.11
CA LEU J 218 -39.62 28.70 8.70
C LEU J 218 -41.12 28.97 8.68
N ASN J 219 -41.50 30.24 8.55
CA ASN J 219 -42.91 30.68 8.44
C ASN J 219 -43.20 30.82 6.95
N PHE J 220 -44.08 29.98 6.44
CA PHE J 220 -44.35 29.90 4.98
C PHE J 220 -45.84 29.60 4.77
N ARG J 221 -46.33 29.84 3.56
CA ARG J 221 -47.76 29.55 3.22
C ARG J 221 -47.88 29.24 1.73
N LYS J 222 -48.96 28.56 1.37
CA LYS J 222 -49.41 28.35 -0.02
C LYS J 222 -49.74 29.71 -0.64
N LYS J 223 -49.27 29.97 -1.85
CA LYS J 223 -49.51 31.24 -2.58
C LYS J 223 -50.97 31.33 -3.02
C1 NAG K . 4.44 23.99 -24.95
C2 NAG K . 3.66 23.71 -26.23
C3 NAG K . 3.30 25.04 -26.94
C4 NAG K . 2.64 26.07 -26.00
C5 NAG K . 3.44 26.22 -24.71
C6 NAG K . 2.76 27.20 -23.72
C7 NAG K . 3.98 21.50 -27.30
C8 NAG K . 4.56 20.76 -28.48
N2 NAG K . 4.33 22.79 -27.16
O3 NAG K . 2.38 24.81 -28.01
O4 NAG K . 2.53 27.32 -26.70
O5 NAG K . 3.68 24.92 -24.14
O6 NAG K . 1.74 26.63 -22.89
O7 NAG K . 3.19 20.95 -26.55
C1 GOL L . 17.75 -0.42 -15.20
O1 GOL L . 17.59 0.89 -14.65
C2 GOL L . 18.91 -1.15 -14.56
O2 GOL L . 18.40 -2.29 -13.86
C3 GOL L . 20.02 -1.58 -15.50
O3 GOL L . 19.59 -1.73 -16.86
C1 GOL M . 14.98 -16.29 -4.53
O1 GOL M . 14.31 -16.20 -5.80
C2 GOL M . 14.89 -17.67 -3.93
O2 GOL M . 14.46 -17.60 -2.58
C3 GOL M . 16.18 -18.47 -4.02
O3 GOL M . 15.94 -19.77 -4.54
C1 GOL N . 34.27 -28.00 1.83
O1 GOL N . 35.28 -27.27 2.52
C2 GOL N . 33.59 -29.08 2.67
O2 GOL N . 34.47 -30.18 2.88
C3 GOL N . 32.30 -29.58 2.05
O3 GOL N . 31.17 -29.35 2.90
S SO4 O . 38.42 15.09 26.06
O1 SO4 O . 38.82 15.30 27.43
O2 SO4 O . 38.43 16.35 25.37
O3 SO4 O . 39.37 14.19 25.42
O4 SO4 O . 37.10 14.51 26.03
F2 WD2 P . 31.05 23.23 17.64
C9 WD2 P . 30.66 22.32 16.76
F WD2 P . 31.40 21.21 16.90
F1 WD2 P . 30.84 22.83 15.55
C2 WD2 P . 29.19 22.02 17.03
C1 WD2 P . 28.23 23.03 16.94
C3 WD2 P . 28.78 20.75 17.40
C4 WD2 P . 27.43 20.49 17.68
N WD2 P . 26.53 21.49 17.60
C WD2 P . 26.90 22.73 17.23
N1 WD2 P . 27.04 19.20 18.10
C8 WD2 P . 27.91 18.04 17.90
C7 WD2 P . 27.44 16.89 18.81
N2 WD2 P . 26.05 16.56 18.51
C6 WD2 P . 25.14 17.74 18.32
C5 WD2 P . 25.75 19.04 18.80
S SO4 Q . 43.58 21.29 -7.60
O1 SO4 Q . 43.92 22.70 -7.61
O2 SO4 Q . 42.26 21.13 -7.02
O3 SO4 Q . 44.55 20.56 -6.80
O4 SO4 Q . 43.59 20.78 -8.94
C1 GOL R . 19.99 14.30 -2.97
O1 GOL R . 20.25 15.67 -3.32
C2 GOL R . 18.51 14.05 -2.81
O2 GOL R . 17.94 13.45 -3.98
C3 GOL R . 18.16 13.24 -1.57
O3 GOL R . 17.50 14.05 -0.59
C1 NAG S . -1.94 6.60 34.29
C2 NAG S . -1.42 5.71 35.43
C3 NAG S . -1.27 6.59 36.67
C4 NAG S . -0.41 7.85 36.42
C5 NAG S . -1.00 8.62 35.24
C6 NAG S . -0.34 9.99 34.94
C7 NAG S . -2.06 3.29 35.31
C8 NAG S . -3.02 2.25 35.82
N2 NAG S . -2.28 4.55 35.73
O3 NAG S . -0.72 5.82 37.75
O4 NAG S . -0.35 8.68 37.57
O5 NAG S . -1.01 7.70 34.12
O6 NAG S . 0.99 9.89 34.40
O7 NAG S . -1.12 2.96 34.59
C1 GOL T . -18.71 -5.04 12.16
O1 GOL T . -18.13 -4.78 13.43
C2 GOL T . -19.45 -6.37 12.04
O2 GOL T . -18.61 -7.46 12.41
C3 GOL T . -20.76 -6.44 12.82
O3 GOL T . -20.67 -7.28 13.98
C1 NAG U . -4.71 -30.19 16.71
C2 NAG U . -4.27 -31.48 16.03
C3 NAG U . -3.83 -32.53 17.04
C4 NAG U . -2.80 -31.94 17.99
C5 NAG U . -3.38 -30.73 18.70
C6 NAG U . -2.36 -30.15 19.68
C7 NAG U . -5.40 -31.91 13.88
C8 NAG U . -6.73 -32.17 13.23
N2 NAG U . -5.40 -31.93 15.22
O3 NAG U . -3.24 -33.64 16.37
O4 NAG U . -2.39 -32.92 18.94
O5 NAG U . -3.75 -29.77 17.71
O6 NAG U . -2.96 -29.11 20.47
O7 NAG U . -4.40 -31.64 13.21
S SO4 V . -34.23 33.36 -10.93
O1 SO4 V . -33.77 33.33 -9.56
O2 SO4 V . -34.66 34.70 -11.24
O3 SO4 V . -33.15 32.99 -11.79
O4 SO4 V . -35.34 32.43 -11.10
C1 GOL W . -14.69 18.03 -9.06
O1 GOL W . -14.10 19.31 -9.22
C2 GOL W . -13.81 17.06 -8.28
O2 GOL W . -12.60 17.70 -7.85
C3 GOL W . -13.51 15.77 -9.04
O3 GOL W . -12.73 15.96 -10.22
F2 WD2 X . -26.35 34.02 -0.39
C9 WD2 X . -26.26 32.69 -0.32
F WD2 X . -27.18 32.17 -1.14
F1 WD2 X . -26.51 32.29 0.91
C2 WD2 X . -24.83 32.29 -0.70
C1 WD2 X . -23.76 32.91 -0.07
C3 WD2 X . -24.55 31.35 -1.70
C4 WD2 X . -23.24 31.01 -2.03
N WD2 X . -22.22 31.66 -1.39
C WD2 X . -22.46 32.57 -0.43
N1 WD2 X . -22.91 30.08 -3.05
C8 WD2 X . -23.96 29.28 -3.75
C7 WD2 X . -23.42 28.05 -4.48
N2 WD2 X . -22.15 28.38 -5.17
C6 WD2 X . -21.17 28.70 -4.13
C5 WD2 X . -21.50 30.00 -3.43
#